data_8ELN
#
_entry.id   8ELN
#
_cell.length_a   76.222
_cell.length_b   164.326
_cell.length_c   107.291
_cell.angle_alpha   90.000
_cell.angle_beta   97.540
_cell.angle_gamma   90.000
#
_symmetry.space_group_name_H-M   'P 1 21 1'
#
loop_
_entity.id
_entity.type
_entity.pdbx_description
1 polymer 'CFTR inhibitory factor'
2 polymer 'Nanobody VHH222'
3 water water
#
loop_
_entity_poly.entity_id
_entity_poly.type
_entity_poly.pdbx_seq_one_letter_code
_entity_poly.pdbx_strand_id
1 'polypeptide(L)'
;AEEFPVPNGFESAYREVDGVKLHYVKGGQGPLVMLVHGFGQTWYEWHQLMPELAKRFTVIAPDLPGLGQSEPPKTGYSGE
QVAVYLHKLARQFSPDRPFDLVAHDIGIWNTYPMVVKNQADIARLVYMEAPIPDARIYRFPAFTAQGESLVWHFSFFAAD
DRLAETLIAGKERFFLEHFIKSHASNTEVFSERLLDLYARSYAKPHSLNASFEYYRALNESVRQNAELAKTRLQMPTMTL
AGGGHGGMGTFQLEQMKAYAEDVEGHVLPGCGHWLPEECAAPMNRLVIDFLSRGRHHHHHH
;
A,B,E,F,I,J
2 'polypeptide(L)'
;MAQVKLQESGGGLVQPGGSLRLSCASSVPIFAITVMGWYRQAPGKQRELVAGIKRSGDTNYADSVKGRFTISRDDAKNTV
FLQMNSLTTEDTAVYYCNAQILSWMGGTDYWGQGTQVTVSSGQAGQ
;
C,D,G,H,K,L
#
# COMPACT_ATOMS: atom_id res chain seq x y z
N GLU A 2 -17.96 17.48 15.76
CA GLU A 2 -17.27 18.76 15.72
C GLU A 2 -15.83 18.61 15.34
N GLU A 3 -15.43 19.21 14.24
CA GLU A 3 -14.03 19.21 13.81
C GLU A 3 -13.19 20.21 14.60
N PHE A 4 -13.76 21.33 15.02
CA PHE A 4 -12.99 22.36 15.70
C PHE A 4 -13.75 22.85 16.92
N PRO A 5 -13.05 23.25 17.98
CA PRO A 5 -13.74 23.67 19.20
C PRO A 5 -14.57 24.93 18.99
N VAL A 6 -15.81 24.90 19.45
CA VAL A 6 -16.72 26.03 19.32
C VAL A 6 -16.49 26.97 20.49
N PRO A 7 -16.29 28.27 20.26
CA PRO A 7 -16.08 29.20 21.37
C PRO A 7 -17.33 29.32 22.23
N ASN A 8 -17.11 29.57 23.52
CA ASN A 8 -18.22 29.70 24.46
C ASN A 8 -19.13 30.84 24.03
N GLY A 9 -20.43 30.57 24.02
CA GLY A 9 -21.40 31.55 23.57
C GLY A 9 -21.75 31.46 22.10
N PHE A 10 -21.17 30.52 21.36
CA PHE A 10 -21.42 30.34 19.94
C PHE A 10 -22.04 28.96 19.73
N GLU A 11 -22.65 28.76 18.56
CA GLU A 11 -23.31 27.50 18.26
C GLU A 11 -22.91 27.01 16.88
N SER A 12 -22.77 25.69 16.76
CA SER A 12 -22.52 25.01 15.49
C SER A 12 -23.85 24.56 14.92
N ALA A 13 -24.18 25.00 13.72
CA ALA A 13 -25.48 24.69 13.14
C ALA A 13 -25.35 24.52 11.63
N TYR A 14 -26.44 24.06 11.02
CA TYR A 14 -26.48 23.85 9.58
C TYR A 14 -27.72 24.50 8.99
N ARG A 15 -27.61 24.93 7.74
CA ARG A 15 -28.74 25.39 6.94
C ARG A 15 -28.60 24.83 5.54
N GLU A 16 -29.72 24.46 4.93
CA GLU A 16 -29.71 23.92 3.59
C GLU A 16 -30.06 25.04 2.64
N VAL A 17 -29.26 25.21 1.59
CA VAL A 17 -29.43 26.32 0.66
C VAL A 17 -29.29 25.78 -0.76
N ASP A 18 -30.36 25.86 -1.53
CA ASP A 18 -30.41 25.32 -2.89
C ASP A 18 -29.88 23.89 -2.93
N GLY A 19 -30.35 23.10 -1.96
CA GLY A 19 -30.06 21.69 -1.86
C GLY A 19 -28.81 21.30 -1.10
N VAL A 20 -27.97 22.27 -0.75
CA VAL A 20 -26.66 22.01 -0.15
C VAL A 20 -26.72 22.40 1.32
N LYS A 21 -26.33 21.46 2.15
CA LYS A 21 -26.30 21.64 3.56
C LYS A 21 -25.02 22.33 4.01
N LEU A 22 -25.13 23.59 4.44
CA LEU A 22 -23.98 24.38 4.84
C LEU A 22 -23.82 24.39 6.36
N HIS A 23 -22.57 24.22 6.82
CA HIS A 23 -22.21 24.35 8.22
C HIS A 23 -21.72 25.76 8.52
N TYR A 24 -21.91 26.20 9.75
CA TYR A 24 -21.47 27.52 10.17
C TYR A 24 -21.46 27.57 11.69
N VAL A 25 -20.87 28.65 12.22
CA VAL A 25 -20.83 28.92 13.65
C VAL A 25 -21.29 30.35 13.87
N LYS A 26 -22.26 30.52 14.77
CA LYS A 26 -22.99 31.78 14.94
C LYS A 26 -22.97 32.19 16.40
N GLY A 27 -22.94 33.50 16.63
CA GLY A 27 -22.97 34.03 17.98
C GLY A 27 -23.21 35.53 17.97
N GLY A 28 -23.54 36.04 19.16
CA GLY A 28 -23.70 37.47 19.36
C GLY A 28 -25.09 37.97 19.03
N GLN A 29 -25.24 39.29 19.18
CA GLN A 29 -26.46 39.99 18.84
C GLN A 29 -26.13 41.30 18.16
N GLY A 30 -27.07 41.77 17.34
CA GLY A 30 -26.91 43.00 16.61
C GLY A 30 -26.88 42.75 15.12
N PRO A 31 -26.43 43.75 14.36
CA PRO A 31 -26.28 43.58 12.91
C PRO A 31 -25.35 42.42 12.57
N LEU A 32 -25.50 41.94 11.34
CA LEU A 32 -24.84 40.72 10.89
C LEU A 32 -23.46 40.99 10.32
N VAL A 33 -22.49 40.16 10.71
CA VAL A 33 -21.19 40.08 10.05
C VAL A 33 -20.94 38.62 9.67
N MET A 34 -20.58 38.39 8.41
CA MET A 34 -20.23 37.05 7.95
C MET A 34 -18.74 36.99 7.63
N LEU A 35 -18.05 36.01 8.22
CA LEU A 35 -16.62 35.81 8.05
C LEU A 35 -16.39 34.57 7.19
N VAL A 36 -15.71 34.76 6.06
CA VAL A 36 -15.52 33.72 5.06
C VAL A 36 -14.04 33.35 4.99
N HIS A 37 -13.74 32.11 5.34
CA HIS A 37 -12.38 31.57 5.37
C HIS A 37 -11.86 31.27 3.97
N GLY A 38 -10.60 30.81 3.90
CA GLY A 38 -9.95 30.49 2.64
C GLY A 38 -9.41 29.07 2.57
N PHE A 39 -8.49 28.84 1.63
CA PHE A 39 -7.98 27.50 1.38
C PHE A 39 -7.16 26.99 2.57
N GLY A 40 -7.26 25.68 2.80
CA GLY A 40 -6.54 25.03 3.86
C GLY A 40 -7.13 25.20 5.24
N GLN A 41 -8.20 25.98 5.38
CA GLN A 41 -8.75 26.22 6.70
C GLN A 41 -10.27 26.15 6.66
N THR A 42 -10.88 26.52 7.78
CA THR A 42 -12.31 26.46 8.00
C THR A 42 -12.73 27.73 8.73
N TRP A 43 -13.96 27.73 9.24
CA TRP A 43 -14.42 28.84 10.06
C TRP A 43 -13.47 29.10 11.24
N TYR A 44 -12.76 28.07 11.69
CA TYR A 44 -12.03 28.16 12.96
C TYR A 44 -10.90 29.17 12.93
N GLU A 45 -10.43 29.58 11.75
CA GLU A 45 -9.42 30.63 11.72
C GLU A 45 -9.96 31.95 12.26
N TRP A 46 -11.28 32.10 12.31
CA TRP A 46 -11.91 33.29 12.86
C TRP A 46 -12.20 33.17 14.35
N HIS A 47 -11.81 32.07 14.99
CA HIS A 47 -12.26 31.84 16.36
C HIS A 47 -11.64 32.82 17.35
N GLN A 48 -10.60 33.57 16.97
CA GLN A 48 -10.11 34.60 17.86
C GLN A 48 -10.81 35.94 17.65
N LEU A 49 -11.16 36.25 16.41
CA LEU A 49 -11.87 37.50 16.13
C LEU A 49 -13.35 37.40 16.50
N MET A 50 -13.93 36.20 16.47
CA MET A 50 -15.36 36.06 16.66
C MET A 50 -15.87 36.55 18.01
N PRO A 51 -15.29 36.18 19.16
CA PRO A 51 -15.83 36.69 20.43
C PRO A 51 -15.72 38.19 20.57
N GLU A 52 -14.71 38.81 19.95
CA GLU A 52 -14.58 40.25 19.95
C GLU A 52 -15.70 40.92 19.15
N LEU A 53 -15.98 40.39 17.96
CA LEU A 53 -16.99 40.98 17.12
C LEU A 53 -18.39 40.80 17.70
N ALA A 54 -18.62 39.72 18.45
CA ALA A 54 -19.94 39.40 18.99
C ALA A 54 -20.41 40.40 20.03
N LYS A 55 -19.53 41.23 20.56
CA LYS A 55 -19.95 42.22 21.51
C LYS A 55 -20.77 43.31 20.88
N ARG A 56 -20.71 43.44 19.56
CA ARG A 56 -21.48 44.46 18.89
C ARG A 56 -22.35 43.86 17.82
N PHE A 57 -21.98 42.65 17.39
CA PHE A 57 -22.59 42.10 16.22
C PHE A 57 -23.08 40.70 16.38
N THR A 58 -23.91 40.29 15.45
CA THR A 58 -24.20 38.89 15.26
C THR A 58 -23.20 38.37 14.24
N VAL A 59 -22.46 37.33 14.62
CA VAL A 59 -21.32 36.81 13.88
C VAL A 59 -21.67 35.45 13.32
N ILE A 60 -21.52 35.28 12.01
CA ILE A 60 -21.70 33.98 11.37
C ILE A 60 -20.46 33.68 10.54
N ALA A 61 -19.87 32.51 10.79
CA ALA A 61 -18.68 32.05 10.05
C ALA A 61 -19.02 30.71 9.42
N PRO A 62 -19.35 30.67 8.13
CA PRO A 62 -19.68 29.42 7.47
C PRO A 62 -18.44 28.68 6.96
N ASP A 63 -18.59 27.37 6.82
CA ASP A 63 -17.62 26.56 6.07
C ASP A 63 -17.96 26.59 4.59
N LEU A 64 -16.95 26.86 3.77
CA LEU A 64 -17.16 26.89 2.33
C LEU A 64 -17.68 25.55 1.84
N PRO A 65 -18.51 25.55 0.80
CA PRO A 65 -19.01 24.28 0.26
C PRO A 65 -17.89 23.29 0.02
N GLY A 66 -18.07 22.07 0.52
CA GLY A 66 -17.08 21.02 0.40
C GLY A 66 -15.98 21.04 1.44
N LEU A 67 -15.72 22.19 2.07
CA LEU A 67 -14.69 22.29 3.09
C LEU A 67 -15.32 22.28 4.47
N GLY A 68 -14.50 21.99 5.48
CA GLY A 68 -15.01 21.87 6.83
C GLY A 68 -16.14 20.85 6.90
N GLN A 69 -17.27 21.26 7.47
CA GLN A 69 -18.43 20.42 7.60
C GLN A 69 -19.56 20.82 6.65
N SER A 70 -19.23 21.58 5.61
CA SER A 70 -20.20 21.91 4.58
C SER A 70 -20.16 20.90 3.45
N GLU A 71 -21.30 20.70 2.84
CA GLU A 71 -21.44 19.75 1.75
C GLU A 71 -20.94 20.38 0.45
N PRO A 72 -20.48 19.56 -0.49
CA PRO A 72 -20.02 20.10 -1.76
C PRO A 72 -21.14 20.87 -2.45
N PRO A 73 -20.79 21.88 -3.24
CA PRO A 73 -21.81 22.58 -4.02
C PRO A 73 -22.42 21.66 -5.07
N LYS A 74 -23.67 21.95 -5.42
CA LYS A 74 -24.32 21.19 -6.48
C LYS A 74 -24.21 21.85 -7.86
N THR A 75 -23.97 23.15 -7.91
CA THR A 75 -23.78 23.84 -9.18
C THR A 75 -22.34 23.75 -9.66
N GLY A 76 -21.42 24.31 -8.89
CA GLY A 76 -20.02 24.33 -9.30
C GLY A 76 -19.20 25.13 -8.29
N TYR A 77 -17.93 25.29 -8.61
CA TYR A 77 -17.01 25.96 -7.71
C TYR A 77 -16.60 27.35 -8.18
N SER A 78 -17.15 27.85 -9.28
CA SER A 78 -16.84 29.20 -9.71
C SER A 78 -17.33 30.23 -8.69
N GLY A 79 -16.78 31.44 -8.78
CA GLY A 79 -17.14 32.49 -7.83
C GLY A 79 -18.63 32.78 -7.81
N GLU A 80 -19.25 32.89 -8.98
CA GLU A 80 -20.69 33.18 -9.03
C GLU A 80 -21.51 32.07 -8.39
N GLN A 81 -21.13 30.81 -8.64
CA GLN A 81 -21.91 29.67 -8.13
C GLN A 81 -21.86 29.60 -6.60
N VAL A 82 -20.66 29.72 -6.03
CA VAL A 82 -20.54 29.61 -4.58
C VAL A 82 -21.13 30.83 -3.89
N ALA A 83 -21.05 32.01 -4.53
CA ALA A 83 -21.61 33.21 -3.92
C ALA A 83 -23.11 33.11 -3.71
N VAL A 84 -23.82 32.35 -4.57
CA VAL A 84 -25.26 32.17 -4.38
C VAL A 84 -25.54 31.46 -3.05
N TYR A 85 -24.81 30.39 -2.77
CA TYR A 85 -25.02 29.69 -1.51
C TYR A 85 -24.75 30.60 -0.34
N LEU A 86 -23.69 31.41 -0.42
CA LEU A 86 -23.29 32.28 0.67
C LEU A 86 -24.20 33.50 0.79
N HIS A 87 -24.64 34.07 -0.33
CA HIS A 87 -25.57 35.19 -0.26
C HIS A 87 -26.89 34.77 0.37
N LYS A 88 -27.49 33.68 -0.12
CA LYS A 88 -28.77 33.23 0.42
C LYS A 88 -28.65 32.83 1.88
N LEU A 89 -27.50 32.31 2.30
CA LEU A 89 -27.32 31.97 3.72
C LEU A 89 -27.31 33.22 4.59
N ALA A 90 -26.61 34.27 4.15
CA ALA A 90 -26.57 35.50 4.94
C ALA A 90 -27.94 36.17 4.98
N ARG A 91 -28.64 36.22 3.86
CA ARG A 91 -29.94 36.86 3.84
C ARG A 91 -30.97 36.13 4.61
N GLN A 92 -30.71 34.90 4.97
CA GLN A 92 -31.61 34.18 5.87
C GLN A 92 -31.56 34.73 7.28
N PHE A 93 -30.40 35.23 7.70
CA PHE A 93 -30.21 35.75 9.05
C PHE A 93 -30.34 37.25 9.13
N SER A 94 -30.22 37.94 8.00
CA SER A 94 -30.43 39.38 7.91
C SER A 94 -31.27 39.67 6.67
N PRO A 95 -32.54 39.22 6.68
CA PRO A 95 -33.38 39.37 5.47
C PRO A 95 -33.80 40.79 5.23
N ASP A 96 -33.71 41.64 6.25
CA ASP A 96 -34.25 42.99 6.12
C ASP A 96 -33.19 44.07 6.17
N ARG A 97 -32.04 43.81 6.77
CA ARG A 97 -30.95 44.76 6.91
C ARG A 97 -29.71 44.30 6.16
N PRO A 98 -28.94 45.24 5.60
CA PRO A 98 -27.65 44.86 5.00
C PRO A 98 -26.68 44.40 6.07
N PHE A 99 -25.70 43.62 5.64
CA PHE A 99 -24.71 43.07 6.55
C PHE A 99 -23.30 43.42 6.09
N ASP A 100 -22.34 43.10 6.96
CA ASP A 100 -20.92 43.29 6.70
C ASP A 100 -20.30 41.96 6.28
N LEU A 101 -19.30 42.04 5.40
CA LEU A 101 -18.60 40.87 4.89
C LEU A 101 -17.11 40.99 5.14
N VAL A 102 -16.53 39.97 5.78
CA VAL A 102 -15.10 39.83 5.94
C VAL A 102 -14.69 38.50 5.31
N ALA A 103 -13.71 38.53 4.41
CA ALA A 103 -13.33 37.35 3.66
C ALA A 103 -11.82 37.23 3.54
N HIS A 104 -11.32 36.00 3.57
CA HIS A 104 -9.88 35.72 3.54
C HIS A 104 -9.61 34.68 2.47
N ASP A 105 -8.59 34.93 1.66
CA ASP A 105 -8.09 34.00 0.64
C ASP A 105 -9.23 33.69 -0.33
N ILE A 106 -9.51 32.43 -0.65
CA ILE A 106 -10.55 32.10 -1.63
C ILE A 106 -11.95 32.45 -1.15
N GLY A 107 -12.09 32.85 0.12
CA GLY A 107 -13.33 33.49 0.52
C GLY A 107 -13.63 34.73 -0.29
N ILE A 108 -12.60 35.42 -0.77
CA ILE A 108 -12.80 36.54 -1.69
C ILE A 108 -13.38 36.05 -3.01
N TRP A 109 -12.81 34.98 -3.57
CA TRP A 109 -13.28 34.44 -4.84
C TRP A 109 -14.76 34.10 -4.78
N ASN A 110 -15.19 33.53 -3.65
CA ASN A 110 -16.53 32.99 -3.49
C ASN A 110 -17.53 34.01 -2.95
N THR A 111 -17.13 35.28 -2.78
CA THR A 111 -18.08 36.28 -2.32
C THR A 111 -18.14 37.52 -3.21
N TYR A 112 -17.07 37.84 -3.93
CA TYR A 112 -17.09 39.04 -4.77
C TYR A 112 -18.28 39.12 -5.72
N PRO A 113 -18.66 38.07 -6.43
CA PRO A 113 -19.88 38.18 -7.25
C PRO A 113 -21.10 38.54 -6.42
N MET A 114 -21.23 37.98 -5.22
CA MET A 114 -22.34 38.35 -4.37
C MET A 114 -22.32 39.85 -4.04
N VAL A 115 -21.13 40.40 -3.81
CA VAL A 115 -21.02 41.80 -3.39
C VAL A 115 -21.38 42.74 -4.52
N VAL A 116 -20.81 42.50 -5.70
CA VAL A 116 -21.02 43.37 -6.85
C VAL A 116 -22.46 43.41 -7.33
N LYS A 117 -23.19 42.32 -7.14
CA LYS A 117 -24.57 42.24 -7.61
C LYS A 117 -25.60 42.55 -6.53
N ASN A 118 -25.18 42.67 -5.27
CA ASN A 118 -26.11 42.90 -4.17
C ASN A 118 -25.53 43.95 -3.23
N GLN A 119 -25.07 45.06 -3.81
CA GLN A 119 -24.37 46.06 -3.01
C GLN A 119 -25.23 46.60 -1.88
N ALA A 120 -26.53 46.78 -2.13
CA ALA A 120 -27.43 47.27 -1.09
C ALA A 120 -27.50 46.30 0.08
N ASP A 121 -27.09 45.05 -0.12
CA ASP A 121 -27.07 44.03 0.94
C ASP A 121 -25.78 44.05 1.74
N ILE A 122 -24.76 44.77 1.27
CA ILE A 122 -23.43 44.77 1.87
C ILE A 122 -23.18 46.16 2.46
N ALA A 123 -23.16 46.25 3.78
CA ALA A 123 -22.89 47.53 4.43
C ALA A 123 -21.41 47.90 4.30
N ARG A 124 -20.52 47.08 4.86
CA ARG A 124 -19.08 47.31 4.82
C ARG A 124 -18.36 46.03 4.43
N LEU A 125 -17.20 46.18 3.78
CA LEU A 125 -16.50 45.06 3.14
C LEU A 125 -15.03 45.05 3.54
N VAL A 126 -14.56 43.90 4.03
CA VAL A 126 -13.15 43.70 4.36
C VAL A 126 -12.64 42.48 3.59
N TYR A 127 -11.62 42.69 2.79
CA TYR A 127 -10.99 41.61 2.06
C TYR A 127 -9.52 41.51 2.33
N MET A 128 -9.03 40.30 2.54
CA MET A 128 -7.64 40.12 2.92
C MET A 128 -7.01 38.92 2.26
N GLU A 129 -5.79 39.08 1.76
CA GLU A 129 -4.92 37.97 1.43
C GLU A 129 -5.41 37.03 0.34
N ALA A 130 -5.72 37.65 -0.79
CA ALA A 130 -5.87 36.99 -2.09
C ALA A 130 -6.30 37.99 -3.15
N PRO A 131 -6.00 37.75 -4.41
CA PRO A 131 -6.54 38.59 -5.47
C PRO A 131 -7.99 38.26 -5.74
N ILE A 132 -8.73 39.27 -6.17
CA ILE A 132 -9.99 38.96 -6.84
C ILE A 132 -9.67 38.29 -8.16
N PRO A 133 -10.33 37.18 -8.51
CA PRO A 133 -10.00 36.51 -9.77
C PRO A 133 -10.20 37.40 -10.99
N ASP A 134 -9.11 37.81 -11.62
CA ASP A 134 -9.16 38.51 -12.89
C ASP A 134 -7.84 38.26 -13.64
N ALA A 135 -7.68 38.93 -14.79
CA ALA A 135 -6.54 38.66 -15.65
C ALA A 135 -5.20 38.93 -14.96
N ARG A 136 -5.20 39.72 -13.88
CA ARG A 136 -3.94 40.03 -13.22
C ARG A 136 -3.29 38.77 -12.67
N ILE A 137 -4.09 37.81 -12.21
CA ILE A 137 -3.53 36.59 -11.64
C ILE A 137 -2.65 35.85 -12.63
N TYR A 138 -2.79 36.13 -13.93
CA TYR A 138 -1.93 35.53 -14.93
C TYR A 138 -0.53 36.14 -14.93
N ARG A 139 -0.30 37.17 -14.11
CA ARG A 139 0.99 37.84 -14.00
C ARG A 139 1.77 37.41 -12.76
N PHE A 140 1.21 36.54 -11.92
CA PHE A 140 1.96 36.00 -10.81
C PHE A 140 3.15 35.18 -11.35
N PRO A 141 4.30 35.20 -10.68
CA PRO A 141 5.49 34.53 -11.23
C PRO A 141 5.54 33.04 -10.91
N ALA A 142 5.98 32.25 -11.89
CA ALA A 142 6.18 30.82 -11.67
C ALA A 142 7.43 30.54 -10.84
N PHE A 143 8.38 31.47 -10.79
CA PHE A 143 9.64 31.27 -10.09
C PHE A 143 10.22 32.65 -9.85
N THR A 144 10.91 32.82 -8.72
CA THR A 144 11.34 34.15 -8.32
C THR A 144 12.83 34.16 -7.99
N ALA A 145 13.37 35.38 -7.88
CA ALA A 145 14.75 35.58 -7.47
C ALA A 145 14.99 35.11 -6.03
N GLN A 146 13.94 34.79 -5.28
CA GLN A 146 14.04 34.28 -3.93
C GLN A 146 13.77 32.77 -3.86
N GLY A 147 13.63 32.10 -5.00
CA GLY A 147 13.32 30.70 -5.03
C GLY A 147 11.87 30.40 -5.32
N GLU A 148 11.34 29.34 -4.73
CA GLU A 148 9.96 28.92 -4.98
C GLU A 148 8.99 30.07 -4.81
N SER A 149 8.14 30.28 -5.82
CA SER A 149 7.13 31.32 -5.73
C SER A 149 6.01 30.90 -4.76
N LEU A 150 5.23 31.89 -4.35
CA LEU A 150 4.12 31.67 -3.42
C LEU A 150 2.83 31.31 -4.13
N VAL A 151 2.84 31.25 -5.44
CA VAL A 151 1.63 31.12 -6.23
C VAL A 151 1.64 29.93 -7.15
N TRP A 152 2.68 29.13 -7.14
CA TRP A 152 2.70 27.99 -8.05
C TRP A 152 1.60 26.96 -7.77
N HIS A 153 1.05 26.95 -6.55
CA HIS A 153 -0.03 26.01 -6.25
C HIS A 153 -1.27 26.27 -7.09
N PHE A 154 -1.43 27.49 -7.64
CA PHE A 154 -2.54 27.76 -8.55
C PHE A 154 -2.60 26.73 -9.67
N SER A 155 -1.45 26.50 -10.32
CA SER A 155 -1.43 25.55 -11.43
C SER A 155 -1.38 24.11 -10.94
N PHE A 156 -0.68 23.87 -9.83
CA PHE A 156 -0.68 22.53 -9.22
C PHE A 156 -2.11 22.08 -8.91
N PHE A 157 -2.88 22.95 -8.26
CA PHE A 157 -4.24 22.59 -7.89
C PHE A 157 -5.16 22.49 -9.10
N ALA A 158 -4.88 23.28 -10.13
CA ALA A 158 -5.73 23.32 -11.32
C ALA A 158 -5.36 22.28 -12.40
N ALA A 159 -4.26 21.57 -12.22
CA ALA A 159 -3.86 20.58 -13.21
C ALA A 159 -4.92 19.51 -13.40
N ASP A 160 -5.01 19.01 -14.63
CA ASP A 160 -6.02 17.99 -14.93
C ASP A 160 -5.60 16.65 -14.35
N ASP A 161 -6.53 15.69 -14.42
CA ASP A 161 -6.29 14.29 -14.11
C ASP A 161 -5.91 14.06 -12.64
N ARG A 162 -6.52 14.83 -11.75
N ARG A 162 -6.53 14.82 -11.75
CA ARG A 162 -6.43 14.61 -10.31
CA ARG A 162 -6.43 14.59 -10.29
C ARG A 162 -4.97 14.56 -9.83
C ARG A 162 -4.97 14.56 -9.82
N LEU A 163 -4.14 15.40 -10.42
CA LEU A 163 -2.71 15.40 -10.07
C LEU A 163 -2.49 15.70 -8.59
N ALA A 164 -3.10 16.79 -8.10
CA ALA A 164 -2.87 17.18 -6.72
C ALA A 164 -3.43 16.13 -5.77
N GLU A 165 -4.62 15.60 -6.04
CA GLU A 165 -5.17 14.54 -5.20
C GLU A 165 -4.26 13.34 -5.17
N THR A 166 -3.77 12.90 -6.35
CA THR A 166 -2.94 11.70 -6.41
C THR A 166 -1.64 11.87 -5.62
N LEU A 167 -0.99 13.03 -5.75
CA LEU A 167 0.29 13.23 -5.10
C LEU A 167 0.16 13.51 -3.60
N ILE A 168 -0.94 14.15 -3.17
CA ILE A 168 -1.08 14.54 -1.78
C ILE A 168 -1.70 13.43 -0.95
N ALA A 169 -2.44 12.52 -1.58
CA ALA A 169 -3.06 11.40 -0.87
C ALA A 169 -2.00 10.63 -0.09
N GLY A 170 -2.28 10.39 1.19
CA GLY A 170 -1.31 9.80 2.09
C GLY A 170 -0.34 10.79 2.72
N LYS A 171 -0.39 12.06 2.32
CA LYS A 171 0.52 13.08 2.81
C LYS A 171 -0.20 14.39 3.09
N GLU A 172 -1.46 14.30 3.51
CA GLU A 172 -2.25 15.51 3.71
C GLU A 172 -1.63 16.38 4.79
N ARG A 173 -1.22 15.77 5.89
CA ARG A 173 -0.61 16.54 6.94
C ARG A 173 0.75 17.09 6.57
N PHE A 174 1.56 16.30 5.90
CA PHE A 174 2.86 16.81 5.45
C PHE A 174 2.67 18.00 4.50
N PHE A 175 1.81 17.84 3.50
CA PHE A 175 1.66 18.92 2.52
C PHE A 175 1.04 20.15 3.16
N LEU A 176 -0.01 19.97 3.95
CA LEU A 176 -0.69 21.13 4.52
C LEU A 176 0.23 21.89 5.46
N GLU A 177 1.03 21.17 6.25
CA GLU A 177 2.02 21.87 7.07
C GLU A 177 3.03 22.60 6.20
N HIS A 178 3.47 21.97 5.10
CA HIS A 178 4.43 22.63 4.23
C HIS A 178 3.79 23.84 3.55
N PHE A 179 2.56 23.72 3.07
CA PHE A 179 1.91 24.85 2.42
C PHE A 179 1.69 26.01 3.38
N ILE A 180 1.20 25.71 4.59
CA ILE A 180 0.92 26.76 5.57
C ILE A 180 2.20 27.47 5.98
N LYS A 181 3.21 26.70 6.39
CA LYS A 181 4.43 27.33 6.91
C LYS A 181 5.17 28.09 5.82
N SER A 182 5.15 27.60 4.58
CA SER A 182 5.85 28.34 3.53
C SER A 182 5.13 29.63 3.16
N HIS A 183 3.86 29.79 3.53
CA HIS A 183 3.14 31.04 3.30
C HIS A 183 3.01 31.88 4.56
N ALA A 184 3.65 31.49 5.65
CA ALA A 184 3.56 32.21 6.92
C ALA A 184 4.88 32.87 7.24
N SER A 185 4.80 34.03 7.89
CA SER A 185 5.96 34.67 8.51
C SER A 185 6.15 34.22 9.94
N ASN A 186 5.05 34.04 10.66
CA ASN A 186 5.04 33.62 12.04
C ASN A 186 4.60 32.15 12.04
N THR A 187 5.57 31.25 11.93
CA THR A 187 5.24 29.83 11.92
C THR A 187 5.01 29.26 13.30
N GLU A 188 5.39 29.96 14.36
CA GLU A 188 5.24 29.39 15.70
C GLU A 188 3.79 29.19 16.09
N VAL A 189 2.89 30.07 15.62
CA VAL A 189 1.49 29.95 16.03
C VAL A 189 0.84 28.69 15.49
N PHE A 190 1.43 28.04 14.50
CA PHE A 190 0.83 26.82 13.95
C PHE A 190 1.43 25.66 14.72
N SER A 191 0.82 25.36 15.86
CA SER A 191 1.24 24.30 16.74
C SER A 191 0.89 22.96 16.14
N GLU A 192 1.41 21.91 16.77
CA GLU A 192 1.06 20.56 16.37
C GLU A 192 -0.44 20.34 16.43
N ARG A 193 -1.09 20.88 17.46
CA ARG A 193 -2.52 20.69 17.64
C ARG A 193 -3.33 21.42 16.57
N LEU A 194 -2.94 22.66 16.23
CA LEU A 194 -3.67 23.39 15.21
C LEU A 194 -3.49 22.78 13.83
N LEU A 195 -2.27 22.40 13.48
CA LEU A 195 -2.02 21.77 12.19
C LEU A 195 -2.77 20.47 12.06
N ASP A 196 -2.85 19.72 13.16
CA ASP A 196 -3.54 18.45 13.11
C ASP A 196 -5.03 18.63 12.83
N LEU A 197 -5.67 19.63 13.46
CA LEU A 197 -7.08 19.89 13.22
C LEU A 197 -7.33 20.24 11.75
N TYR A 198 -6.53 21.15 11.19
CA TYR A 198 -6.69 21.52 9.80
C TYR A 198 -6.41 20.34 8.87
N ALA A 199 -5.36 19.58 9.14
CA ALA A 199 -5.04 18.44 8.29
C ALA A 199 -6.14 17.39 8.33
N ARG A 200 -6.70 17.13 9.53
CA ARG A 200 -7.80 16.18 9.63
C ARG A 200 -9.00 16.62 8.81
N SER A 201 -9.30 17.93 8.80
CA SER A 201 -10.50 18.38 8.11
C SER A 201 -10.39 18.23 6.60
N TYR A 202 -9.32 18.76 6.00
CA TYR A 202 -9.24 18.74 4.54
C TYR A 202 -8.74 17.41 3.99
N ALA A 203 -8.32 16.48 4.84
CA ALA A 203 -7.97 15.15 4.38
C ALA A 203 -9.19 14.30 4.03
N LYS A 204 -10.39 14.71 4.43
CA LYS A 204 -11.58 14.01 3.97
C LYS A 204 -11.60 14.01 2.45
N PRO A 205 -11.78 12.84 1.81
CA PRO A 205 -11.67 12.78 0.34
C PRO A 205 -12.45 13.85 -0.39
N HIS A 206 -13.71 14.10 -0.01
CA HIS A 206 -14.47 15.12 -0.73
C HIS A 206 -13.95 16.52 -0.43
N SER A 207 -13.34 16.72 0.75
CA SER A 207 -12.81 18.03 1.09
C SER A 207 -11.47 18.29 0.39
N LEU A 208 -10.63 17.27 0.28
CA LEU A 208 -9.39 17.42 -0.48
C LEU A 208 -9.69 17.81 -1.91
N ASN A 209 -10.66 17.12 -2.54
CA ASN A 209 -11.03 17.45 -3.91
C ASN A 209 -11.66 18.84 -4.00
N ALA A 210 -12.61 19.15 -3.11
CA ALA A 210 -13.24 20.46 -3.15
C ALA A 210 -12.22 21.58 -3.09
N SER A 211 -11.20 21.42 -2.22
CA SER A 211 -10.13 22.41 -2.10
C SER A 211 -9.55 22.77 -3.45
N PHE A 212 -9.28 21.76 -4.29
CA PHE A 212 -8.66 22.01 -5.58
C PHE A 212 -9.68 22.45 -6.63
N GLU A 213 -10.93 22.02 -6.51
CA GLU A 213 -11.94 22.41 -7.51
C GLU A 213 -12.14 23.91 -7.56
N TYR A 214 -11.95 24.61 -6.42
CA TYR A 214 -12.00 26.06 -6.44
C TYR A 214 -10.98 26.63 -7.40
N TYR A 215 -9.78 26.07 -7.42
CA TYR A 215 -8.74 26.50 -8.35
C TYR A 215 -9.02 26.01 -9.78
N ARG A 216 -9.64 24.84 -9.92
CA ARG A 216 -10.01 24.39 -11.25
C ARG A 216 -11.11 25.22 -11.88
N ALA A 217 -11.86 25.98 -11.06
CA ALA A 217 -12.90 26.88 -11.54
C ALA A 217 -12.41 28.31 -11.70
N LEU A 218 -11.12 28.56 -11.50
CA LEU A 218 -10.61 29.92 -11.40
C LEU A 218 -10.72 30.67 -12.73
N ASN A 219 -10.39 30.02 -13.84
CA ASN A 219 -10.53 30.66 -15.15
C ASN A 219 -11.98 31.06 -15.40
N GLU A 220 -12.92 30.20 -15.01
CA GLU A 220 -14.33 30.56 -15.15
C GLU A 220 -14.69 31.75 -14.27
N SER A 221 -14.11 31.81 -13.07
CA SER A 221 -14.34 32.96 -12.22
C SER A 221 -13.80 34.23 -12.86
N VAL A 222 -12.63 34.13 -13.50
CA VAL A 222 -12.09 35.27 -14.24
C VAL A 222 -13.08 35.74 -15.30
N ARG A 223 -13.61 34.81 -16.10
CA ARG A 223 -14.58 35.18 -17.13
C ARG A 223 -15.81 35.83 -16.52
N GLN A 224 -16.32 35.27 -15.42
CA GLN A 224 -17.48 35.86 -14.76
C GLN A 224 -17.18 37.28 -14.27
N ASN A 225 -16.04 37.46 -13.59
CA ASN A 225 -15.74 38.75 -12.97
C ASN A 225 -15.39 39.82 -13.98
N ALA A 226 -14.97 39.45 -15.19
CA ALA A 226 -14.72 40.46 -16.21
C ALA A 226 -15.99 41.20 -16.57
N GLU A 227 -17.13 40.52 -16.52
CA GLU A 227 -18.40 41.19 -16.77
C GLU A 227 -18.93 41.89 -15.52
N LEU A 228 -18.83 41.24 -14.38
CA LEU A 228 -19.34 41.83 -13.16
C LEU A 228 -18.64 43.13 -12.82
N ALA A 229 -17.34 43.19 -13.10
CA ALA A 229 -16.56 44.37 -12.72
C ALA A 229 -16.98 45.61 -13.49
N LYS A 230 -17.90 45.48 -14.45
CA LYS A 230 -18.40 46.66 -15.15
C LYS A 230 -19.04 47.63 -14.16
N THR A 231 -19.52 47.12 -13.03
CA THR A 231 -20.10 47.92 -11.97
C THR A 231 -19.10 47.99 -10.82
N ARG A 232 -18.64 49.20 -10.51
CA ARG A 232 -17.72 49.37 -9.40
C ARG A 232 -18.45 49.17 -8.07
N LEU A 233 -17.68 48.80 -7.05
CA LEU A 233 -18.24 48.65 -5.71
C LEU A 233 -18.31 50.01 -5.04
N GLN A 234 -19.37 50.23 -4.25
CA GLN A 234 -19.66 51.53 -3.68
C GLN A 234 -19.58 51.58 -2.15
N MET A 235 -19.72 50.45 -1.46
CA MET A 235 -19.67 50.43 -0.01
C MET A 235 -18.24 50.68 0.49
N PRO A 236 -18.10 51.11 1.74
CA PRO A 236 -16.75 51.25 2.33
C PRO A 236 -16.02 49.92 2.37
N THR A 237 -14.75 49.94 1.99
CA THR A 237 -13.97 48.73 1.80
C THR A 237 -12.61 48.89 2.47
N MET A 238 -12.18 47.87 3.16
CA MET A 238 -10.86 47.78 3.71
C MET A 238 -10.14 46.55 3.16
N THR A 239 -8.87 46.67 2.87
CA THR A 239 -8.07 45.52 2.53
C THR A 239 -6.90 45.35 3.49
N LEU A 240 -6.61 44.10 3.83
CA LEU A 240 -5.50 43.77 4.70
C LEU A 240 -4.58 42.80 3.96
N ALA A 241 -3.27 42.93 4.21
CA ALA A 241 -2.28 42.08 3.57
C ALA A 241 -1.06 42.00 4.46
N GLY A 242 -0.37 40.86 4.40
CA GLY A 242 0.88 40.70 5.12
C GLY A 242 2.04 41.32 4.36
N GLY A 243 2.91 42.00 5.10
CA GLY A 243 4.09 42.60 4.53
C GLY A 243 5.32 41.74 4.73
N GLY A 244 5.16 40.65 5.48
CA GLY A 244 6.20 39.68 5.65
C GLY A 244 6.16 38.61 4.57
N HIS A 245 7.06 37.64 4.71
CA HIS A 245 7.12 36.55 3.77
C HIS A 245 5.79 35.81 3.72
N GLY A 246 5.27 35.59 2.52
CA GLY A 246 4.07 34.82 2.31
C GLY A 246 2.82 35.65 2.02
N GLY A 247 2.88 36.97 2.20
CA GLY A 247 1.71 37.81 2.07
C GLY A 247 1.54 38.40 0.68
N MET A 248 0.41 39.08 0.50
CA MET A 248 0.10 39.72 -0.77
C MET A 248 0.81 41.05 -0.97
N GLY A 249 1.26 41.70 0.11
CA GLY A 249 1.96 42.96 -0.05
C GLY A 249 1.07 44.07 -0.59
N THR A 250 1.68 44.95 -1.39
CA THR A 250 0.96 46.08 -1.94
C THR A 250 -0.10 45.67 -2.96
N PHE A 251 0.03 44.48 -3.56
CA PHE A 251 -0.90 44.10 -4.62
C PHE A 251 -2.34 44.04 -4.13
N GLN A 252 -2.56 43.75 -2.84
CA GLN A 252 -3.92 43.60 -2.35
C GLN A 252 -4.71 44.89 -2.53
N LEU A 253 -4.18 46.01 -2.01
CA LEU A 253 -4.86 47.29 -2.17
C LEU A 253 -4.77 47.79 -3.61
N GLU A 254 -3.62 47.62 -4.23
CA GLU A 254 -3.41 48.05 -5.61
C GLU A 254 -4.49 47.52 -6.54
N GLN A 255 -4.84 46.23 -6.40
CA GLN A 255 -5.90 45.66 -7.24
C GLN A 255 -7.27 46.19 -6.83
N MET A 256 -7.54 46.26 -5.52
CA MET A 256 -8.87 46.65 -5.05
C MET A 256 -9.24 48.05 -5.51
N LYS A 257 -8.25 48.92 -5.72
CA LYS A 257 -8.53 50.27 -6.18
C LYS A 257 -9.23 50.27 -7.54
N ALA A 258 -8.99 49.25 -8.35
CA ALA A 258 -9.67 49.12 -9.65
C ALA A 258 -11.07 48.56 -9.52
N TYR A 259 -11.50 48.20 -8.31
CA TYR A 259 -12.83 47.64 -8.05
C TYR A 259 -13.69 48.52 -7.17
N ALA A 260 -13.12 49.13 -6.13
CA ALA A 260 -13.87 49.88 -5.15
C ALA A 260 -13.55 51.37 -5.25
N GLU A 261 -14.53 52.22 -5.07
CA GLU A 261 -14.32 53.66 -5.07
C GLU A 261 -13.88 54.15 -3.70
N ASP A 262 -14.29 53.45 -2.65
CA ASP A 262 -14.04 53.85 -1.27
C ASP A 262 -13.30 52.69 -0.59
N VAL A 263 -11.97 52.72 -0.66
CA VAL A 263 -11.14 51.63 -0.14
C VAL A 263 -9.92 52.20 0.59
N GLU A 264 -9.63 51.63 1.76
CA GLU A 264 -8.39 51.87 2.47
C GLU A 264 -7.65 50.54 2.63
N GLY A 265 -6.33 50.60 2.63
CA GLY A 265 -5.53 49.39 2.70
C GLY A 265 -4.45 49.45 3.77
N HIS A 266 -4.12 48.26 4.28
CA HIS A 266 -3.08 48.08 5.29
C HIS A 266 -2.17 46.93 4.89
N VAL A 267 -0.88 47.10 5.10
CA VAL A 267 0.10 46.03 4.93
C VAL A 267 0.79 45.83 6.28
N LEU A 268 0.64 44.63 6.84
CA LEU A 268 1.04 44.39 8.22
C LEU A 268 2.45 43.84 8.26
N PRO A 269 3.42 44.56 8.82
CA PRO A 269 4.82 44.08 8.80
C PRO A 269 4.99 42.80 9.60
N GLY A 270 5.90 41.94 9.12
CA GLY A 270 6.21 40.70 9.79
C GLY A 270 5.11 39.65 9.77
N CYS A 271 4.11 39.82 8.92
CA CYS A 271 2.97 38.91 8.87
C CYS A 271 2.88 38.28 7.50
N GLY A 272 2.54 36.99 7.47
CA GLY A 272 2.43 36.29 6.21
C GLY A 272 1.01 36.26 5.67
N HIS A 273 0.61 35.11 5.15
CA HIS A 273 -0.69 34.96 4.51
C HIS A 273 -1.81 34.77 5.53
N TRP A 274 -1.51 34.16 6.68
CA TRP A 274 -2.54 33.73 7.63
C TRP A 274 -2.74 34.79 8.71
N LEU A 275 -3.21 35.96 8.27
CA LEU A 275 -3.31 37.13 9.16
C LEU A 275 -4.08 36.84 10.45
N PRO A 276 -5.27 36.22 10.42
CA PRO A 276 -6.01 36.02 11.68
C PRO A 276 -5.23 35.25 12.73
N GLU A 277 -4.34 34.33 12.32
CA GLU A 277 -3.58 33.55 13.28
C GLU A 277 -2.17 34.08 13.51
N GLU A 278 -1.48 34.52 12.46
CA GLU A 278 -0.12 35.04 12.61
C GLU A 278 -0.09 36.35 13.38
N CYS A 279 -1.06 37.22 13.14
CA CYS A 279 -1.05 38.58 13.64
C CYS A 279 -2.44 38.94 14.13
N ALA A 280 -2.94 38.10 15.06
CA ALA A 280 -4.30 38.21 15.56
C ALA A 280 -4.57 39.61 16.11
N ALA A 281 -3.67 40.12 16.95
CA ALA A 281 -3.93 41.40 17.61
C ALA A 281 -4.04 42.55 16.62
N PRO A 282 -3.07 42.84 15.80
CA PRO A 282 -3.25 43.96 14.91
C PRO A 282 -4.33 43.81 13.87
N MET A 283 -4.58 42.61 13.38
CA MET A 283 -5.64 42.41 12.41
C MET A 283 -7.02 42.57 13.05
N ASN A 284 -7.20 42.01 14.23
CA ASN A 284 -8.44 42.11 14.94
C ASN A 284 -8.83 43.55 15.23
N ARG A 285 -7.84 44.34 15.56
CA ARG A 285 -8.03 45.72 15.92
C ARG A 285 -8.39 46.57 14.74
N LEU A 286 -7.80 46.31 13.60
CA LEU A 286 -8.12 47.03 12.41
C LEU A 286 -9.49 46.68 11.88
N VAL A 287 -9.88 45.42 12.03
CA VAL A 287 -11.17 45.00 11.55
C VAL A 287 -12.29 45.53 12.43
N ILE A 288 -12.14 45.34 13.73
CA ILE A 288 -13.11 45.85 14.70
C ILE A 288 -13.30 47.34 14.53
N ASP A 289 -12.21 48.09 14.37
CA ASP A 289 -12.33 49.53 14.16
C ASP A 289 -13.05 49.85 12.87
N PHE A 290 -12.73 49.13 11.79
CA PHE A 290 -13.34 49.44 10.50
C PHE A 290 -14.86 49.25 10.53
N LEU A 291 -15.33 48.23 11.25
CA LEU A 291 -16.76 47.91 11.32
C LEU A 291 -17.49 48.68 12.41
N SER A 292 -16.77 49.44 13.21
CA SER A 292 -17.30 50.17 14.36
C SER A 292 -17.42 51.67 14.13
N ARG A 293 -16.72 52.24 13.16
CA ARG A 293 -16.73 53.67 12.92
C ARG A 293 -18.13 54.19 12.62
N GLY A 294 -18.44 55.34 13.17
CA GLY A 294 -19.71 55.97 12.92
C GLY A 294 -20.89 55.08 13.29
N ARG A 295 -20.70 54.24 14.30
CA ARG A 295 -21.76 53.39 14.77
C ARG A 295 -21.79 53.42 16.29
N ALA B 1 22.01 -3.70 -16.17
CA ALA B 1 23.03 -3.64 -17.21
C ALA B 1 22.84 -2.44 -18.13
N GLU B 2 21.62 -2.26 -18.61
CA GLU B 2 21.29 -1.15 -19.50
C GLU B 2 19.84 -0.71 -19.32
N GLU B 3 19.64 0.57 -19.04
CA GLU B 3 18.29 1.09 -18.87
C GLU B 3 17.58 1.24 -20.21
N PHE B 4 18.32 1.49 -21.27
CA PHE B 4 17.75 1.76 -22.59
C PHE B 4 18.48 1.01 -23.70
N PRO B 5 17.77 0.63 -24.75
CA PRO B 5 18.39 -0.13 -25.85
C PRO B 5 19.42 0.71 -26.59
N VAL B 6 20.59 0.13 -26.82
CA VAL B 6 21.65 0.86 -27.55
C VAL B 6 21.42 0.69 -29.04
N PRO B 7 21.39 1.77 -29.81
CA PRO B 7 21.19 1.65 -31.26
C PRO B 7 22.34 0.92 -31.92
N ASN B 8 22.02 0.24 -33.02
CA ASN B 8 23.01 -0.56 -33.72
C ASN B 8 24.20 0.29 -34.13
N GLY B 9 25.40 -0.19 -33.86
CA GLY B 9 26.61 0.55 -34.18
C GLY B 9 27.10 1.45 -33.07
N PHE B 10 26.43 1.45 -31.92
CA PHE B 10 26.76 2.32 -30.81
C PHE B 10 27.21 1.50 -29.62
N GLU B 11 27.81 2.20 -28.67
CA GLU B 11 28.42 1.59 -27.53
C GLU B 11 28.06 2.31 -26.23
N SER B 12 27.67 1.55 -25.23
CA SER B 12 27.37 2.05 -23.89
C SER B 12 28.65 1.94 -23.10
N ALA B 13 29.12 3.06 -22.56
CA ALA B 13 30.41 3.07 -21.90
C ALA B 13 30.36 4.05 -20.74
N TYR B 14 31.42 4.03 -19.92
CA TYR B 14 31.53 4.92 -18.78
C TYR B 14 32.90 5.58 -18.76
N ARG B 15 32.95 6.76 -18.16
CA ARG B 15 34.21 7.49 -17.97
C ARG B 15 34.14 8.23 -16.64
N GLU B 16 35.13 8.02 -15.79
CA GLU B 16 35.20 8.79 -14.57
C GLU B 16 35.72 10.19 -14.90
N VAL B 17 35.05 11.20 -14.38
CA VAL B 17 35.44 12.58 -14.60
C VAL B 17 35.37 13.29 -13.27
N ASP B 18 36.53 13.76 -12.79
CA ASP B 18 36.64 14.44 -11.50
C ASP B 18 35.96 13.62 -10.41
N GLY B 19 36.21 12.32 -10.41
CA GLY B 19 35.66 11.46 -9.39
C GLY B 19 34.27 10.94 -9.66
N VAL B 20 33.61 11.42 -10.71
CA VAL B 20 32.23 11.08 -10.99
C VAL B 20 32.18 10.18 -12.21
N LYS B 21 31.58 9.00 -12.06
CA LYS B 21 31.47 8.02 -13.13
C LYS B 21 30.29 8.37 -14.02
N LEU B 22 30.57 8.87 -15.22
CA LEU B 22 29.52 9.27 -16.15
C LEU B 22 29.22 8.16 -17.15
N HIS B 23 27.94 7.94 -17.41
CA HIS B 23 27.53 7.03 -18.44
C HIS B 23 27.35 7.78 -19.73
N TYR B 24 27.60 7.13 -20.85
CA TYR B 24 27.45 7.77 -22.14
C TYR B 24 27.23 6.73 -23.23
N VAL B 25 26.72 7.13 -24.37
CA VAL B 25 26.56 6.23 -25.52
C VAL B 25 27.21 6.88 -26.74
N LYS B 26 28.09 6.15 -27.42
CA LYS B 26 28.97 6.70 -28.44
C LYS B 26 28.92 5.85 -29.71
N GLY B 27 29.02 6.52 -30.85
CA GLY B 27 29.02 5.86 -32.16
C GLY B 27 29.41 6.82 -33.25
N GLY B 28 29.67 6.26 -34.45
CA GLY B 28 29.97 7.02 -35.64
C GLY B 28 31.45 7.32 -35.83
N GLN B 29 31.74 8.07 -36.90
CA GLN B 29 33.10 8.51 -37.24
C GLN B 29 33.07 9.95 -37.71
N GLY B 30 34.17 10.66 -37.46
CA GLY B 30 34.28 12.03 -37.89
C GLY B 30 34.38 12.99 -36.72
N PRO B 31 34.17 14.28 -36.99
CA PRO B 31 34.16 15.28 -35.93
C PRO B 31 33.12 14.96 -34.87
N LEU B 32 33.33 15.50 -33.69
CA LEU B 32 32.52 15.12 -32.53
C LEU B 32 31.27 16.00 -32.43
N VAL B 33 30.14 15.35 -32.16
CA VAL B 33 28.91 16.01 -31.75
C VAL B 33 28.49 15.42 -30.41
N MET B 34 28.15 16.29 -29.47
CA MET B 34 27.67 15.87 -28.16
C MET B 34 26.19 16.25 -28.06
N LEU B 35 25.37 15.32 -27.59
CA LEU B 35 23.94 15.53 -27.45
C LEU B 35 23.62 15.40 -25.95
N VAL B 36 23.11 16.47 -25.35
CA VAL B 36 22.86 16.55 -23.92
C VAL B 36 21.35 16.69 -23.68
N HIS B 37 20.76 15.68 -23.04
CA HIS B 37 19.33 15.58 -22.79
C HIS B 37 18.89 16.51 -21.65
N GLY B 38 17.58 16.50 -21.38
CA GLY B 38 16.98 17.33 -20.35
C GLY B 38 16.18 16.58 -19.29
N PHE B 39 15.35 17.30 -18.54
CA PHE B 39 14.66 16.69 -17.41
C PHE B 39 13.65 15.64 -17.84
N GLY B 40 13.51 14.60 -17.00
CA GLY B 40 12.59 13.52 -17.23
C GLY B 40 13.04 12.48 -18.22
N GLN B 41 14.21 12.68 -18.84
CA GLN B 41 14.67 11.75 -19.86
C GLN B 41 16.15 11.46 -19.62
N THR B 42 16.73 10.76 -20.60
CA THR B 42 18.12 10.33 -20.58
C THR B 42 18.69 10.53 -21.96
N TRP B 43 19.86 9.93 -22.20
CA TRP B 43 20.46 9.93 -23.54
C TRP B 43 19.50 9.39 -24.59
N TYR B 44 18.57 8.53 -24.17
CA TYR B 44 17.75 7.76 -25.11
C TYR B 44 16.79 8.61 -25.94
N GLU B 45 16.51 9.85 -25.53
CA GLU B 45 15.68 10.70 -26.36
C GLU B 45 16.35 11.02 -27.69
N TRP B 46 17.66 10.85 -27.78
CA TRP B 46 18.42 11.11 -29.00
C TRP B 46 18.55 9.90 -29.89
N HIS B 47 17.94 8.75 -29.54
CA HIS B 47 18.28 7.51 -30.21
C HIS B 47 17.81 7.47 -31.66
N GLN B 48 16.93 8.38 -32.07
CA GLN B 48 16.55 8.45 -33.48
C GLN B 48 17.46 9.37 -34.28
N LEU B 49 17.97 10.44 -33.66
CA LEU B 49 18.91 11.33 -34.33
C LEU B 49 20.31 10.75 -34.41
N MET B 50 20.68 9.90 -33.45
CA MET B 50 22.06 9.42 -33.38
C MET B 50 22.51 8.67 -34.63
N PRO B 51 21.76 7.67 -35.15
CA PRO B 51 22.24 6.97 -36.35
C PRO B 51 22.35 7.88 -37.57
N GLU B 52 21.53 8.93 -37.63
CA GLU B 52 21.59 9.87 -38.74
C GLU B 52 22.87 10.70 -38.66
N LEU B 53 23.19 11.22 -37.46
CA LEU B 53 24.42 12.00 -37.31
C LEU B 53 25.65 11.11 -37.43
N ALA B 54 25.51 9.83 -37.07
CA ALA B 54 26.66 8.92 -37.12
C ALA B 54 27.15 8.71 -38.54
N LYS B 55 26.34 9.04 -39.55
CA LYS B 55 26.76 8.92 -40.95
C LYS B 55 27.87 9.91 -41.31
N ARG B 56 28.04 10.97 -40.52
CA ARG B 56 29.09 11.95 -40.78
C ARG B 56 29.89 12.33 -39.55
N PHE B 57 29.51 11.89 -38.36
CA PHE B 57 30.07 12.45 -37.15
C PHE B 57 30.37 11.34 -36.15
N THR B 58 31.20 11.66 -35.17
CA THR B 58 31.28 10.89 -33.95
C THR B 58 30.27 11.51 -32.98
N VAL B 59 29.32 10.71 -32.51
CA VAL B 59 28.21 11.16 -31.68
C VAL B 59 28.35 10.57 -30.29
N ILE B 60 28.28 11.44 -29.27
CA ILE B 60 28.28 11.00 -27.89
C ILE B 60 27.06 11.61 -27.18
N ALA B 61 26.32 10.76 -26.48
CA ALA B 61 25.15 11.20 -25.75
C ALA B 61 25.22 10.75 -24.31
N PRO B 62 25.73 11.67 -23.42
CA PRO B 62 25.85 11.22 -22.05
C PRO B 62 24.60 11.37 -21.20
N ASP B 63 24.57 10.63 -20.10
CA ASP B 63 23.56 10.83 -19.07
C ASP B 63 24.01 11.94 -18.13
N LEU B 64 23.15 12.91 -17.89
CA LEU B 64 23.50 13.99 -16.97
C LEU B 64 23.85 13.42 -15.60
N PRO B 65 24.76 14.05 -14.87
CA PRO B 65 25.13 13.56 -13.54
C PRO B 65 23.89 13.33 -12.68
N GLY B 66 23.82 12.14 -12.08
CA GLY B 66 22.70 11.78 -11.26
C GLY B 66 21.51 11.23 -12.02
N LEU B 67 21.40 11.51 -13.32
CA LEU B 67 20.31 11.01 -14.12
C LEU B 67 20.80 9.84 -14.99
N GLY B 68 19.85 9.09 -15.52
CA GLY B 68 20.20 7.91 -16.29
C GLY B 68 21.08 7.00 -15.48
N GLN B 69 22.23 6.62 -16.06
CA GLN B 69 23.17 5.73 -15.39
C GLN B 69 24.45 6.46 -14.99
N SER B 70 24.41 7.79 -14.91
CA SER B 70 25.55 8.56 -14.45
C SER B 70 25.44 8.78 -12.94
N GLU B 71 26.59 8.90 -12.31
CA GLU B 71 26.64 9.11 -10.87
C GLU B 71 26.31 10.56 -10.54
N PRO B 72 25.80 10.82 -9.34
CA PRO B 72 25.54 12.20 -8.94
C PRO B 72 26.81 13.02 -9.02
N PRO B 73 26.70 14.32 -9.27
CA PRO B 73 27.89 15.17 -9.22
C PRO B 73 28.42 15.24 -7.81
N LYS B 74 29.74 15.46 -7.70
CA LYS B 74 30.34 15.65 -6.39
C LYS B 74 30.47 17.12 -6.01
N THR B 75 30.47 18.02 -6.99
CA THR B 75 30.55 19.44 -6.71
C THR B 75 29.18 20.03 -6.38
N GLY B 76 28.28 20.01 -7.35
CA GLY B 76 26.95 20.57 -7.16
C GLY B 76 26.18 20.54 -8.47
N TYR B 77 24.97 21.08 -8.42
CA TYR B 77 24.06 21.00 -9.57
C TYR B 77 23.90 22.31 -10.33
N SER B 78 24.63 23.36 -9.97
CA SER B 78 24.56 24.59 -10.76
C SER B 78 25.11 24.35 -12.16
N GLY B 79 24.70 25.24 -13.08
CA GLY B 79 25.14 25.10 -14.47
C GLY B 79 26.65 25.12 -14.61
N GLU B 80 27.32 26.03 -13.91
CA GLU B 80 28.77 26.10 -14.03
C GLU B 80 29.43 24.82 -13.54
N GLN B 81 28.93 24.27 -12.42
CA GLN B 81 29.54 23.04 -11.86
C GLN B 81 29.33 21.85 -12.79
N VAL B 82 28.12 21.66 -13.30
CA VAL B 82 27.87 20.50 -14.14
C VAL B 82 28.57 20.62 -15.47
N ALA B 83 28.69 21.85 -15.98
CA ALA B 83 29.34 22.07 -17.26
C ALA B 83 30.79 21.60 -17.24
N VAL B 84 31.42 21.64 -16.07
CA VAL B 84 32.79 21.16 -15.94
C VAL B 84 32.86 19.68 -16.32
N TYR B 85 31.95 18.86 -15.77
CA TYR B 85 31.95 17.43 -16.08
C TYR B 85 31.70 17.18 -17.56
N LEU B 86 30.78 17.93 -18.16
CA LEU B 86 30.43 17.66 -19.55
C LEU B 86 31.53 18.13 -20.50
N HIS B 87 32.16 19.27 -20.20
CA HIS B 87 33.27 19.73 -21.04
C HIS B 87 34.40 18.72 -21.02
N LYS B 88 34.75 18.27 -19.83
CA LYS B 88 35.82 17.30 -19.69
C LYS B 88 35.51 16.00 -20.40
N LEU B 89 34.26 15.57 -20.36
CA LEU B 89 33.91 14.36 -21.08
C LEU B 89 34.03 14.55 -22.59
N ALA B 90 33.56 15.69 -23.11
CA ALA B 90 33.66 15.94 -24.54
C ALA B 90 35.10 16.17 -24.97
N ARG B 91 35.85 16.95 -24.19
CA ARG B 91 37.23 17.26 -24.53
C ARG B 91 38.13 16.03 -24.51
N GLN B 92 37.76 15.01 -23.74
CA GLN B 92 38.53 13.76 -23.71
C GLN B 92 38.46 13.01 -25.04
N PHE B 93 37.37 13.16 -25.79
CA PHE B 93 37.22 12.48 -27.06
C PHE B 93 37.57 13.35 -28.25
N SER B 94 37.62 14.66 -28.08
CA SER B 94 38.02 15.57 -29.16
C SER B 94 38.97 16.63 -28.61
N PRO B 95 40.16 16.22 -28.14
CA PRO B 95 41.07 17.18 -27.47
C PRO B 95 41.68 18.20 -28.41
N ASP B 96 41.76 17.89 -29.71
CA ASP B 96 42.40 18.74 -30.70
C ASP B 96 41.42 19.44 -31.62
N ARG B 97 40.18 18.98 -31.68
CA ARG B 97 39.25 19.59 -32.60
C ARG B 97 38.07 20.17 -31.84
N PRO B 98 37.49 21.27 -32.32
CA PRO B 98 36.26 21.76 -31.69
C PRO B 98 35.14 20.78 -31.97
N PHE B 99 34.13 20.79 -31.12
CA PHE B 99 33.03 19.86 -31.31
C PHE B 99 31.71 20.62 -31.39
N ASP B 100 30.71 19.90 -31.78
CA ASP B 100 29.36 20.44 -31.86
C ASP B 100 28.55 20.02 -30.65
N LEU B 101 27.64 20.91 -30.23
CA LEU B 101 26.83 20.67 -29.05
C LEU B 101 25.36 20.84 -29.42
N VAL B 102 24.56 19.82 -29.11
CA VAL B 102 23.11 19.88 -29.23
C VAL B 102 22.55 19.60 -27.84
N ALA B 103 21.68 20.49 -27.35
CA ALA B 103 21.19 20.39 -25.98
C ALA B 103 19.70 20.70 -25.90
N HIS B 104 19.03 19.99 -24.98
CA HIS B 104 17.59 20.04 -24.81
C HIS B 104 17.27 20.26 -23.34
N ASP B 105 16.34 21.18 -23.06
CA ASP B 105 15.80 21.42 -21.72
C ASP B 105 16.95 21.78 -20.79
N ILE B 106 17.08 21.15 -19.61
CA ILE B 106 18.13 21.51 -18.67
C ILE B 106 19.51 21.14 -19.19
N GLY B 107 19.58 20.40 -20.30
CA GLY B 107 20.85 20.26 -20.97
C GLY B 107 21.44 21.60 -21.37
N ILE B 108 20.58 22.59 -21.62
CA ILE B 108 21.05 23.95 -21.87
C ILE B 108 21.68 24.52 -20.61
N TRP B 109 20.99 24.41 -19.48
CA TRP B 109 21.49 24.96 -18.22
C TRP B 109 22.88 24.40 -17.90
N ASN B 110 23.10 23.13 -18.20
CA ASN B 110 24.29 22.40 -17.83
C ASN B 110 25.39 22.48 -18.87
N THR B 111 25.20 23.25 -19.95
CA THR B 111 26.26 23.38 -20.94
C THR B 111 26.61 24.83 -21.22
N TYR B 112 25.65 25.75 -21.05
CA TYR B 112 25.91 27.15 -21.38
C TYR B 112 27.19 27.69 -20.74
N PRO B 113 27.51 27.42 -19.47
CA PRO B 113 28.79 27.89 -18.93
C PRO B 113 29.98 27.36 -19.71
N MET B 114 29.93 26.07 -20.09
CA MET B 114 31.01 25.48 -20.90
C MET B 114 31.19 26.21 -22.21
N VAL B 115 30.09 26.57 -22.86
CA VAL B 115 30.17 27.16 -24.19
C VAL B 115 30.76 28.56 -24.10
N VAL B 116 30.24 29.38 -23.19
CA VAL B 116 30.70 30.76 -23.08
C VAL B 116 32.13 30.86 -22.54
N LYS B 117 32.60 29.87 -21.79
CA LYS B 117 33.96 29.93 -21.26
C LYS B 117 34.97 29.21 -22.16
N ASN B 118 34.53 28.44 -23.14
CA ASN B 118 35.42 27.70 -24.03
C ASN B 118 34.91 27.78 -25.46
N GLN B 119 34.66 29.01 -25.92
CA GLN B 119 34.03 29.19 -27.21
C GLN B 119 34.83 28.52 -28.32
N ALA B 120 36.16 28.57 -28.24
CA ALA B 120 37.00 27.98 -29.28
C ALA B 120 36.82 26.47 -29.38
N ASP B 121 36.28 25.83 -28.35
CA ASP B 121 36.04 24.39 -28.35
C ASP B 121 34.71 24.01 -28.97
N ILE B 122 33.83 24.98 -29.22
CA ILE B 122 32.48 24.74 -29.69
C ILE B 122 32.40 25.25 -31.13
N ALA B 123 32.28 24.32 -32.07
CA ALA B 123 32.18 24.71 -33.48
C ALA B 123 30.82 25.31 -33.77
N ARG B 124 29.76 24.53 -33.60
CA ARG B 124 28.38 24.96 -33.82
C ARG B 124 27.52 24.50 -32.65
N LEU B 125 26.45 25.26 -32.38
CA LEU B 125 25.64 25.08 -31.18
C LEU B 125 24.16 25.04 -31.53
N VAL B 126 23.46 24.02 -31.04
CA VAL B 126 22.00 23.89 -31.18
C VAL B 126 21.39 23.76 -29.78
N TYR B 127 20.48 24.68 -29.45
CA TYR B 127 19.77 24.71 -28.18
C TYR B 127 18.27 24.62 -28.44
N MET B 128 17.55 23.80 -27.67
CA MET B 128 16.13 23.63 -27.90
C MET B 128 15.36 23.47 -26.60
N GLU B 129 14.24 24.18 -26.50
CA GLU B 129 13.16 23.87 -25.55
C GLU B 129 13.62 23.97 -24.09
N ALA B 130 14.07 25.17 -23.73
CA ALA B 130 14.29 25.64 -22.36
C ALA B 130 14.95 27.02 -22.41
N PRO B 131 14.69 27.86 -21.41
CA PRO B 131 15.42 29.13 -21.31
C PRO B 131 16.82 28.91 -20.77
N ILE B 132 17.73 29.79 -21.18
CA ILE B 132 18.99 29.90 -20.44
C ILE B 132 18.68 30.52 -19.07
N PRO B 133 19.19 29.98 -17.97
CA PRO B 133 18.90 30.59 -16.68
C PRO B 133 19.39 32.02 -16.57
N ASP B 134 18.45 32.96 -16.59
CA ASP B 134 18.74 34.37 -16.33
C ASP B 134 17.46 34.98 -15.76
N ALA B 135 17.50 36.30 -15.53
CA ALA B 135 16.39 36.94 -14.83
C ALA B 135 15.06 36.82 -15.58
N ARG B 136 15.10 36.46 -16.87
CA ARG B 136 13.86 36.31 -17.62
C ARG B 136 13.00 35.13 -17.15
N ILE B 137 13.60 34.13 -16.50
CA ILE B 137 12.79 33.01 -16.04
C ILE B 137 11.87 33.43 -14.90
N TYR B 138 12.15 34.56 -14.25
CA TYR B 138 11.29 35.07 -13.19
C TYR B 138 10.00 35.68 -13.72
N ARG B 139 9.84 35.79 -15.03
CA ARG B 139 8.63 36.34 -15.64
C ARG B 139 7.71 35.26 -16.20
N PHE B 140 8.08 34.00 -16.09
CA PHE B 140 7.17 32.92 -16.48
C PHE B 140 5.93 32.95 -15.59
N PRO B 141 4.76 32.64 -16.15
CA PRO B 141 3.53 32.75 -15.37
C PRO B 141 3.28 31.54 -14.50
N ALA B 142 2.81 31.80 -13.28
CA ALA B 142 2.40 30.71 -12.40
C ALA B 142 1.07 30.13 -12.83
N PHE B 143 0.28 30.87 -13.60
CA PHE B 143 -1.06 30.45 -13.99
C PHE B 143 -1.46 31.25 -15.22
N THR B 144 -2.25 30.64 -16.10
CA THR B 144 -2.56 31.23 -17.40
C THR B 144 -4.05 31.15 -17.68
N ALA B 145 -4.47 31.89 -18.71
CA ALA B 145 -5.85 31.82 -19.18
C ALA B 145 -6.22 30.45 -19.75
N GLN B 146 -5.23 29.57 -19.98
CA GLN B 146 -5.49 28.23 -20.49
C GLN B 146 -5.41 27.17 -19.41
N GLY B 147 -5.32 27.57 -18.16
CA GLY B 147 -5.20 26.63 -17.07
C GLY B 147 -3.78 26.50 -16.55
N GLU B 148 -3.43 25.30 -16.09
CA GLU B 148 -2.13 25.07 -15.47
C GLU B 148 -1.01 25.58 -16.37
N SER B 149 -0.06 26.25 -15.78
CA SER B 149 1.11 26.71 -16.46
C SER B 149 2.02 25.56 -16.83
N LEU B 150 2.88 25.81 -17.78
CA LEU B 150 3.90 24.89 -18.18
C LEU B 150 5.14 24.97 -17.35
N VAL B 151 5.24 25.97 -16.48
CA VAL B 151 6.47 26.22 -15.74
C VAL B 151 6.37 26.14 -14.22
N TRP B 152 5.17 25.90 -13.71
CA TRP B 152 4.99 25.73 -12.29
C TRP B 152 5.90 24.75 -11.62
N HIS B 153 6.42 23.80 -12.37
CA HIS B 153 7.35 22.81 -11.85
C HIS B 153 8.66 23.42 -11.37
N PHE B 154 9.01 24.57 -11.90
CA PHE B 154 10.21 25.27 -11.46
C PHE B 154 10.17 25.48 -9.94
N SER B 155 9.07 26.00 -9.42
CA SER B 155 8.94 26.24 -7.99
C SER B 155 8.58 24.97 -7.22
N PHE B 156 7.81 24.07 -7.84
CA PHE B 156 7.52 22.79 -7.21
C PHE B 156 8.80 22.01 -6.92
N PHE B 157 9.67 21.89 -7.93
CA PHE B 157 10.89 21.12 -7.75
C PHE B 157 11.86 21.80 -6.79
N ALA B 158 11.83 23.13 -6.74
CA ALA B 158 12.76 23.91 -5.94
C ALA B 158 12.32 24.11 -4.50
N ALA B 159 11.11 23.69 -4.13
CA ALA B 159 10.62 23.89 -2.78
C ALA B 159 11.51 23.20 -1.76
N ASP B 160 11.57 23.77 -0.55
CA ASP B 160 12.40 23.22 0.51
C ASP B 160 11.78 21.95 1.08
N ASP B 161 12.55 21.28 1.94
CA ASP B 161 12.08 20.13 2.72
C ASP B 161 11.70 18.94 1.85
N ARG B 162 12.32 18.82 0.68
CA ARG B 162 12.11 17.67 -0.22
C ARG B 162 10.63 17.45 -0.51
N LEU B 163 9.92 18.56 -0.75
CA LEU B 163 8.50 18.49 -1.05
C LEU B 163 8.23 17.57 -2.24
N ALA B 164 8.93 17.80 -3.35
CA ALA B 164 8.64 17.06 -4.57
C ALA B 164 8.93 15.58 -4.40
N GLU B 165 10.09 15.25 -3.83
CA GLU B 165 10.41 13.85 -3.56
C GLU B 165 9.36 13.22 -2.65
N THR B 166 9.00 13.92 -1.58
CA THR B 166 8.03 13.35 -0.64
C THR B 166 6.69 13.11 -1.33
N LEU B 167 6.24 14.03 -2.17
CA LEU B 167 4.95 13.88 -2.83
C LEU B 167 5.00 12.90 -3.99
N ILE B 168 6.14 12.81 -4.69
CA ILE B 168 6.22 12.00 -5.90
C ILE B 168 6.64 10.54 -5.62
N ALA B 169 7.34 10.30 -4.51
CA ALA B 169 7.78 8.94 -4.19
C ALA B 169 6.60 7.98 -4.14
N GLY B 170 6.74 6.84 -4.82
CA GLY B 170 5.66 5.89 -4.96
C GLY B 170 4.70 6.20 -6.08
N LYS B 171 4.88 7.34 -6.75
CA LYS B 171 3.98 7.82 -7.79
C LYS B 171 4.78 8.33 -8.96
N GLU B 172 5.98 7.77 -9.14
CA GLU B 172 6.91 8.29 -10.14
C GLU B 172 6.36 8.14 -11.55
N ARG B 173 5.81 6.98 -11.87
CA ARG B 173 5.23 6.78 -13.20
C ARG B 173 4.06 7.73 -13.42
N PHE B 174 3.17 7.85 -12.43
CA PHE B 174 2.03 8.74 -12.59
C PHE B 174 2.49 10.18 -12.80
N PHE B 175 3.44 10.66 -11.99
CA PHE B 175 3.81 12.06 -12.14
C PHE B 175 4.50 12.31 -13.48
N LEU B 176 5.43 11.43 -13.86
CA LEU B 176 6.19 11.66 -15.09
C LEU B 176 5.28 11.63 -16.31
N GLU B 177 4.30 10.72 -16.32
CA GLU B 177 3.36 10.71 -17.45
C GLU B 177 2.55 12.01 -17.50
N HIS B 178 2.12 12.53 -16.35
CA HIS B 178 1.41 13.79 -16.35
C HIS B 178 2.31 14.92 -16.81
N PHE B 179 3.56 14.95 -16.34
CA PHE B 179 4.46 16.00 -16.74
C PHE B 179 4.76 15.93 -18.23
N ILE B 180 5.08 14.74 -18.74
CA ILE B 180 5.44 14.60 -20.15
C ILE B 180 4.25 14.94 -21.05
N LYS B 181 3.08 14.36 -20.76
CA LYS B 181 1.93 14.56 -21.64
C LYS B 181 1.45 16.01 -21.61
N SER B 182 1.49 16.66 -20.44
CA SER B 182 1.04 18.05 -20.36
C SER B 182 1.99 19.01 -21.06
N HIS B 183 3.21 18.58 -21.34
CA HIS B 183 4.16 19.38 -22.11
C HIS B 183 4.28 18.91 -23.55
N ALA B 184 3.44 17.97 -23.98
CA ALA B 184 3.52 17.43 -25.33
C ALA B 184 2.33 17.93 -26.14
N SER B 185 2.56 18.06 -27.44
CA SER B 185 1.45 18.25 -28.36
C SER B 185 1.06 16.91 -28.96
N ASN B 186 2.05 16.10 -29.28
CA ASN B 186 1.86 14.78 -29.85
C ASN B 186 2.19 13.76 -28.75
N THR B 187 1.17 13.39 -27.96
CA THR B 187 1.34 12.45 -26.86
C THR B 187 1.41 11.01 -27.33
N GLU B 188 1.03 10.78 -28.59
CA GLU B 188 0.92 9.44 -29.16
C GLU B 188 2.26 8.72 -29.15
N VAL B 189 3.34 9.46 -29.26
CA VAL B 189 4.67 8.89 -29.36
C VAL B 189 5.19 8.30 -28.09
N PHE B 190 4.54 8.58 -26.99
CA PHE B 190 4.96 8.06 -25.70
C PHE B 190 4.15 6.81 -25.38
N SER B 191 4.66 5.66 -25.82
CA SER B 191 4.01 4.39 -25.59
C SER B 191 4.17 3.98 -24.13
N GLU B 192 3.42 2.93 -23.75
CA GLU B 192 3.58 2.37 -22.40
C GLU B 192 5.01 1.97 -22.15
N ARG B 193 5.68 1.39 -23.15
CA ARG B 193 7.06 0.93 -23.00
C ARG B 193 8.01 2.10 -22.79
N LEU B 194 7.84 3.18 -23.54
CA LEU B 194 8.74 4.32 -23.39
C LEU B 194 8.51 5.03 -22.05
N LEU B 195 7.24 5.23 -21.67
CA LEU B 195 6.94 5.85 -20.39
C LEU B 195 7.47 5.02 -19.22
N ASP B 196 7.40 3.69 -19.33
CA ASP B 196 7.93 2.84 -18.27
C ASP B 196 9.44 2.98 -18.14
N LEU B 197 10.16 3.00 -19.27
CA LEU B 197 11.61 3.09 -19.24
C LEU B 197 12.06 4.38 -18.56
N TYR B 198 11.48 5.52 -18.96
CA TYR B 198 11.83 6.79 -18.36
C TYR B 198 11.46 6.82 -16.88
N ALA B 199 10.26 6.34 -16.53
CA ALA B 199 9.80 6.39 -15.16
C ALA B 199 10.66 5.55 -14.25
N ARG B 200 11.00 4.33 -14.68
CA ARG B 200 11.87 3.49 -13.87
C ARG B 200 13.24 4.13 -13.68
N SER B 201 13.75 4.81 -14.69
CA SER B 201 15.09 5.39 -14.57
C SER B 201 15.10 6.52 -13.55
N TYR B 202 14.19 7.50 -13.71
CA TYR B 202 14.25 8.65 -12.84
C TYR B 202 13.63 8.38 -11.47
N ALA B 203 12.99 7.23 -11.30
CA ALA B 203 12.46 6.80 -10.01
C ALA B 203 13.54 6.28 -9.07
N LYS B 204 14.74 6.00 -9.58
CA LYS B 204 15.85 5.66 -8.69
C LYS B 204 16.02 6.78 -7.68
N PRO B 205 16.06 6.47 -6.39
CA PRO B 205 16.07 7.53 -5.37
C PRO B 205 17.08 8.63 -5.62
N HIS B 206 18.32 8.29 -5.97
CA HIS B 206 19.29 9.35 -6.22
C HIS B 206 18.98 10.11 -7.51
N SER B 207 18.27 9.48 -8.45
CA SER B 207 17.91 10.18 -9.69
C SER B 207 16.73 11.12 -9.48
N LEU B 208 15.74 10.68 -8.70
CA LEU B 208 14.61 11.54 -8.37
C LEU B 208 15.10 12.81 -7.67
N ASN B 209 15.99 12.66 -6.70
CA ASN B 209 16.55 13.82 -6.02
C ASN B 209 17.41 14.66 -6.95
N ALA B 210 18.31 14.02 -7.70
CA ALA B 210 19.17 14.77 -8.62
C ALA B 210 18.36 15.62 -9.60
N SER B 211 17.25 15.07 -10.12
CA SER B 211 16.39 15.81 -11.03
C SER B 211 15.99 17.16 -10.42
N PHE B 212 15.59 17.17 -9.16
CA PHE B 212 15.11 18.40 -8.54
C PHE B 212 16.26 19.28 -8.07
N GLU B 213 17.43 18.69 -7.77
CA GLU B 213 18.57 19.51 -7.38
C GLU B 213 19.01 20.44 -8.49
N TYR B 214 18.81 20.04 -9.75
CA TYR B 214 19.07 20.96 -10.86
C TYR B 214 18.23 22.22 -10.71
N TYR B 215 16.97 22.09 -10.31
CA TYR B 215 16.11 23.25 -10.11
C TYR B 215 16.41 23.99 -8.82
N ARG B 216 16.84 23.30 -7.77
CA ARG B 216 17.20 24.00 -6.54
C ARG B 216 18.46 24.83 -6.71
N ALA B 217 19.28 24.55 -7.71
CA ALA B 217 20.45 25.35 -8.01
C ALA B 217 20.19 26.42 -9.05
N LEU B 218 18.93 26.58 -9.45
CA LEU B 218 18.60 27.46 -10.57
C LEU B 218 18.93 28.92 -10.26
N ASN B 219 18.61 29.38 -9.05
CA ASN B 219 18.99 30.74 -8.68
C ASN B 219 20.50 30.93 -8.71
N GLU B 220 21.25 29.91 -8.29
CA GLU B 220 22.69 29.99 -8.35
C GLU B 220 23.18 30.05 -9.80
N SER B 221 22.52 29.29 -10.69
CA SER B 221 22.91 29.34 -12.10
C SER B 221 22.60 30.71 -12.70
N VAL B 222 21.46 31.31 -12.33
CA VAL B 222 21.10 32.64 -12.80
C VAL B 222 22.20 33.65 -12.47
N ARG B 223 22.67 33.64 -11.21
CA ARG B 223 23.70 34.58 -10.81
C ARG B 223 24.99 34.34 -11.58
N GLN B 224 25.39 33.07 -11.73
CA GLN B 224 26.59 32.76 -12.50
C GLN B 224 26.47 33.24 -13.94
N ASN B 225 25.32 32.98 -14.57
CA ASN B 225 25.17 33.38 -15.97
C ASN B 225 25.08 34.88 -16.14
N ALA B 226 24.69 35.61 -15.09
CA ALA B 226 24.68 37.07 -15.17
C ALA B 226 26.09 37.62 -15.36
N GLU B 227 27.09 36.94 -14.80
CA GLU B 227 28.49 37.33 -15.02
C GLU B 227 29.01 36.78 -16.35
N LEU B 228 28.76 35.50 -16.62
CA LEU B 228 29.27 34.89 -17.85
C LEU B 228 28.70 35.54 -19.10
N ALA B 229 27.45 36.02 -19.04
CA ALA B 229 26.77 36.55 -20.23
C ALA B 229 27.38 37.84 -20.73
N LYS B 230 28.33 38.43 -20.01
CA LYS B 230 29.03 39.62 -20.47
C LYS B 230 29.76 39.38 -21.78
N THR B 231 30.10 38.13 -22.08
CA THR B 231 30.71 37.76 -23.35
C THR B 231 29.66 37.08 -24.22
N ARG B 232 29.36 37.69 -25.37
CA ARG B 232 28.39 37.11 -26.29
C ARG B 232 28.97 35.87 -26.95
N LEU B 233 28.08 34.98 -27.39
CA LEU B 233 28.51 33.79 -28.12
C LEU B 233 28.72 34.13 -29.59
N GLN B 234 29.75 33.52 -30.17
CA GLN B 234 30.25 33.89 -31.49
C GLN B 234 30.09 32.79 -32.52
N MET B 235 30.02 31.54 -32.10
CA MET B 235 29.89 30.42 -33.01
C MET B 235 28.51 30.41 -33.64
N PRO B 236 28.36 29.76 -34.80
CA PRO B 236 27.02 29.63 -35.40
C PRO B 236 26.08 28.89 -34.47
N THR B 237 24.85 29.41 -34.38
CA THR B 237 23.90 28.94 -33.39
C THR B 237 22.52 28.78 -34.03
N MET B 238 21.86 27.67 -33.71
CA MET B 238 20.47 27.43 -34.09
C MET B 238 19.64 27.17 -32.84
N THR B 239 18.44 27.74 -32.78
CA THR B 239 17.48 27.42 -31.73
C THR B 239 16.26 26.73 -32.34
N LEU B 240 15.75 25.74 -31.61
CA LEU B 240 14.53 25.01 -31.97
C LEU B 240 13.55 25.11 -30.82
N ALA B 241 12.27 25.17 -31.14
CA ALA B 241 11.23 25.27 -30.13
C ALA B 241 9.94 24.73 -30.70
N GLY B 242 9.10 24.19 -29.82
CA GLY B 242 7.79 23.72 -30.24
C GLY B 242 6.82 24.89 -30.36
N GLY B 243 6.03 24.86 -31.44
CA GLY B 243 5.02 25.86 -31.66
C GLY B 243 3.63 25.42 -31.26
N GLY B 244 3.50 24.14 -30.90
CA GLY B 244 2.27 23.61 -30.35
C GLY B 244 2.22 23.73 -28.84
N HIS B 245 1.15 23.15 -28.27
CA HIS B 245 0.99 23.17 -26.83
C HIS B 245 2.21 22.51 -26.17
N GLY B 246 2.75 23.19 -25.16
CA GLY B 246 3.83 22.64 -24.36
C GLY B 246 5.20 23.15 -24.72
N GLY B 247 5.36 23.86 -25.83
CA GLY B 247 6.66 24.29 -26.29
C GLY B 247 7.02 25.69 -25.81
N MET B 248 8.26 26.08 -26.13
CA MET B 248 8.75 27.40 -25.77
C MET B 248 8.26 28.51 -26.70
N GLY B 249 7.81 28.18 -27.91
CA GLY B 249 7.33 29.20 -28.81
C GLY B 249 8.43 30.15 -29.23
N THR B 250 8.06 31.42 -29.41
CA THR B 250 9.03 32.43 -29.84
C THR B 250 10.08 32.74 -28.78
N PHE B 251 9.84 32.42 -27.50
CA PHE B 251 10.78 32.84 -26.46
C PHE B 251 12.18 32.26 -26.64
N GLN B 252 12.30 31.09 -27.26
CA GLN B 252 13.61 30.45 -27.36
C GLN B 252 14.58 31.29 -28.18
N LEU B 253 14.17 31.72 -29.38
CA LEU B 253 15.04 32.57 -30.18
C LEU B 253 15.17 33.97 -29.61
N GLU B 254 14.07 34.54 -29.12
CA GLU B 254 14.12 35.89 -28.57
C GLU B 254 15.14 36.02 -27.46
N GLN B 255 15.19 35.05 -26.55
CA GLN B 255 16.22 35.12 -25.49
C GLN B 255 17.61 34.88 -26.07
N MET B 256 17.74 33.93 -27.00
CA MET B 256 19.06 33.62 -27.52
C MET B 256 19.68 34.81 -28.24
N LYS B 257 18.86 35.69 -28.80
CA LYS B 257 19.39 36.86 -29.51
C LYS B 257 20.22 37.74 -28.59
N ALA B 258 19.94 37.75 -27.29
CA ALA B 258 20.74 38.51 -26.35
C ALA B 258 22.03 37.79 -25.96
N TYR B 259 22.24 36.57 -26.46
CA TYR B 259 23.40 35.76 -26.14
C TYR B 259 24.30 35.50 -27.34
N ALA B 260 23.71 35.23 -28.51
CA ALA B 260 24.44 34.80 -29.68
C ALA B 260 24.49 35.93 -30.71
N GLU B 261 25.65 36.09 -31.35
CA GLU B 261 25.80 37.08 -32.41
C GLU B 261 25.25 36.53 -33.72
N ASP B 262 25.32 35.21 -33.88
CA ASP B 262 25.00 34.50 -35.12
C ASP B 262 24.00 33.39 -34.76
N VAL B 263 22.72 33.68 -34.86
CA VAL B 263 21.69 32.72 -34.45
C VAL B 263 20.55 32.71 -35.46
N GLU B 264 20.09 31.51 -35.81
CA GLU B 264 18.86 31.31 -36.55
C GLU B 264 17.90 30.50 -35.69
N GLY B 265 16.61 30.78 -35.80
CA GLY B 265 15.62 30.12 -34.98
C GLY B 265 14.47 29.56 -35.79
N HIS B 266 13.93 28.44 -35.28
CA HIS B 266 12.80 27.76 -35.89
C HIS B 266 11.80 27.38 -34.80
N VAL B 267 10.52 27.52 -35.14
CA VAL B 267 9.42 27.09 -34.28
C VAL B 267 8.63 26.05 -35.07
N LEU B 268 8.54 24.84 -34.53
CA LEU B 268 8.00 23.72 -35.30
C LEU B 268 6.51 23.58 -35.02
N PRO B 269 5.63 23.77 -36.01
CA PRO B 269 4.18 23.74 -35.76
C PRO B 269 3.69 22.38 -35.30
N GLY B 270 2.71 22.41 -34.39
CA GLY B 270 2.10 21.20 -33.85
C GLY B 270 3.00 20.37 -32.96
N CYS B 271 4.10 20.93 -32.48
CA CYS B 271 5.08 20.20 -31.69
C CYS B 271 5.18 20.83 -30.31
N GLY B 272 5.31 19.99 -29.29
CA GLY B 272 5.42 20.48 -27.93
C GLY B 272 6.87 20.57 -27.47
N HIS B 273 7.09 20.19 -26.20
CA HIS B 273 8.37 20.34 -25.57
C HIS B 273 9.37 19.26 -25.98
N TRP B 274 8.88 18.05 -26.31
CA TRP B 274 9.74 16.89 -26.53
C TRP B 274 10.02 16.70 -28.02
N LEU B 275 10.72 17.68 -28.61
CA LEU B 275 10.92 17.70 -30.07
C LEU B 275 11.51 16.42 -30.64
N PRO B 276 12.58 15.83 -30.09
CA PRO B 276 13.15 14.63 -30.72
C PRO B 276 12.18 13.48 -30.88
N GLU B 277 11.20 13.36 -30.00
CA GLU B 277 10.22 12.28 -30.07
C GLU B 277 8.90 12.69 -30.70
N GLU B 278 8.42 13.91 -30.40
CA GLU B 278 7.18 14.37 -31.00
C GLU B 278 7.34 14.63 -32.49
N CYS B 279 8.47 15.20 -32.89
CA CYS B 279 8.64 15.71 -34.24
C CYS B 279 10.02 15.30 -34.76
N ALA B 280 10.28 13.99 -34.72
CA ALA B 280 11.59 13.46 -35.07
C ALA B 280 12.04 13.91 -36.45
N ALA B 281 11.18 13.76 -37.47
CA ALA B 281 11.60 14.05 -38.84
C ALA B 281 11.97 15.51 -39.05
N PRO B 282 11.07 16.49 -38.81
CA PRO B 282 11.50 17.89 -39.01
C PRO B 282 12.67 18.29 -38.12
N MET B 283 12.70 17.86 -36.87
CA MET B 283 13.80 18.26 -35.99
C MET B 283 15.11 17.62 -36.41
N ASN B 284 15.11 16.32 -36.73
CA ASN B 284 16.32 15.68 -37.21
C ASN B 284 16.83 16.37 -38.46
N ARG B 285 15.91 16.72 -39.35
CA ARG B 285 16.28 17.40 -40.60
C ARG B 285 16.93 18.75 -40.32
N LEU B 286 16.34 19.54 -39.43
CA LEU B 286 16.91 20.86 -39.14
C LEU B 286 18.27 20.75 -38.48
N VAL B 287 18.45 19.78 -37.59
CA VAL B 287 19.73 19.62 -36.90
C VAL B 287 20.80 19.11 -37.87
N ILE B 288 20.46 18.10 -38.67
CA ILE B 288 21.41 17.55 -39.64
C ILE B 288 21.82 18.61 -40.64
N ASP B 289 20.87 19.39 -41.15
CA ASP B 289 21.21 20.43 -42.11
C ASP B 289 22.13 21.48 -41.48
N PHE B 290 21.82 21.91 -40.27
CA PHE B 290 22.63 22.96 -39.63
C PHE B 290 24.07 22.52 -39.41
N LEU B 291 24.28 21.25 -39.05
CA LEU B 291 25.61 20.74 -38.72
C LEU B 291 26.36 20.21 -39.94
N SER B 292 25.72 20.10 -41.11
CA SER B 292 26.37 19.58 -42.30
C SER B 292 26.85 20.68 -43.23
N ARG B 293 26.03 21.72 -43.39
CA ARG B 293 26.31 22.87 -44.24
C ARG B 293 27.76 23.33 -44.14
N GLY B 294 28.41 23.48 -45.30
CA GLY B 294 29.78 23.95 -45.35
C GLY B 294 30.81 22.97 -44.83
N ARG B 295 30.55 21.67 -44.93
CA ARG B 295 31.45 20.64 -44.40
C ARG B 295 31.49 19.40 -45.28
N MET C 1 3.93 51.83 4.70
CA MET C 1 5.09 52.09 5.55
C MET C 1 6.29 51.32 5.00
N ALA C 2 7.34 51.18 5.82
CA ALA C 2 8.44 50.27 5.55
C ALA C 2 8.12 48.94 6.21
N GLN C 3 8.20 47.85 5.44
CA GLN C 3 7.79 46.58 6.02
C GLN C 3 8.89 45.94 6.87
N VAL C 4 10.12 46.45 6.81
CA VAL C 4 11.16 46.04 7.74
C VAL C 4 12.18 47.17 7.83
N LYS C 5 12.80 47.31 9.01
CA LYS C 5 13.94 48.19 9.20
C LYS C 5 15.14 47.36 9.62
N LEU C 6 16.28 47.64 9.01
CA LEU C 6 17.51 46.90 9.25
C LEU C 6 18.52 47.81 9.93
N GLN C 7 19.20 47.28 10.94
CA GLN C 7 20.16 48.02 11.72
C GLN C 7 21.42 47.18 11.83
N GLU C 8 22.51 47.62 11.20
CA GLU C 8 23.78 46.91 11.25
C GLU C 8 24.59 47.30 12.47
N SER C 9 25.39 46.36 12.96
CA SER C 9 26.43 46.65 13.92
C SER C 9 27.73 46.08 13.40
N GLY C 10 28.84 46.69 13.80
CA GLY C 10 30.13 46.13 13.51
C GLY C 10 30.92 46.90 12.48
N GLY C 11 32.04 46.30 12.08
CA GLY C 11 32.90 46.81 11.05
C GLY C 11 34.18 47.35 11.66
N GLY C 12 34.78 48.32 10.99
CA GLY C 12 35.95 49.02 11.53
C GLY C 12 37.23 48.75 10.79
N LEU C 13 38.36 49.01 11.44
CA LEU C 13 39.68 48.86 10.86
C LEU C 13 40.38 47.66 11.49
N VAL C 14 40.96 46.80 10.65
CA VAL C 14 41.61 45.58 11.10
C VAL C 14 42.83 45.31 10.23
N GLN C 15 43.80 44.59 10.79
CA GLN C 15 45.01 44.28 10.03
C GLN C 15 44.81 43.01 9.22
N PRO C 16 45.59 42.84 8.14
CA PRO C 16 45.51 41.61 7.35
C PRO C 16 45.64 40.39 8.23
N GLY C 17 44.86 39.36 7.91
CA GLY C 17 44.80 38.16 8.71
C GLY C 17 43.82 38.20 9.85
N GLY C 18 43.28 39.37 10.20
CA GLY C 18 42.39 39.51 11.33
C GLY C 18 40.95 39.09 11.03
N SER C 19 40.10 39.30 12.03
CA SER C 19 38.71 38.86 11.99
C SER C 19 37.79 39.98 12.43
N LEU C 20 36.54 39.89 11.98
CA LEU C 20 35.48 40.83 12.36
C LEU C 20 34.16 40.07 12.31
N ARG C 21 33.22 40.47 13.16
CA ARG C 21 31.88 39.91 13.11
C ARG C 21 30.89 41.03 12.88
N LEU C 22 30.19 40.99 11.76
CA LEU C 22 29.16 41.96 11.47
C LEU C 22 27.82 41.46 11.96
N SER C 23 26.92 42.37 12.20
CA SER C 23 25.62 42.06 12.76
C SER C 23 24.55 42.85 12.02
N CYS C 24 23.37 42.22 11.85
CA CYS C 24 22.22 42.90 11.26
C CYS C 24 20.96 42.45 11.98
N ALA C 25 20.24 43.38 12.56
CA ALA C 25 19.03 43.05 13.22
C ALA C 25 17.86 43.54 12.42
N SER C 26 16.75 42.88 12.59
CA SER C 26 15.57 43.09 11.80
C SER C 26 14.48 43.66 12.69
N SER C 27 13.71 44.59 12.16
CA SER C 27 12.64 45.18 12.94
C SER C 27 11.43 44.27 13.08
N VAL C 28 11.27 43.36 12.15
CA VAL C 28 10.27 42.34 12.27
C VAL C 28 11.00 41.07 12.64
N PRO C 29 10.26 40.06 13.14
CA PRO C 29 10.96 38.80 13.40
C PRO C 29 11.69 38.37 12.15
N ILE C 30 12.92 37.85 12.28
CA ILE C 30 13.70 37.53 11.09
C ILE C 30 13.13 36.45 10.25
N PHE C 31 12.17 35.72 10.77
CA PHE C 31 11.57 34.68 9.99
C PHE C 31 10.61 35.22 8.96
N ALA C 32 10.17 36.43 9.14
CA ALA C 32 9.35 37.09 8.12
C ALA C 32 10.16 37.52 6.91
N ILE C 33 11.48 37.32 6.92
CA ILE C 33 12.35 37.73 5.83
C ILE C 33 12.76 36.48 5.07
N THR C 34 12.47 36.47 3.76
CA THR C 34 12.74 35.29 2.96
C THR C 34 14.24 35.05 2.83
N VAL C 35 15.01 36.08 2.49
CA VAL C 35 16.45 35.99 2.35
C VAL C 35 17.10 37.13 3.11
N MET C 36 18.02 36.80 4.02
CA MET C 36 18.91 37.78 4.64
C MET C 36 20.27 37.64 4.01
N GLY C 37 20.88 38.76 3.66
CA GLY C 37 22.15 38.72 2.95
C GLY C 37 23.06 39.89 3.27
N TRP C 38 24.33 39.71 2.94
CA TRP C 38 25.34 40.74 3.07
C TRP C 38 25.90 41.05 1.69
N TYR C 39 25.91 42.32 1.33
CA TYR C 39 26.54 42.81 0.12
C TYR C 39 27.68 43.74 0.50
N ARG C 40 28.60 43.97 -0.43
CA ARG C 40 29.69 44.90 -0.17
C ARG C 40 29.99 45.70 -1.43
N GLN C 41 30.42 46.93 -1.22
CA GLN C 41 30.79 47.82 -2.32
C GLN C 41 32.00 48.64 -1.91
N ALA C 42 33.04 48.56 -2.69
CA ALA C 42 34.22 49.38 -2.53
C ALA C 42 34.19 50.54 -3.52
N PRO C 43 34.84 51.66 -3.23
CA PRO C 43 34.74 52.81 -4.14
C PRO C 43 35.30 52.49 -5.53
N GLY C 44 34.54 52.85 -6.55
CA GLY C 44 34.90 52.61 -7.94
C GLY C 44 34.67 51.21 -8.44
N LYS C 45 33.98 50.37 -7.66
CA LYS C 45 33.68 49.00 -8.06
C LYS C 45 32.19 48.76 -7.92
N GLN C 46 31.74 47.61 -8.43
CA GLN C 46 30.33 47.25 -8.37
C GLN C 46 29.99 46.62 -7.04
N ARG C 47 28.76 46.89 -6.58
N ARG C 47 28.76 46.87 -6.59
CA ARG C 47 28.22 46.16 -5.44
CA ARG C 47 28.22 46.15 -5.46
C ARG C 47 28.12 44.67 -5.76
C ARG C 47 28.15 44.66 -5.77
N GLU C 48 28.61 43.85 -4.85
CA GLU C 48 28.58 42.41 -4.95
C GLU C 48 27.98 41.70 -3.76
N LEU C 49 27.37 40.57 -4.03
CA LEU C 49 26.82 39.72 -2.98
C LEU C 49 27.93 38.93 -2.31
N VAL C 50 27.90 38.90 -0.98
CA VAL C 50 28.90 38.24 -0.20
C VAL C 50 28.35 36.96 0.36
N ALA C 51 27.24 37.01 1.05
CA ALA C 51 26.62 35.83 1.64
C ALA C 51 25.13 36.07 1.76
N GLY C 52 24.37 34.98 1.71
CA GLY C 52 22.94 35.02 1.96
C GLY C 52 22.50 33.78 2.72
N ILE C 53 21.44 33.93 3.49
CA ILE C 53 20.90 32.81 4.25
C ILE C 53 19.37 32.85 4.17
N LYS C 54 18.78 31.74 3.77
CA LYS C 54 17.34 31.59 3.58
C LYS C 54 16.67 31.18 4.89
N ARG C 55 15.34 31.27 4.92
CA ARG C 55 14.61 30.81 6.09
C ARG C 55 14.86 29.32 6.35
N SER C 56 15.01 28.53 5.27
CA SER C 56 15.33 27.12 5.42
C SER C 56 16.62 26.92 6.18
N GLY C 57 17.52 27.90 6.11
CA GLY C 57 18.85 27.82 6.68
C GLY C 57 19.95 27.67 5.66
N ASP C 58 19.60 27.43 4.39
CA ASP C 58 20.60 27.30 3.35
C ASP C 58 21.33 28.62 3.14
N THR C 59 22.65 28.51 3.06
CA THR C 59 23.52 29.67 2.87
C THR C 59 24.19 29.59 1.50
N ASN C 60 24.61 30.75 1.00
CA ASN C 60 25.40 30.84 -0.23
C ASN C 60 26.42 31.97 -0.08
N TYR C 61 27.56 31.80 -0.75
CA TYR C 61 28.72 32.68 -0.58
C TYR C 61 29.32 33.04 -1.93
N ALA C 62 29.95 34.20 -2.00
CA ALA C 62 30.77 34.57 -3.16
C ALA C 62 32.08 33.78 -3.14
N ASP C 63 32.64 33.55 -4.34
CA ASP C 63 33.86 32.75 -4.46
C ASP C 63 34.99 33.31 -3.61
N SER C 64 35.21 34.63 -3.66
CA SER C 64 36.35 35.23 -2.95
C SER C 64 36.28 35.08 -1.44
N VAL C 65 35.12 34.71 -0.88
CA VAL C 65 34.97 34.62 0.57
C VAL C 65 34.62 33.22 1.04
N LYS C 66 34.43 32.28 0.16
CA LYS C 66 34.13 30.91 0.55
C LYS C 66 35.19 30.33 1.42
N GLY C 67 34.82 29.80 2.56
CA GLY C 67 35.78 29.23 3.49
C GLY C 67 36.31 30.20 4.53
N ARG C 68 36.18 31.51 4.29
CA ARG C 68 36.61 32.52 5.25
C ARG C 68 35.45 33.20 5.96
N PHE C 69 34.35 33.46 5.27
CA PHE C 69 33.20 34.14 5.84
C PHE C 69 32.10 33.14 6.16
N THR C 70 31.33 33.42 7.21
CA THR C 70 30.26 32.53 7.64
C THR C 70 29.04 33.37 8.02
N ILE C 71 27.91 33.08 7.39
CA ILE C 71 26.67 33.77 7.70
C ILE C 71 25.82 32.84 8.55
N SER C 72 25.18 33.40 9.57
CA SER C 72 24.39 32.60 10.48
C SER C 72 23.23 33.42 10.98
N ARG C 73 22.34 32.72 11.68
N ARG C 73 22.30 32.73 11.63
CA ARG C 73 21.01 33.23 11.97
CA ARG C 73 20.98 33.25 11.94
C ARG C 73 20.63 32.97 13.42
C ARG C 73 20.69 32.99 13.41
N ASP C 74 20.33 34.04 14.16
CA ASP C 74 20.00 33.90 15.57
C ASP C 74 18.54 34.31 15.71
N ASP C 75 17.64 33.33 15.72
CA ASP C 75 16.21 33.62 15.71
C ASP C 75 15.77 34.34 16.98
N ALA C 76 16.33 33.95 18.13
CA ALA C 76 15.95 34.61 19.38
C ALA C 76 16.39 36.06 19.38
N LYS C 77 17.60 36.34 18.89
CA LYS C 77 18.10 37.71 18.82
C LYS C 77 17.61 38.46 17.59
N ASN C 78 16.83 37.80 16.72
CA ASN C 78 16.35 38.41 15.48
C ASN C 78 17.50 39.01 14.69
N THR C 79 18.63 38.31 14.65
CA THR C 79 19.87 38.86 14.11
C THR C 79 20.56 37.86 13.18
N VAL C 80 21.13 38.39 12.10
CA VAL C 80 22.00 37.65 11.19
C VAL C 80 23.42 38.16 11.39
N PHE C 81 24.37 37.22 11.50
CA PHE C 81 25.77 37.53 11.77
C PHE C 81 26.61 37.19 10.55
N LEU C 82 27.62 38.02 10.29
CA LEU C 82 28.63 37.71 9.29
C LEU C 82 29.98 37.62 9.98
N GLN C 83 30.49 36.42 10.15
CA GLN C 83 31.80 36.18 10.72
C GLN C 83 32.83 36.24 9.60
N MET C 84 33.73 37.20 9.67
CA MET C 84 34.71 37.44 8.61
C MET C 84 36.09 37.11 9.16
N ASN C 85 36.63 35.97 8.71
CA ASN C 85 37.93 35.48 9.14
C ASN C 85 38.94 35.64 8.01
N SER C 86 40.21 35.73 8.39
CA SER C 86 41.33 35.72 7.44
C SER C 86 41.18 36.84 6.42
N LEU C 87 40.98 38.05 6.92
CA LEU C 87 40.71 39.18 6.03
C LEU C 87 41.98 39.60 5.30
N THR C 88 41.81 40.05 4.07
CA THR C 88 42.89 40.61 3.27
C THR C 88 42.46 42.00 2.84
N THR C 89 43.43 42.78 2.33
CA THR C 89 43.10 44.11 1.84
C THR C 89 42.05 44.09 0.74
N GLU C 90 41.88 42.94 0.08
CA GLU C 90 40.88 42.78 -0.97
C GLU C 90 39.46 42.68 -0.43
N ASP C 91 39.28 42.59 0.89
CA ASP C 91 37.96 42.60 1.51
C ASP C 91 37.53 43.99 1.96
N THR C 92 38.32 45.02 1.69
CA THR C 92 37.97 46.38 2.08
C THR C 92 36.80 46.89 1.26
N ALA C 93 35.71 47.27 1.94
CA ALA C 93 34.51 47.75 1.28
C ALA C 93 33.54 48.20 2.38
N VAL C 94 32.47 48.84 1.95
CA VAL C 94 31.34 49.10 2.84
C VAL C 94 30.40 47.90 2.73
N TYR C 95 30.04 47.32 3.86
CA TYR C 95 29.20 46.13 3.87
C TYR C 95 27.77 46.51 4.24
N TYR C 96 26.82 46.14 3.38
CA TYR C 96 25.41 46.48 3.53
C TYR C 96 24.61 45.24 3.89
N CYS C 97 23.73 45.38 4.89
CA CYS C 97 22.72 44.38 5.17
C CYS C 97 21.58 44.46 4.16
N ASN C 98 21.08 43.29 3.76
CA ASN C 98 20.04 43.20 2.74
C ASN C 98 18.94 42.25 3.21
N ALA C 99 17.69 42.70 3.11
CA ALA C 99 16.52 41.86 3.41
C ALA C 99 15.63 41.76 2.17
N GLN C 100 15.33 40.53 1.78
CA GLN C 100 14.40 40.26 0.68
C GLN C 100 13.16 39.61 1.25
N ILE C 101 12.00 40.23 1.04
CA ILE C 101 10.72 39.69 1.48
C ILE C 101 9.91 39.32 0.24
N LEU C 102 9.54 38.05 0.12
CA LEU C 102 8.78 37.58 -1.03
C LEU C 102 7.29 37.77 -0.77
N SER C 103 6.63 38.47 -1.69
CA SER C 103 5.19 38.58 -1.74
C SER C 103 4.68 37.76 -2.91
N TRP C 104 3.35 37.66 -3.02
CA TRP C 104 2.77 36.81 -4.06
C TRP C 104 3.22 37.26 -5.46
N MET C 105 3.25 38.57 -5.71
CA MET C 105 3.66 39.05 -7.02
C MET C 105 5.17 39.12 -7.20
N GLY C 106 5.93 39.02 -6.12
CA GLY C 106 7.38 39.14 -6.19
C GLY C 106 7.95 39.69 -4.90
N GLY C 107 9.29 39.80 -4.90
CA GLY C 107 10.00 40.25 -3.72
C GLY C 107 10.18 41.75 -3.63
N THR C 108 10.45 42.23 -2.42
CA THR C 108 10.83 43.61 -2.17
C THR C 108 12.17 43.65 -1.46
N ASP C 109 13.08 44.52 -1.93
CA ASP C 109 14.40 44.68 -1.35
C ASP C 109 14.41 45.78 -0.28
N TYR C 110 15.13 45.53 0.81
CA TYR C 110 15.42 46.52 1.82
C TYR C 110 16.91 46.50 2.14
N TRP C 111 17.47 47.67 2.41
CA TRP C 111 18.90 47.82 2.63
C TRP C 111 19.16 48.51 3.95
N GLY C 112 20.25 48.13 4.61
CA GLY C 112 20.72 48.85 5.76
C GLY C 112 21.58 50.03 5.35
N GLN C 113 22.04 50.76 6.35
CA GLN C 113 22.85 51.94 6.10
C GLN C 113 24.30 51.61 5.74
N GLY C 114 24.78 50.44 6.14
CA GLY C 114 26.12 50.06 5.75
C GLY C 114 27.15 50.39 6.82
N THR C 115 28.17 49.56 6.88
CA THR C 115 29.29 49.77 7.79
C THR C 115 30.60 49.62 7.03
N GLN C 116 31.56 50.50 7.32
CA GLN C 116 32.84 50.47 6.64
C GLN C 116 33.73 49.39 7.23
N VAL C 117 34.31 48.56 6.37
CA VAL C 117 35.31 47.57 6.79
C VAL C 117 36.60 47.87 6.02
N THR C 118 37.66 48.14 6.76
CA THR C 118 38.97 48.42 6.17
C THR C 118 40.00 47.44 6.69
N VAL C 119 40.70 46.80 5.76
CA VAL C 119 41.79 45.88 6.08
C VAL C 119 43.06 46.56 5.62
N SER C 120 43.96 46.83 6.55
CA SER C 120 45.17 47.57 6.22
C SER C 120 46.36 47.15 7.08
N MET D 1 6.32 32.20 -39.73
CA MET D 1 5.22 31.42 -40.25
C MET D 1 4.20 31.13 -39.15
N ALA D 2 2.92 31.38 -39.45
CA ALA D 2 1.87 31.10 -38.48
C ALA D 2 1.93 29.64 -38.04
N GLN D 3 1.84 29.41 -36.74
CA GLN D 3 1.99 28.06 -36.21
C GLN D 3 0.73 27.23 -36.37
N VAL D 4 -0.39 27.86 -36.70
CA VAL D 4 -1.60 27.15 -37.08
C VAL D 4 -2.41 28.06 -38.00
N LYS D 5 -3.09 27.46 -38.97
CA LYS D 5 -4.07 28.16 -39.77
C LYS D 5 -5.41 27.47 -39.59
N LEU D 6 -6.45 28.26 -39.39
CA LEU D 6 -7.80 27.77 -39.12
C LEU D 6 -8.73 28.15 -40.26
N GLN D 7 -9.61 27.22 -40.65
CA GLN D 7 -10.57 27.51 -41.71
C GLN D 7 -11.93 26.98 -41.27
N GLU D 8 -12.85 27.91 -41.10
CA GLU D 8 -14.23 27.59 -40.72
C GLU D 8 -15.02 27.28 -41.98
N SER D 9 -16.00 26.38 -41.83
CA SER D 9 -16.94 26.12 -42.91
C SER D 9 -18.26 25.64 -42.31
N GLY D 10 -19.30 25.69 -43.13
CA GLY D 10 -20.57 25.10 -42.78
C GLY D 10 -21.61 26.05 -42.23
N GLY D 11 -21.41 27.35 -42.38
CA GLY D 11 -22.42 28.33 -42.00
C GLY D 11 -23.47 28.44 -43.09
N GLY D 12 -24.00 29.66 -43.27
CA GLY D 12 -24.96 29.89 -44.32
C GLY D 12 -26.29 30.40 -43.78
N LEU D 13 -27.35 30.16 -44.57
CA LEU D 13 -28.68 30.68 -44.33
C LEU D 13 -29.58 29.59 -43.75
N VAL D 14 -30.29 29.91 -42.67
CA VAL D 14 -31.20 28.97 -42.04
C VAL D 14 -32.40 29.75 -41.49
N GLN D 15 -33.53 29.10 -41.42
CA GLN D 15 -34.73 29.70 -40.87
C GLN D 15 -34.77 29.49 -39.36
N PRO D 16 -35.50 30.34 -38.64
CA PRO D 16 -35.61 30.15 -37.18
C PRO D 16 -36.09 28.74 -36.86
N GLY D 17 -35.49 28.16 -35.83
CA GLY D 17 -35.72 26.78 -35.47
C GLY D 17 -34.85 25.77 -36.17
N GLY D 18 -34.13 26.17 -37.22
CA GLY D 18 -33.29 25.23 -37.94
C GLY D 18 -31.98 25.00 -37.22
N SER D 19 -31.14 24.17 -37.83
CA SER D 19 -29.91 23.72 -37.20
C SER D 19 -28.75 23.83 -38.18
N LEU D 20 -27.55 23.91 -37.61
CA LEU D 20 -26.32 23.95 -38.39
C LEU D 20 -25.20 23.28 -37.62
N ARG D 21 -24.26 22.71 -38.37
CA ARG D 21 -23.03 22.15 -37.81
C ARG D 21 -21.88 22.96 -38.37
N LEU D 22 -21.21 23.71 -37.51
CA LEU D 22 -20.05 24.45 -37.95
C LEU D 22 -18.82 23.57 -37.81
N SER D 23 -17.82 23.89 -38.61
CA SER D 23 -16.62 23.08 -38.68
C SER D 23 -15.40 23.97 -38.62
N CYS D 24 -14.35 23.47 -37.97
CA CYS D 24 -13.09 24.18 -37.88
C CYS D 24 -11.99 23.17 -38.11
N ALA D 25 -11.23 23.37 -39.19
CA ALA D 25 -10.13 22.49 -39.51
C ALA D 25 -8.84 23.19 -39.13
N SER D 26 -7.89 22.44 -38.59
CA SER D 26 -6.63 23.00 -38.15
C SER D 26 -5.52 22.44 -39.02
N SER D 27 -4.56 23.30 -39.37
CA SER D 27 -3.43 22.85 -40.18
C SER D 27 -2.46 21.99 -39.40
N VAL D 28 -2.51 22.03 -38.06
CA VAL D 28 -1.71 21.16 -37.22
C VAL D 28 -2.67 20.23 -36.47
N PRO D 29 -2.20 19.09 -35.95
CA PRO D 29 -3.11 18.23 -35.17
C PRO D 29 -3.74 18.99 -34.01
N ILE D 30 -5.06 18.81 -33.84
CA ILE D 30 -5.81 19.62 -32.88
C ILE D 30 -5.41 19.37 -31.43
N PHE D 31 -4.73 18.26 -31.13
CA PHE D 31 -4.28 18.11 -29.75
C PHE D 31 -3.10 19.02 -29.43
N ALA D 32 -2.45 19.58 -30.45
CA ALA D 32 -1.44 20.62 -30.24
C ALA D 32 -2.05 21.95 -29.82
N ILE D 33 -3.37 22.06 -29.77
CA ILE D 33 -4.05 23.30 -29.43
C ILE D 33 -4.62 23.14 -28.03
N THR D 34 -4.22 24.02 -27.13
CA THR D 34 -4.60 23.88 -25.73
C THR D 34 -6.10 24.06 -25.55
N VAL D 35 -6.64 25.16 -26.08
CA VAL D 35 -8.07 25.42 -26.04
C VAL D 35 -8.50 25.84 -27.43
N MET D 36 -9.50 25.15 -27.96
CA MET D 36 -10.18 25.56 -29.18
C MET D 36 -11.53 26.14 -28.81
N GLY D 37 -11.90 27.25 -29.44
CA GLY D 37 -13.13 27.92 -29.08
C GLY D 37 -13.83 28.51 -30.28
N TRP D 38 -15.11 28.79 -30.09
CA TRP D 38 -15.94 29.45 -31.07
C TRP D 38 -16.37 30.80 -30.55
N TYR D 39 -16.13 31.83 -31.35
CA TYR D 39 -16.56 33.19 -31.10
C TYR D 39 -17.53 33.60 -32.19
N ARG D 40 -18.27 34.67 -31.92
CA ARG D 40 -19.15 35.23 -32.93
C ARG D 40 -19.17 36.75 -32.80
N GLN D 41 -19.40 37.41 -33.92
CA GLN D 41 -19.52 38.86 -34.01
C GLN D 41 -20.73 39.16 -34.87
N ALA D 42 -21.74 39.80 -34.28
CA ALA D 42 -22.93 40.24 -34.95
C ALA D 42 -22.91 41.75 -35.13
N PRO D 43 -23.62 42.28 -36.14
CA PRO D 43 -23.65 43.73 -36.32
C PRO D 43 -24.34 44.38 -35.14
N GLY D 44 -23.69 45.40 -34.58
CA GLY D 44 -24.26 46.10 -33.44
C GLY D 44 -24.14 45.39 -32.10
N LYS D 45 -23.37 44.33 -32.02
CA LYS D 45 -23.21 43.56 -30.79
C LYS D 45 -21.73 43.39 -30.48
N GLN D 46 -21.45 42.92 -29.27
CA GLN D 46 -20.11 42.64 -28.82
C GLN D 46 -19.60 41.32 -29.35
N ARG D 47 -18.30 41.19 -29.51
CA ARG D 47 -17.76 39.88 -29.85
C ARG D 47 -17.93 38.94 -28.67
N GLU D 48 -18.55 37.79 -28.92
CA GLU D 48 -18.95 36.90 -27.85
C GLU D 48 -18.24 35.55 -27.97
N LEU D 49 -17.83 35.00 -26.82
CA LEU D 49 -17.38 33.63 -26.80
C LEU D 49 -18.61 32.75 -26.71
N VAL D 50 -18.71 31.77 -27.60
CA VAL D 50 -19.87 30.89 -27.65
C VAL D 50 -19.58 29.56 -26.99
N ALA D 51 -18.47 28.94 -27.34
CA ALA D 51 -18.08 27.67 -26.73
C ALA D 51 -16.57 27.53 -26.82
N GLY D 52 -16.02 26.80 -25.86
CA GLY D 52 -14.62 26.46 -25.88
C GLY D 52 -14.45 25.04 -25.38
N ILE D 53 -13.40 24.38 -25.86
CA ILE D 53 -13.14 22.99 -25.50
C ILE D 53 -11.63 22.81 -25.31
N LYS D 54 -11.26 22.21 -24.18
CA LYS D 54 -9.89 21.93 -23.78
C LYS D 54 -9.44 20.59 -24.33
N ARG D 55 -8.14 20.32 -24.18
CA ARG D 55 -7.56 19.05 -24.58
C ARG D 55 -8.22 17.90 -23.83
N SER D 56 -8.51 18.11 -22.54
CA SER D 56 -9.16 17.08 -21.75
C SER D 56 -10.52 16.72 -22.30
N GLY D 57 -11.17 17.66 -22.96
CA GLY D 57 -12.55 17.51 -23.41
C GLY D 57 -13.53 18.32 -22.60
N ASP D 58 -13.10 18.96 -21.51
CA ASP D 58 -13.98 19.82 -20.76
C ASP D 58 -14.41 20.99 -21.63
N THR D 59 -15.71 21.26 -21.62
CA THR D 59 -16.31 22.30 -22.43
C THR D 59 -16.87 23.40 -21.56
N ASN D 60 -17.05 24.57 -22.17
CA ASN D 60 -17.75 25.67 -21.52
C ASN D 60 -18.52 26.41 -22.60
N TYR D 61 -19.68 26.95 -22.22
CA TYR D 61 -20.61 27.54 -23.16
C TYR D 61 -21.08 28.88 -22.62
N ALA D 62 -21.46 29.77 -23.54
CA ALA D 62 -22.13 30.98 -23.13
C ALA D 62 -23.55 30.65 -22.69
N ASP D 63 -24.08 31.47 -21.77
CA ASP D 63 -25.42 31.24 -21.26
C ASP D 63 -26.46 31.24 -22.37
N SER D 64 -26.32 32.17 -23.32
CA SER D 64 -27.31 32.34 -24.37
C SER D 64 -27.44 31.12 -25.27
N VAL D 65 -26.47 30.21 -25.25
CA VAL D 65 -26.46 29.04 -26.14
C VAL D 65 -26.51 27.72 -25.38
N LYS D 66 -26.50 27.74 -24.05
CA LYS D 66 -26.55 26.51 -23.26
C LYS D 66 -27.76 25.66 -23.66
N GLY D 67 -27.51 24.39 -23.96
CA GLY D 67 -28.55 23.47 -24.33
C GLY D 67 -28.85 23.41 -25.81
N ARG D 68 -28.48 24.44 -26.57
CA ARG D 68 -28.71 24.45 -28.01
C ARG D 68 -27.44 24.18 -28.81
N PHE D 69 -26.30 24.69 -28.35
CA PHE D 69 -25.03 24.49 -29.03
C PHE D 69 -24.22 23.44 -28.30
N THR D 70 -23.42 22.70 -29.05
CA THR D 70 -22.56 21.66 -28.46
C THR D 70 -21.22 21.69 -29.18
N ILE D 71 -20.13 21.84 -28.44
CA ILE D 71 -18.79 21.85 -29.01
C ILE D 71 -18.13 20.50 -28.74
N SER D 72 -17.38 20.01 -29.73
CA SER D 72 -16.74 18.71 -29.60
C SER D 72 -15.44 18.70 -30.39
N ARG D 73 -14.57 17.75 -30.03
CA ARG D 73 -13.32 17.48 -30.73
C ARG D 73 -13.44 16.17 -31.49
N ASP D 74 -13.07 16.19 -32.77
CA ASP D 74 -12.97 14.98 -33.59
C ASP D 74 -11.51 14.85 -33.97
N ASP D 75 -10.78 14.01 -33.24
CA ASP D 75 -9.34 13.89 -33.46
C ASP D 75 -9.03 13.30 -34.83
N ALA D 76 -9.78 12.27 -35.25
CA ALA D 76 -9.51 11.62 -36.54
C ALA D 76 -9.75 12.58 -37.69
N LYS D 77 -10.82 13.35 -37.61
CA LYS D 77 -11.11 14.36 -38.60
C LYS D 77 -10.23 15.60 -38.48
N ASN D 78 -9.52 15.70 -37.36
CA ASN D 78 -8.71 16.88 -37.01
C ASN D 78 -9.56 18.15 -37.05
N THR D 79 -10.77 18.05 -36.52
CA THR D 79 -11.78 19.09 -36.64
C THR D 79 -12.47 19.29 -35.31
N VAL D 80 -12.78 20.55 -35.00
CA VAL D 80 -13.66 20.89 -33.88
C VAL D 80 -14.98 21.31 -34.47
N PHE D 81 -16.07 20.74 -33.99
CA PHE D 81 -17.40 20.99 -34.51
C PHE D 81 -18.23 21.78 -33.51
N LEU D 82 -19.06 22.69 -34.04
CA LEU D 82 -20.05 23.41 -33.25
C LEU D 82 -21.43 23.08 -33.82
N GLN D 83 -22.19 22.29 -33.09
CA GLN D 83 -23.53 21.96 -33.46
C GLN D 83 -24.45 23.02 -32.90
N MET D 84 -25.23 23.63 -33.76
CA MET D 84 -26.12 24.72 -33.37
C MET D 84 -27.57 24.31 -33.61
N ASN D 85 -28.33 24.10 -32.54
CA ASN D 85 -29.74 23.72 -32.65
C ASN D 85 -30.64 24.88 -32.22
N SER D 86 -31.88 24.82 -32.70
CA SER D 86 -32.95 25.74 -32.29
C SER D 86 -32.54 27.20 -32.47
N LEU D 87 -32.07 27.51 -33.68
CA LEU D 87 -31.53 28.81 -33.99
C LEU D 87 -32.61 29.89 -34.08
N THR D 88 -32.24 31.11 -33.70
CA THR D 88 -33.08 32.28 -33.80
C THR D 88 -32.35 33.38 -34.56
N THR D 89 -33.08 34.38 -34.99
CA THR D 89 -32.50 35.46 -35.73
C THR D 89 -31.41 36.15 -34.96
N GLU D 90 -31.47 36.08 -33.65
CA GLU D 90 -30.46 36.73 -32.84
C GLU D 90 -29.15 35.97 -32.78
N ASP D 91 -29.10 34.83 -33.43
CA ASP D 91 -27.86 34.07 -33.60
C ASP D 91 -27.15 34.42 -34.91
N THR D 92 -27.67 35.40 -35.64
CA THR D 92 -27.03 35.85 -36.87
C THR D 92 -25.73 36.57 -36.51
N ALA D 93 -24.61 36.06 -37.03
CA ALA D 93 -23.29 36.62 -36.81
C ALA D 93 -22.31 35.83 -37.68
N VAL D 94 -21.07 36.33 -37.75
CA VAL D 94 -19.96 35.56 -38.28
C VAL D 94 -19.33 34.82 -37.11
N TYR D 95 -19.12 33.51 -37.29
CA TYR D 95 -18.60 32.65 -36.24
C TYR D 95 -17.12 32.36 -36.50
N TYR D 96 -16.29 32.64 -35.49
CA TYR D 96 -14.84 32.51 -35.60
C TYR D 96 -14.36 31.31 -34.81
N CYS D 97 -13.52 30.50 -35.44
CA CYS D 97 -12.74 29.52 -34.72
C CYS D 97 -11.57 30.22 -34.06
N ASN D 98 -11.22 29.78 -32.86
CA ASN D 98 -10.14 30.38 -32.09
C ASN D 98 -9.25 29.25 -31.57
N ALA D 99 -7.96 29.37 -31.81
CA ALA D 99 -7.01 28.39 -31.35
C ALA D 99 -6.10 29.07 -30.34
N GLN D 100 -6.07 28.53 -29.13
CA GLN D 100 -5.21 29.00 -28.06
C GLN D 100 -4.13 27.95 -27.85
N ILE D 101 -2.89 28.34 -28.11
CA ILE D 101 -1.74 27.46 -27.93
C ILE D 101 -0.91 28.04 -26.78
N LEU D 102 -0.74 27.25 -25.73
CA LEU D 102 0.01 27.70 -24.57
C LEU D 102 1.49 27.39 -24.78
N SER D 103 2.34 28.41 -24.72
CA SER D 103 3.78 28.23 -24.64
C SER D 103 4.23 28.55 -23.21
N TRP D 104 5.52 28.33 -22.96
CA TRP D 104 6.03 28.47 -21.60
C TRP D 104 5.77 29.86 -21.03
N MET D 105 5.92 30.92 -21.84
CA MET D 105 5.71 32.27 -21.33
C MET D 105 4.24 32.67 -21.30
N GLY D 106 3.38 31.94 -21.96
CA GLY D 106 1.97 32.31 -22.06
C GLY D 106 1.39 31.81 -23.36
N GLY D 107 0.09 32.08 -23.54
CA GLY D 107 -0.61 31.61 -24.70
C GLY D 107 -0.51 32.54 -25.91
N THR D 108 -0.76 31.97 -27.08
CA THR D 108 -0.87 32.72 -28.31
C THR D 108 -2.24 32.42 -28.93
N ASP D 109 -2.92 33.47 -29.37
CA ASP D 109 -4.22 33.33 -30.01
C ASP D 109 -4.08 33.21 -31.52
N TYR D 110 -4.85 32.31 -32.11
CA TYR D 110 -4.97 32.21 -33.55
C TYR D 110 -6.43 32.21 -33.93
N TRP D 111 -6.74 32.87 -35.04
CA TRP D 111 -8.13 33.08 -35.44
C TRP D 111 -8.30 32.68 -36.90
N GLY D 112 -9.46 32.11 -37.21
CA GLY D 112 -9.87 31.96 -38.58
C GLY D 112 -10.57 33.22 -39.04
N GLN D 113 -10.90 33.25 -40.32
CA GLN D 113 -11.58 34.42 -40.86
C GLN D 113 -13.07 34.39 -40.56
N GLY D 114 -13.61 33.24 -40.21
CA GLY D 114 -15.01 33.20 -39.84
C GLY D 114 -15.90 32.70 -40.96
N THR D 115 -17.04 32.13 -40.58
CA THR D 115 -18.02 31.65 -41.53
C THR D 115 -19.33 32.38 -41.23
N GLN D 116 -20.02 32.81 -42.29
CA GLN D 116 -21.22 33.62 -42.13
C GLN D 116 -22.41 32.73 -41.76
N VAL D 117 -23.14 33.14 -40.73
CA VAL D 117 -24.39 32.51 -40.33
C VAL D 117 -25.49 33.55 -40.37
N THR D 118 -26.53 33.27 -41.15
CA THR D 118 -27.70 34.14 -41.24
C THR D 118 -28.94 33.33 -40.87
N VAL D 119 -29.71 33.82 -39.92
CA VAL D 119 -30.96 33.19 -39.52
C VAL D 119 -32.13 34.11 -39.84
N SER D 120 -32.97 33.70 -40.77
CA SER D 120 -34.06 34.56 -41.23
C SER D 120 -35.31 33.74 -41.58
N ALA E 1 -22.33 11.51 -0.98
CA ALA E 1 -23.26 10.44 -0.73
C ALA E 1 -23.40 9.53 -1.95
N GLU E 2 -23.45 10.14 -3.13
CA GLU E 2 -23.56 9.41 -4.37
C GLU E 2 -22.16 9.05 -4.88
N GLU E 3 -21.93 7.76 -5.12
CA GLU E 3 -20.62 7.33 -5.61
C GLU E 3 -20.37 7.82 -7.02
N PHE E 4 -21.43 7.99 -7.81
CA PHE E 4 -21.30 8.39 -9.19
C PHE E 4 -22.30 9.49 -9.52
N PRO E 5 -21.95 10.39 -10.43
CA PRO E 5 -22.87 11.48 -10.79
C PRO E 5 -24.13 10.93 -11.45
N VAL E 6 -25.28 11.39 -10.97
CA VAL E 6 -26.55 10.97 -11.54
C VAL E 6 -26.88 11.88 -12.72
N PRO E 7 -27.22 11.33 -13.89
CA PRO E 7 -27.53 12.19 -15.03
C PRO E 7 -28.81 12.96 -14.80
N ASN E 8 -28.87 14.15 -15.40
CA ASN E 8 -30.01 15.04 -15.28
C ASN E 8 -31.29 14.36 -15.76
N GLY E 9 -32.34 14.47 -14.95
CA GLY E 9 -33.61 13.82 -15.20
C GLY E 9 -33.76 12.47 -14.56
N PHE E 10 -32.74 12.00 -13.81
CA PHE E 10 -32.77 10.69 -13.19
C PHE E 10 -32.68 10.85 -11.68
N GLU E 11 -33.01 9.78 -10.95
CA GLU E 11 -33.03 9.84 -9.50
C GLU E 11 -32.35 8.61 -8.90
N SER E 12 -31.58 8.83 -7.84
CA SER E 12 -30.94 7.77 -7.09
C SER E 12 -31.86 7.40 -5.92
N ALA E 13 -32.25 6.13 -5.85
CA ALA E 13 -33.20 5.69 -4.85
C ALA E 13 -32.85 4.27 -4.44
N TYR E 14 -33.55 3.78 -3.42
CA TYR E 14 -33.34 2.43 -2.92
C TYR E 14 -34.67 1.71 -2.76
N ARG E 15 -34.63 0.39 -2.89
N ARG E 15 -34.62 0.39 -2.89
CA ARG E 15 -35.75 -0.49 -2.60
CA ARG E 15 -35.75 -0.47 -2.59
C ARG E 15 -35.22 -1.70 -1.86
C ARG E 15 -35.21 -1.69 -1.85
N GLU E 16 -35.90 -2.07 -0.78
CA GLU E 16 -35.57 -3.29 -0.07
C GLU E 16 -36.30 -4.45 -0.77
N VAL E 17 -35.56 -5.51 -1.05
CA VAL E 17 -36.06 -6.66 -1.77
C VAL E 17 -35.60 -7.89 -1.03
N ASP E 18 -36.55 -8.64 -0.48
CA ASP E 18 -36.24 -9.79 0.37
C ASP E 18 -35.20 -9.42 1.41
N GLY E 19 -35.38 -8.25 2.03
CA GLY E 19 -34.53 -7.83 3.12
C GLY E 19 -33.27 -7.10 2.71
N VAL E 20 -32.95 -7.03 1.41
CA VAL E 20 -31.71 -6.47 0.93
C VAL E 20 -31.97 -5.10 0.33
N LYS E 21 -31.26 -4.10 0.81
CA LYS E 21 -31.45 -2.74 0.36
C LYS E 21 -30.70 -2.58 -0.96
N LEU E 22 -31.44 -2.52 -2.06
CA LEU E 22 -30.85 -2.40 -3.39
C LEU E 22 -30.85 -0.94 -3.82
N HIS E 23 -29.72 -0.51 -4.37
CA HIS E 23 -29.61 0.82 -4.97
C HIS E 23 -29.83 0.74 -6.47
N TYR E 24 -30.34 1.83 -7.04
CA TYR E 24 -30.60 1.91 -8.46
C TYR E 24 -30.74 3.38 -8.86
N VAL E 25 -30.75 3.62 -10.16
CA VAL E 25 -30.96 4.94 -10.72
C VAL E 25 -32.04 4.81 -11.78
N LYS E 26 -33.06 5.67 -11.68
CA LYS E 26 -34.29 5.52 -12.44
C LYS E 26 -34.61 6.81 -13.17
N GLY E 27 -35.19 6.66 -14.37
CA GLY E 27 -35.58 7.82 -15.16
C GLY E 27 -36.44 7.41 -16.32
N GLY E 28 -37.09 8.40 -16.92
CA GLY E 28 -37.90 8.21 -18.11
C GLY E 28 -39.36 7.87 -17.83
N GLN E 29 -40.08 7.66 -18.92
CA GLN E 29 -41.47 7.26 -18.91
C GLN E 29 -41.70 6.23 -20.02
N GLY E 30 -42.69 5.36 -19.81
CA GLY E 30 -43.02 4.33 -20.76
C GLY E 30 -42.72 2.96 -20.20
N PRO E 31 -42.69 1.96 -21.08
CA PRO E 31 -42.33 0.60 -20.66
C PRO E 31 -40.95 0.56 -20.02
N LEU E 32 -40.72 -0.48 -19.22
CA LEU E 32 -39.52 -0.59 -18.40
C LEU E 32 -38.40 -1.29 -19.14
N VAL E 33 -37.20 -0.72 -19.02
CA VAL E 33 -35.96 -1.37 -19.41
C VAL E 33 -35.06 -1.38 -18.18
N MET E 34 -34.53 -2.55 -17.84
CA MET E 34 -33.59 -2.69 -16.74
C MET E 34 -32.21 -3.04 -17.30
N LEU E 35 -31.21 -2.23 -16.93
CA LEU E 35 -29.82 -2.38 -17.37
C LEU E 35 -29.01 -2.88 -16.19
N VAL E 36 -28.36 -4.04 -16.35
CA VAL E 36 -27.63 -4.69 -15.26
C VAL E 36 -26.15 -4.70 -15.58
N HIS E 37 -25.36 -4.01 -14.76
CA HIS E 37 -23.93 -3.86 -14.96
C HIS E 37 -23.18 -5.14 -14.58
N GLY E 38 -21.86 -5.10 -14.78
CA GLY E 38 -21.00 -6.23 -14.49
C GLY E 38 -19.85 -5.94 -13.54
N PHE E 39 -18.86 -6.82 -13.53
CA PHE E 39 -17.75 -6.73 -12.58
C PHE E 39 -16.91 -5.48 -12.81
N GLY E 40 -16.40 -4.93 -11.72
CA GLY E 40 -15.54 -3.77 -11.80
C GLY E 40 -16.27 -2.46 -12.02
N GLN E 41 -17.58 -2.48 -12.20
CA GLN E 41 -18.33 -1.26 -12.47
C GLN E 41 -19.61 -1.26 -11.65
N THR E 42 -20.45 -0.29 -11.93
CA THR E 42 -21.71 -0.08 -11.23
C THR E 42 -22.75 0.31 -12.28
N TRP E 43 -23.92 0.77 -11.80
CA TRP E 43 -24.95 1.28 -12.71
C TRP E 43 -24.39 2.32 -13.66
N TYR E 44 -23.30 2.99 -13.25
CA TYR E 44 -22.81 4.17 -13.95
C TYR E 44 -22.28 3.86 -15.34
N GLU E 45 -21.96 2.61 -15.64
CA GLU E 45 -21.53 2.31 -17.00
C GLU E 45 -22.65 2.56 -18.00
N TRP E 46 -23.90 2.61 -17.54
CA TRP E 46 -25.05 2.82 -18.39
C TRP E 46 -25.43 4.29 -18.55
N HIS E 47 -24.68 5.21 -17.94
CA HIS E 47 -25.15 6.60 -17.82
C HIS E 47 -25.18 7.33 -19.17
N GLN E 48 -24.56 6.80 -20.22
CA GLN E 48 -24.72 7.41 -21.53
C GLN E 48 -25.90 6.84 -22.30
N LEU E 49 -26.19 5.55 -22.12
CA LEU E 49 -27.34 4.94 -22.79
C LEU E 49 -28.65 5.31 -22.12
N MET E 50 -28.61 5.61 -20.81
CA MET E 50 -29.84 5.89 -20.08
C MET E 50 -30.62 7.09 -20.61
N PRO E 51 -30.00 8.25 -20.86
CA PRO E 51 -30.79 9.39 -21.39
C PRO E 51 -31.40 9.13 -22.75
N GLU E 52 -30.76 8.30 -23.58
CA GLU E 52 -31.33 7.96 -24.88
C GLU E 52 -32.55 7.07 -24.71
N LEU E 53 -32.45 6.06 -23.85
CA LEU E 53 -33.56 5.14 -23.62
C LEU E 53 -34.70 5.85 -22.90
N ALA E 54 -34.38 6.85 -22.07
CA ALA E 54 -35.40 7.56 -21.31
C ALA E 54 -36.35 8.34 -22.22
N LYS E 55 -35.96 8.56 -23.48
CA LYS E 55 -36.85 9.24 -24.41
C LYS E 55 -38.07 8.39 -24.74
N ARG E 56 -37.99 7.08 -24.56
CA ARG E 56 -39.11 6.21 -24.88
C ARG E 56 -39.42 5.19 -23.81
N PHE E 57 -38.62 5.09 -22.76
CA PHE E 57 -38.77 4.00 -21.81
C PHE E 57 -38.60 4.55 -20.41
N THR E 58 -39.04 3.75 -19.45
CA THR E 58 -38.61 3.93 -18.07
C THR E 58 -37.35 3.09 -17.90
N VAL E 59 -36.28 3.74 -17.48
CA VAL E 59 -34.96 3.13 -17.38
C VAL E 59 -34.58 3.00 -15.92
N ILE E 60 -34.23 1.78 -15.50
CA ILE E 60 -33.74 1.51 -14.16
C ILE E 60 -32.41 0.76 -14.28
N ALA E 61 -31.39 1.27 -13.58
CA ALA E 61 -30.06 0.67 -13.56
C ALA E 61 -29.70 0.34 -12.12
N PRO E 62 -29.84 -0.90 -11.69
CA PRO E 62 -29.50 -1.25 -10.31
C PRO E 62 -28.02 -1.54 -10.14
N ASP E 63 -27.54 -1.34 -8.92
CA ASP E 63 -26.24 -1.84 -8.52
C ASP E 63 -26.40 -3.28 -8.07
N LEU E 64 -25.54 -4.15 -8.57
CA LEU E 64 -25.59 -5.54 -8.15
C LEU E 64 -25.43 -5.64 -6.63
N PRO E 65 -26.06 -6.63 -6.00
CA PRO E 65 -25.90 -6.82 -4.56
C PRO E 65 -24.45 -6.85 -4.14
N GLY E 66 -24.12 -6.05 -3.11
CA GLY E 66 -22.78 -5.96 -2.62
C GLY E 66 -21.90 -4.98 -3.38
N LEU E 67 -22.24 -4.63 -4.61
CA LEU E 67 -21.50 -3.70 -5.44
C LEU E 67 -22.20 -2.34 -5.47
N GLY E 68 -21.44 -1.33 -5.90
CA GLY E 68 -21.99 0.02 -5.89
C GLY E 68 -22.50 0.38 -4.51
N GLN E 69 -23.74 0.88 -4.46
CA GLN E 69 -24.36 1.27 -3.21
C GLN E 69 -25.45 0.29 -2.78
N SER E 70 -25.45 -0.91 -3.34
CA SER E 70 -26.39 -1.95 -2.94
C SER E 70 -25.77 -2.84 -1.86
N GLU E 71 -26.63 -3.38 -1.03
CA GLU E 71 -26.21 -4.23 0.07
C GLU E 71 -25.90 -5.64 -0.43
N PRO E 72 -25.03 -6.38 0.27
CA PRO E 72 -24.74 -7.75 -0.13
C PRO E 72 -25.99 -8.59 -0.14
N PRO E 73 -26.04 -9.64 -0.97
CA PRO E 73 -27.18 -10.55 -0.92
C PRO E 73 -27.21 -11.29 0.40
N LYS E 74 -28.41 -11.62 0.83
CA LYS E 74 -28.66 -12.39 2.02
C LYS E 74 -28.78 -13.89 1.77
N THR E 75 -29.12 -14.29 0.56
CA THR E 75 -29.18 -15.71 0.21
C THR E 75 -27.81 -16.21 -0.23
N GLY E 76 -27.28 -15.65 -1.31
CA GLY E 76 -25.99 -16.06 -1.82
C GLY E 76 -25.70 -15.36 -3.13
N TYR E 77 -24.55 -15.70 -3.71
CA TYR E 77 -24.06 -15.05 -4.92
C TYR E 77 -24.20 -15.89 -6.18
N SER E 78 -24.81 -17.08 -6.10
CA SER E 78 -25.04 -17.83 -7.31
C SER E 78 -26.02 -17.09 -8.22
N GLY E 79 -25.98 -17.44 -9.51
CA GLY E 79 -26.82 -16.76 -10.48
C GLY E 79 -28.30 -16.84 -10.16
N GLU E 80 -28.76 -18.03 -9.77
CA GLU E 80 -30.17 -18.21 -9.46
C GLU E 80 -30.59 -17.35 -8.27
N GLN E 81 -29.74 -17.28 -7.24
CA GLN E 81 -30.07 -16.51 -6.05
C GLN E 81 -30.15 -15.02 -6.33
N VAL E 82 -29.16 -14.49 -7.06
CA VAL E 82 -29.13 -13.04 -7.30
C VAL E 82 -30.25 -12.65 -8.26
N ALA E 83 -30.62 -13.54 -9.18
CA ALA E 83 -31.70 -13.25 -10.11
C ALA E 83 -33.01 -12.99 -9.37
N VAL E 84 -33.18 -13.57 -8.18
CA VAL E 84 -34.41 -13.33 -7.41
C VAL E 84 -34.53 -11.85 -7.07
N TYR E 85 -33.44 -11.25 -6.58
CA TYR E 85 -33.47 -9.84 -6.20
C TYR E 85 -33.77 -8.95 -7.40
N LEU E 86 -33.16 -9.25 -8.54
CA LEU E 86 -33.31 -8.37 -9.70
C LEU E 86 -34.69 -8.51 -10.33
N HIS E 87 -35.23 -9.73 -10.35
CA HIS E 87 -36.57 -9.92 -10.88
C HIS E 87 -37.61 -9.16 -10.05
N LYS E 88 -37.57 -9.34 -8.73
CA LYS E 88 -38.54 -8.68 -7.86
C LYS E 88 -38.41 -7.17 -7.92
N LEU E 89 -37.18 -6.65 -8.10
CA LEU E 89 -37.01 -5.21 -8.23
C LEU E 89 -37.65 -4.72 -9.52
N ALA E 90 -37.51 -5.46 -10.62
CA ALA E 90 -38.12 -5.05 -11.87
C ALA E 90 -39.64 -5.14 -11.79
N ARG E 91 -40.15 -6.19 -11.25
CA ARG E 91 -41.54 -6.37 -11.16
C ARG E 91 -42.21 -5.37 -10.28
N GLN E 92 -41.50 -4.81 -9.32
CA GLN E 92 -42.09 -3.74 -8.52
C GLN E 92 -42.41 -2.53 -9.36
N PHE E 93 -41.63 -2.28 -10.42
CA PHE E 93 -41.82 -1.10 -11.24
C PHE E 93 -42.60 -1.36 -12.52
N SER E 94 -42.72 -2.62 -12.93
CA SER E 94 -43.54 -2.99 -14.09
C SER E 94 -44.33 -4.24 -13.72
N PRO E 95 -45.27 -4.12 -12.76
CA PRO E 95 -45.98 -5.31 -12.27
C PRO E 95 -46.98 -5.89 -13.26
N ASP E 96 -47.44 -5.09 -14.24
CA ASP E 96 -48.54 -5.47 -15.11
C ASP E 96 -48.11 -5.80 -16.53
N ARG E 97 -46.96 -5.30 -16.98
CA ARG E 97 -46.40 -5.47 -18.31
C ARG E 97 -45.03 -6.14 -18.27
N PRO E 98 -44.66 -6.87 -19.32
CA PRO E 98 -43.28 -7.37 -19.41
C PRO E 98 -42.32 -6.20 -19.56
N PHE E 99 -41.04 -6.44 -19.24
CA PHE E 99 -40.01 -5.42 -19.37
C PHE E 99 -38.88 -5.94 -20.23
N ASP E 100 -37.99 -5.03 -20.63
CA ASP E 100 -36.80 -5.36 -21.39
C ASP E 100 -35.59 -5.46 -20.47
N LEU E 101 -34.65 -6.33 -20.83
CA LEU E 101 -33.44 -6.57 -20.05
C LEU E 101 -32.20 -6.38 -20.90
N VAL E 102 -31.29 -5.54 -20.42
CA VAL E 102 -29.96 -5.37 -20.97
C VAL E 102 -28.96 -5.69 -19.87
N ALA E 103 -28.02 -6.60 -20.14
CA ALA E 103 -27.11 -7.08 -19.11
C ALA E 103 -25.70 -7.23 -19.69
N HIS E 104 -24.70 -6.91 -18.85
CA HIS E 104 -23.30 -6.88 -19.24
C HIS E 104 -22.45 -7.66 -18.23
N ASP E 105 -21.58 -8.52 -18.73
CA ASP E 105 -20.60 -9.26 -17.93
C ASP E 105 -21.38 -10.09 -16.90
N ILE E 106 -21.02 -10.05 -15.61
CA ILE E 106 -21.69 -10.89 -14.62
C ILE E 106 -23.14 -10.50 -14.40
N GLY E 107 -23.58 -9.36 -14.94
CA GLY E 107 -25.00 -9.09 -15.01
C GLY E 107 -25.76 -10.15 -15.77
N ILE E 108 -25.11 -10.78 -16.75
CA ILE E 108 -25.69 -11.93 -17.43
C ILE E 108 -25.83 -13.10 -16.46
N TRP E 109 -24.77 -13.39 -15.69
CA TRP E 109 -24.83 -14.48 -14.72
C TRP E 109 -26.00 -14.29 -13.75
N ASN E 110 -26.29 -13.04 -13.40
CA ASN E 110 -27.23 -12.75 -12.33
C ASN E 110 -28.66 -12.51 -12.84
N THR E 111 -28.89 -12.61 -14.14
CA THR E 111 -30.23 -12.45 -14.68
C THR E 111 -30.74 -13.65 -15.46
N TYR E 112 -29.86 -14.45 -16.04
CA TYR E 112 -30.31 -15.57 -16.88
C TYR E 112 -31.32 -16.48 -16.18
N PRO E 113 -31.11 -16.92 -14.93
CA PRO E 113 -32.15 -17.71 -14.27
C PRO E 113 -33.50 -16.99 -14.17
N MET E 114 -33.51 -15.72 -13.79
CA MET E 114 -34.74 -14.92 -13.86
C MET E 114 -35.38 -15.01 -15.24
N VAL E 115 -34.59 -14.90 -16.30
CA VAL E 115 -35.15 -14.83 -17.65
C VAL E 115 -35.77 -16.18 -18.02
N VAL E 116 -35.02 -17.28 -17.84
CA VAL E 116 -35.52 -18.59 -18.27
C VAL E 116 -36.69 -19.06 -17.41
N LYS E 117 -36.81 -18.57 -16.16
CA LYS E 117 -37.88 -18.97 -15.27
C LYS E 117 -39.11 -18.07 -15.35
N ASN E 118 -39.01 -16.92 -16.01
CA ASN E 118 -40.11 -15.95 -16.08
C ASN E 118 -40.17 -15.35 -17.48
N GLN E 119 -40.17 -16.20 -18.51
CA GLN E 119 -40.05 -15.71 -19.88
C GLN E 119 -41.17 -14.72 -20.23
N ALA E 120 -42.37 -14.93 -19.72
CA ALA E 120 -43.49 -14.03 -20.01
C ALA E 120 -43.25 -12.62 -19.49
N ASP E 121 -42.33 -12.47 -18.53
CA ASP E 121 -42.00 -11.17 -17.96
C ASP E 121 -40.92 -10.42 -18.73
N ILE E 122 -40.25 -11.07 -19.67
CA ILE E 122 -39.13 -10.49 -20.39
C ILE E 122 -39.57 -10.32 -21.84
N ALA E 123 -39.80 -9.07 -22.25
CA ALA E 123 -40.20 -8.81 -23.64
C ALA E 123 -39.04 -9.01 -24.60
N ARG E 124 -37.96 -8.27 -24.36
CA ARG E 124 -36.78 -8.29 -25.20
C ARG E 124 -35.49 -8.29 -24.40
N LEU E 125 -34.47 -8.96 -24.90
CA LEU E 125 -33.28 -9.28 -24.13
C LEU E 125 -32.01 -8.93 -24.90
N VAL E 126 -31.10 -8.21 -24.25
CA VAL E 126 -29.79 -7.88 -24.81
C VAL E 126 -28.72 -8.35 -23.84
N TYR E 127 -27.80 -9.19 -24.34
CA TYR E 127 -26.70 -9.71 -23.55
C TYR E 127 -25.37 -9.32 -24.19
N MET E 128 -24.42 -8.86 -23.39
CA MET E 128 -23.15 -8.40 -23.95
C MET E 128 -21.97 -8.74 -23.05
N GLU E 129 -20.93 -9.29 -23.66
CA GLU E 129 -19.59 -9.40 -23.07
C GLU E 129 -19.47 -10.26 -21.81
N ALA E 130 -19.90 -11.50 -21.92
CA ALA E 130 -19.57 -12.55 -20.95
C ALA E 130 -20.36 -13.80 -21.24
N PRO E 131 -19.77 -14.96 -20.95
CA PRO E 131 -20.50 -16.21 -21.12
C PRO E 131 -21.53 -16.43 -20.04
N ILE E 132 -22.61 -17.11 -20.41
CA ILE E 132 -23.50 -17.70 -19.41
C ILE E 132 -22.74 -18.82 -18.69
N PRO E 133 -22.82 -18.90 -17.37
CA PRO E 133 -22.10 -19.99 -16.68
C PRO E 133 -22.56 -21.38 -17.11
N ASP E 134 -21.71 -22.07 -17.85
CA ASP E 134 -21.91 -23.47 -18.20
C ASP E 134 -20.54 -24.09 -18.44
N ALA E 135 -20.52 -25.36 -18.83
CA ALA E 135 -19.26 -26.08 -18.95
C ALA E 135 -18.33 -25.49 -20.01
N ARG E 136 -18.83 -24.62 -20.88
CA ARG E 136 -17.96 -24.00 -21.88
C ARG E 136 -16.87 -23.16 -21.25
N ILE E 137 -17.15 -22.58 -20.07
CA ILE E 137 -16.16 -21.71 -19.44
C ILE E 137 -14.91 -22.47 -19.04
N TYR E 138 -15.00 -23.79 -18.93
CA TYR E 138 -13.81 -24.58 -18.60
C TYR E 138 -12.84 -24.71 -19.75
N ARG E 139 -13.18 -24.18 -20.94
CA ARG E 139 -12.32 -24.22 -22.10
C ARG E 139 -11.55 -22.92 -22.32
N PHE E 140 -11.80 -21.90 -21.51
CA PHE E 140 -11.04 -20.67 -21.59
C PHE E 140 -9.56 -20.96 -21.27
N PRO E 141 -8.63 -20.33 -21.96
CA PRO E 141 -7.21 -20.65 -21.76
C PRO E 141 -6.60 -19.92 -20.58
N ALA E 142 -5.76 -20.63 -19.83
CA ALA E 142 -5.01 -20.01 -18.75
C ALA E 142 -3.88 -19.14 -19.26
N PHE E 143 -3.47 -19.33 -20.51
CA PHE E 143 -2.32 -18.65 -21.10
C PHE E 143 -2.46 -18.76 -22.61
N THR E 144 -1.98 -17.73 -23.32
CA THR E 144 -2.18 -17.65 -24.76
C THR E 144 -0.86 -17.35 -25.45
N ALA E 145 -0.87 -17.51 -26.78
CA ALA E 145 0.27 -17.13 -27.60
C ALA E 145 0.53 -15.63 -27.57
N GLN E 146 -0.41 -14.84 -27.05
CA GLN E 146 -0.23 -13.40 -26.95
C GLN E 146 0.13 -12.94 -25.55
N GLY E 147 0.41 -13.88 -24.64
CA GLY E 147 0.71 -13.54 -23.27
C GLY E 147 -0.47 -13.75 -22.34
N GLU E 148 -0.60 -12.89 -21.34
CA GLU E 148 -1.65 -12.98 -20.34
C GLU E 148 -3.03 -13.16 -20.96
N SER E 149 -3.71 -14.22 -20.58
CA SER E 149 -5.06 -14.42 -21.07
C SER E 149 -6.02 -13.44 -20.39
N LEU E 150 -7.20 -13.32 -20.96
CA LEU E 150 -8.24 -12.43 -20.46
C LEU E 150 -9.11 -13.08 -19.40
N VAL E 151 -8.87 -14.34 -19.09
CA VAL E 151 -9.78 -15.07 -18.22
C VAL E 151 -9.14 -15.69 -16.97
N TRP E 152 -7.84 -15.54 -16.81
CA TRP E 152 -7.19 -16.03 -15.60
C TRP E 152 -7.76 -15.52 -14.29
N HIS E 153 -8.44 -14.36 -14.31
CA HIS E 153 -9.04 -13.84 -13.08
C HIS E 153 -10.13 -14.75 -12.53
N PHE E 154 -10.75 -15.59 -13.38
CA PHE E 154 -11.75 -16.54 -12.89
C PHE E 154 -11.19 -17.36 -11.74
N SER E 155 -9.99 -17.93 -11.92
CA SER E 155 -9.39 -18.74 -10.86
C SER E 155 -8.76 -17.87 -9.79
N PHE E 156 -8.20 -16.72 -10.16
CA PHE E 156 -7.68 -15.78 -9.18
C PHE E 156 -8.78 -15.38 -8.19
N PHE E 157 -9.95 -15.01 -8.70
CA PHE E 157 -11.03 -14.57 -7.84
C PHE E 157 -11.63 -15.72 -7.04
N ALA E 158 -11.68 -16.93 -7.61
CA ALA E 158 -12.31 -18.06 -6.94
C ALA E 158 -11.38 -18.76 -5.97
N ALA E 159 -10.11 -18.37 -5.90
CA ALA E 159 -9.13 -19.00 -5.04
C ALA E 159 -9.53 -18.90 -3.56
N ASP E 160 -9.06 -19.88 -2.79
CA ASP E 160 -9.28 -19.99 -1.36
C ASP E 160 -8.42 -18.95 -0.62
N ASP E 161 -8.58 -18.92 0.71
CA ASP E 161 -7.76 -18.13 1.61
C ASP E 161 -7.93 -16.62 1.44
N ARG E 162 -8.99 -16.18 0.77
CA ARG E 162 -9.14 -14.77 0.42
C ARG E 162 -7.90 -14.26 -0.30
N LEU E 163 -7.38 -15.07 -1.22
CA LEU E 163 -6.17 -14.71 -1.95
C LEU E 163 -6.34 -13.37 -2.64
N ALA E 164 -7.42 -13.20 -3.39
CA ALA E 164 -7.61 -11.97 -4.15
C ALA E 164 -7.78 -10.77 -3.22
N GLU E 165 -8.61 -10.90 -2.18
CA GLU E 165 -8.74 -9.82 -1.20
C GLU E 165 -7.39 -9.50 -0.57
N THR E 166 -6.65 -10.53 -0.13
CA THR E 166 -5.38 -10.28 0.54
C THR E 166 -4.39 -9.61 -0.41
N LEU E 167 -4.33 -10.06 -1.67
CA LEU E 167 -3.36 -9.48 -2.60
C LEU E 167 -3.80 -8.13 -3.12
N ILE E 168 -5.11 -7.91 -3.31
CA ILE E 168 -5.55 -6.67 -3.92
C ILE E 168 -5.76 -5.56 -2.89
N ALA E 169 -6.12 -5.91 -1.66
CA ALA E 169 -6.32 -4.90 -0.62
C ALA E 169 -5.05 -4.08 -0.47
N GLY E 170 -5.21 -2.75 -0.46
CA GLY E 170 -4.08 -1.83 -0.50
C GLY E 170 -3.58 -1.51 -1.89
N LYS E 171 -4.08 -2.20 -2.92
CA LYS E 171 -3.70 -1.98 -4.29
C LYS E 171 -4.93 -2.01 -5.20
N GLU E 172 -6.08 -1.60 -4.67
CA GLU E 172 -7.35 -1.75 -5.39
C GLU E 172 -7.36 -0.95 -6.69
N ARG E 173 -6.86 0.28 -6.65
CA ARG E 173 -6.78 1.08 -7.87
C ARG E 173 -5.81 0.46 -8.87
N PHE E 174 -4.64 -0.01 -8.39
CA PHE E 174 -3.67 -0.58 -9.31
C PHE E 174 -4.26 -1.77 -10.05
N PHE E 175 -4.88 -2.68 -9.31
CA PHE E 175 -5.40 -3.89 -9.95
C PHE E 175 -6.54 -3.59 -10.90
N LEU E 176 -7.51 -2.76 -10.47
CA LEU E 176 -8.67 -2.51 -11.32
C LEU E 176 -8.27 -1.78 -12.60
N GLU E 177 -7.33 -0.84 -12.51
CA GLU E 177 -6.85 -0.17 -13.72
C GLU E 177 -6.19 -1.17 -14.66
N HIS E 178 -5.39 -2.09 -14.11
CA HIS E 178 -4.79 -3.12 -14.95
C HIS E 178 -5.85 -4.02 -15.56
N PHE E 179 -6.85 -4.43 -14.75
CA PHE E 179 -7.90 -5.29 -15.26
C PHE E 179 -8.71 -4.60 -16.36
N ILE E 180 -9.11 -3.35 -16.11
CA ILE E 180 -9.91 -2.63 -17.10
C ILE E 180 -9.12 -2.44 -18.39
N LYS E 181 -7.89 -1.93 -18.27
CA LYS E 181 -7.11 -1.61 -19.45
C LYS E 181 -6.73 -2.86 -20.22
N SER E 182 -6.39 -3.94 -19.51
CA SER E 182 -6.03 -5.16 -20.24
C SER E 182 -7.22 -5.80 -20.92
N HIS E 183 -8.45 -5.43 -20.55
CA HIS E 183 -9.64 -5.91 -21.22
C HIS E 183 -10.25 -4.89 -22.17
N ALA E 184 -9.57 -3.76 -22.39
CA ALA E 184 -10.10 -2.71 -23.25
C ALA E 184 -9.27 -2.60 -24.52
N SER E 185 -9.95 -2.22 -25.62
CA SER E 185 -9.27 -1.79 -26.84
C SER E 185 -9.06 -0.29 -26.85
N ASN E 186 -10.06 0.45 -26.38
CA ASN E 186 -10.02 1.90 -26.35
C ASN E 186 -9.80 2.28 -24.89
N THR E 187 -8.52 2.39 -24.48
CA THR E 187 -8.19 2.73 -23.10
C THR E 187 -8.27 4.22 -22.84
N GLU E 188 -8.35 5.03 -23.88
CA GLU E 188 -8.44 6.47 -23.77
C GLU E 188 -9.66 6.89 -23.00
N VAL E 189 -10.76 6.21 -23.23
CA VAL E 189 -12.00 6.58 -22.58
C VAL E 189 -11.95 6.36 -21.07
N PHE E 190 -10.98 5.59 -20.56
CA PHE E 190 -10.89 5.39 -19.11
C PHE E 190 -9.93 6.42 -18.55
N SER E 191 -10.49 7.61 -18.27
CA SER E 191 -9.71 8.72 -17.74
C SER E 191 -9.37 8.47 -16.28
N GLU E 192 -8.50 9.33 -15.75
CA GLU E 192 -8.17 9.26 -14.33
C GLU E 192 -9.42 9.43 -13.46
N ARG E 193 -10.36 10.29 -13.89
CA ARG E 193 -11.57 10.51 -13.10
C ARG E 193 -12.43 9.26 -13.06
N LEU E 194 -12.62 8.63 -14.22
CA LEU E 194 -13.48 7.46 -14.29
C LEU E 194 -12.85 6.28 -13.55
N LEU E 195 -11.54 6.09 -13.70
CA LEU E 195 -10.86 5.02 -12.98
C LEU E 195 -10.95 5.24 -11.47
N ASP E 196 -10.85 6.49 -11.02
CA ASP E 196 -10.96 6.77 -9.59
C ASP E 196 -12.35 6.43 -9.06
N LEU E 197 -13.38 6.81 -9.84
CA LEU E 197 -14.74 6.53 -9.38
C LEU E 197 -14.98 5.03 -9.23
N TYR E 198 -14.60 4.25 -10.25
CA TYR E 198 -14.79 2.80 -10.16
C TYR E 198 -13.93 2.19 -9.06
N ALA E 199 -12.66 2.62 -8.97
CA ALA E 199 -11.75 2.05 -7.98
C ALA E 199 -12.23 2.33 -6.56
N ARG E 200 -12.73 3.53 -6.33
CA ARG E 200 -13.23 3.93 -5.01
C ARG E 200 -14.45 3.13 -4.59
N SER E 201 -15.30 2.77 -5.55
CA SER E 201 -16.52 2.03 -5.23
C SER E 201 -16.22 0.59 -4.90
N TYR E 202 -15.46 -0.10 -5.75
CA TYR E 202 -15.27 -1.52 -5.51
C TYR E 202 -14.20 -1.79 -4.45
N ALA E 203 -13.49 -0.76 -4.02
CA ALA E 203 -12.53 -0.89 -2.91
C ALA E 203 -13.21 -0.94 -1.54
N LYS E 204 -14.50 -0.58 -1.44
CA LYS E 204 -15.20 -0.78 -0.18
C LYS E 204 -15.07 -2.24 0.21
N PRO E 205 -14.62 -2.54 1.43
CA PRO E 205 -14.31 -3.94 1.77
C PRO E 205 -15.39 -4.94 1.41
N HIS E 206 -16.66 -4.64 1.72
CA HIS E 206 -17.71 -5.60 1.38
C HIS E 206 -17.94 -5.69 -0.13
N SER E 207 -17.61 -4.62 -0.88
CA SER E 207 -17.77 -4.68 -2.33
C SER E 207 -16.63 -5.45 -2.98
N LEU E 208 -15.41 -5.26 -2.48
CA LEU E 208 -14.28 -6.04 -2.96
C LEU E 208 -14.52 -7.53 -2.77
N ASN E 209 -15.01 -7.91 -1.59
CA ASN E 209 -15.32 -9.32 -1.34
C ASN E 209 -16.50 -9.79 -2.17
N ALA E 210 -17.57 -9.01 -2.20
CA ALA E 210 -18.74 -9.40 -2.99
C ALA E 210 -18.34 -9.64 -4.45
N SER E 211 -17.47 -8.80 -4.99
CA SER E 211 -17.00 -8.98 -6.36
C SER E 211 -16.47 -10.39 -6.59
N PHE E 212 -15.67 -10.91 -5.66
CA PHE E 212 -15.08 -12.23 -5.86
C PHE E 212 -16.06 -13.35 -5.54
N GLU E 213 -17.02 -13.11 -4.65
CA GLU E 213 -17.99 -14.15 -4.30
C GLU E 213 -18.83 -14.55 -5.51
N TYR E 214 -19.07 -13.62 -6.43
CA TYR E 214 -19.74 -13.96 -7.68
C TYR E 214 -18.97 -15.03 -8.44
N TYR E 215 -17.63 -14.95 -8.44
CA TYR E 215 -16.80 -15.97 -9.08
C TYR E 215 -16.68 -17.23 -8.24
N ARG E 216 -16.76 -17.10 -6.92
CA ARG E 216 -16.70 -18.24 -6.03
C ARG E 216 -17.97 -19.08 -6.16
N ALA E 217 -19.05 -18.45 -6.58
CA ALA E 217 -20.33 -19.12 -6.76
C ALA E 217 -20.51 -19.62 -8.19
N LEU E 218 -19.46 -19.50 -9.01
CA LEU E 218 -19.59 -19.77 -10.44
C LEU E 218 -19.87 -21.24 -10.72
N ASN E 219 -19.17 -22.16 -10.02
CA ASN E 219 -19.42 -23.58 -10.21
C ASN E 219 -20.86 -23.94 -9.86
N GLU E 220 -21.39 -23.36 -8.78
CA GLU E 220 -22.77 -23.61 -8.42
C GLU E 220 -23.73 -23.05 -9.47
N SER E 221 -23.38 -21.90 -10.06
CA SER E 221 -24.21 -21.35 -11.11
C SER E 221 -24.22 -22.25 -12.34
N VAL E 222 -23.07 -22.86 -12.66
CA VAL E 222 -23.01 -23.83 -13.75
C VAL E 222 -24.02 -24.95 -13.52
N ARG E 223 -24.04 -25.51 -12.30
CA ARG E 223 -24.97 -26.58 -11.98
C ARG E 223 -26.42 -26.12 -12.12
N GLN E 224 -26.72 -24.92 -11.62
CA GLN E 224 -28.07 -24.37 -11.75
C GLN E 224 -28.47 -24.23 -13.22
N ASN E 225 -27.58 -23.66 -14.03
CA ASN E 225 -27.88 -23.41 -15.43
C ASN E 225 -27.92 -24.67 -16.27
N ALA E 226 -27.26 -25.74 -15.84
CA ALA E 226 -27.34 -27.00 -16.58
C ALA E 226 -28.77 -27.52 -16.58
N GLU E 227 -29.53 -27.18 -15.56
CA GLU E 227 -30.89 -27.61 -15.48
C GLU E 227 -31.82 -26.61 -16.11
N LEU E 228 -31.54 -25.35 -15.90
CA LEU E 228 -32.32 -24.26 -16.47
C LEU E 228 -32.26 -24.28 -18.00
N ALA E 229 -31.09 -24.62 -18.54
CA ALA E 229 -30.94 -24.59 -20.00
C ALA E 229 -31.80 -25.59 -20.75
N LYS E 230 -32.47 -26.50 -20.04
CA LYS E 230 -33.37 -27.43 -20.71
C LYS E 230 -34.50 -26.71 -21.42
N THR E 231 -34.83 -25.50 -20.98
CA THR E 231 -35.85 -24.68 -21.60
C THR E 231 -35.18 -23.56 -22.37
N ARG E 232 -35.37 -23.49 -23.68
CA ARG E 232 -34.81 -22.42 -24.51
C ARG E 232 -35.51 -21.08 -24.39
N LEU E 233 -34.76 -20.00 -24.45
CA LEU E 233 -35.33 -18.68 -24.43
C LEU E 233 -36.06 -18.43 -25.74
N GLN E 234 -37.23 -17.79 -25.65
CA GLN E 234 -38.07 -17.57 -26.82
C GLN E 234 -38.27 -16.11 -27.22
N MET E 235 -37.89 -15.19 -26.34
CA MET E 235 -38.11 -13.78 -26.62
C MET E 235 -37.02 -13.37 -27.61
N PRO E 236 -37.24 -12.30 -28.36
CA PRO E 236 -36.19 -11.79 -29.25
C PRO E 236 -34.96 -11.39 -28.45
N THR E 237 -33.79 -11.77 -28.96
CA THR E 237 -32.54 -11.64 -28.21
C THR E 237 -31.47 -11.08 -29.14
N MET E 238 -30.68 -10.15 -28.60
CA MET E 238 -29.50 -9.63 -29.26
C MET E 238 -28.29 -9.82 -28.38
N THR E 239 -27.17 -10.23 -28.99
CA THR E 239 -25.91 -10.30 -28.28
C THR E 239 -24.94 -9.28 -28.87
N LEU E 240 -24.13 -8.69 -28.00
CA LEU E 240 -23.10 -7.75 -28.40
C LEU E 240 -21.75 -8.24 -27.87
N ALA E 241 -20.71 -7.99 -28.65
CA ALA E 241 -19.36 -8.38 -28.24
C ALA E 241 -18.36 -7.47 -28.94
N GLY E 242 -17.23 -7.23 -28.27
CA GLY E 242 -16.14 -6.49 -28.87
C GLY E 242 -15.26 -7.39 -29.73
N GLY E 243 -14.88 -6.87 -30.90
CA GLY E 243 -14.00 -7.56 -31.80
C GLY E 243 -12.54 -7.15 -31.68
N GLY E 244 -12.23 -6.17 -30.85
CA GLY E 244 -10.86 -5.81 -30.54
C GLY E 244 -10.33 -6.59 -29.35
N HIS E 245 -9.12 -6.22 -28.95
CA HIS E 245 -8.48 -6.87 -27.80
C HIS E 245 -9.37 -6.75 -26.56
N GLY E 246 -9.59 -7.86 -25.89
CA GLY E 246 -10.32 -7.87 -24.64
C GLY E 246 -11.76 -8.31 -24.72
N GLY E 247 -12.33 -8.42 -25.94
CA GLY E 247 -13.73 -8.73 -26.07
C GLY E 247 -13.98 -10.23 -26.20
N MET E 248 -15.28 -10.58 -26.24
CA MET E 248 -15.68 -11.97 -26.36
C MET E 248 -15.57 -12.50 -27.78
N GLY E 249 -15.54 -11.62 -28.78
CA GLY E 249 -15.42 -12.10 -30.14
C GLY E 249 -16.65 -12.87 -30.57
N THR E 250 -16.42 -13.90 -31.40
CA THR E 250 -17.53 -14.69 -31.92
C THR E 250 -18.19 -15.54 -30.85
N PHE E 251 -17.50 -15.81 -29.75
CA PHE E 251 -18.02 -16.76 -28.76
C PHE E 251 -19.34 -16.30 -28.14
N GLN E 252 -19.58 -14.99 -28.04
CA GLN E 252 -20.79 -14.52 -27.38
C GLN E 252 -22.04 -15.00 -28.11
N LEU E 253 -22.11 -14.78 -29.41
CA LEU E 253 -23.25 -15.26 -30.18
C LEU E 253 -23.19 -16.74 -30.37
N GLU E 254 -22.01 -17.25 -30.54
CA GLU E 254 -21.82 -18.69 -30.66
C GLU E 254 -22.48 -19.43 -29.49
N GLN E 255 -22.26 -18.96 -28.26
CA GLN E 255 -22.86 -19.62 -27.10
C GLN E 255 -24.35 -19.36 -27.00
N MET E 256 -24.78 -18.12 -27.30
CA MET E 256 -26.19 -17.78 -27.14
C MET E 256 -27.09 -18.60 -28.06
N LYS E 257 -26.58 -19.03 -29.22
CA LYS E 257 -27.39 -19.81 -30.13
C LYS E 257 -27.84 -21.13 -29.51
N ALA E 258 -27.07 -21.64 -28.56
CA ALA E 258 -27.46 -22.84 -27.85
C ALA E 258 -28.48 -22.57 -26.75
N TYR E 259 -28.84 -21.31 -26.53
CA TYR E 259 -29.80 -20.92 -25.50
C TYR E 259 -31.07 -20.28 -26.04
N ALA E 260 -30.95 -19.44 -27.06
CA ALA E 260 -32.06 -18.64 -27.59
C ALA E 260 -32.45 -19.14 -28.98
N GLU E 261 -33.74 -19.11 -29.26
CA GLU E 261 -34.33 -19.51 -30.52
C GLU E 261 -34.20 -18.39 -31.51
N ASP E 262 -34.36 -17.19 -31.02
CA ASP E 262 -34.48 -15.99 -31.84
C ASP E 262 -33.38 -15.03 -31.37
N VAL E 263 -32.20 -15.13 -31.98
CA VAL E 263 -31.06 -14.32 -31.55
C VAL E 263 -30.30 -13.81 -32.77
N GLU E 264 -29.98 -12.53 -32.75
CA GLU E 264 -29.06 -11.91 -33.68
C GLU E 264 -27.86 -11.39 -32.90
N GLY E 265 -26.68 -11.45 -33.51
CA GLY E 265 -25.45 -11.08 -32.84
C GLY E 265 -24.63 -10.10 -33.64
N HIS E 266 -23.89 -9.26 -32.91
CA HIS E 266 -23.01 -8.26 -33.51
C HIS E 266 -21.68 -8.28 -32.78
N VAL E 267 -20.60 -8.16 -33.54
CA VAL E 267 -19.24 -8.04 -33.00
C VAL E 267 -18.69 -6.70 -33.45
N LEU E 268 -18.32 -5.86 -32.48
CA LEU E 268 -18.00 -4.47 -32.77
C LEU E 268 -16.50 -4.29 -32.99
N PRO E 269 -16.04 -3.92 -34.19
CA PRO E 269 -14.60 -3.83 -34.46
C PRO E 269 -13.94 -2.75 -33.63
N GLY E 270 -12.70 -3.01 -33.23
CA GLY E 270 -11.97 -2.00 -32.47
C GLY E 270 -12.49 -1.74 -31.09
N CYS E 271 -13.35 -2.62 -30.56
CA CYS E 271 -13.98 -2.46 -29.26
C CYS E 271 -13.55 -3.63 -28.38
N GLY E 272 -13.26 -3.35 -27.12
CA GLY E 272 -12.85 -4.37 -26.17
C GLY E 272 -14.02 -4.87 -25.35
N HIS E 273 -13.77 -5.08 -24.05
CA HIS E 273 -14.77 -5.65 -23.15
C HIS E 273 -15.79 -4.63 -22.66
N TRP E 274 -15.39 -3.36 -22.53
CA TRP E 274 -16.21 -2.34 -21.88
C TRP E 274 -17.01 -1.55 -22.92
N LEU E 275 -17.96 -2.24 -23.56
CA LEU E 275 -18.67 -1.67 -24.70
C LEU E 275 -19.34 -0.32 -24.44
N PRO E 276 -20.13 -0.13 -23.37
CA PRO E 276 -20.81 1.18 -23.23
C PRO E 276 -19.87 2.36 -23.17
N GLU E 277 -18.64 2.17 -22.68
CA GLU E 277 -17.69 3.27 -22.59
C GLU E 277 -16.74 3.31 -23.78
N GLU E 278 -16.24 2.14 -24.21
CA GLU E 278 -15.33 2.09 -25.35
C GLU E 278 -16.00 2.48 -26.65
N CYS E 279 -17.26 2.09 -26.84
CA CYS E 279 -17.93 2.22 -28.11
C CYS E 279 -19.38 2.68 -27.92
N ALA E 280 -19.54 3.81 -27.21
CA ALA E 280 -20.87 4.27 -26.83
C ALA E 280 -21.80 4.43 -28.02
N ALA E 281 -21.35 5.15 -29.05
CA ALA E 281 -22.24 5.45 -30.17
C ALA E 281 -22.69 4.20 -30.92
N PRO E 282 -21.80 3.36 -31.40
CA PRO E 282 -22.24 2.18 -32.10
C PRO E 282 -23.13 1.28 -31.23
N MET E 283 -22.76 1.07 -29.97
CA MET E 283 -23.50 0.16 -29.09
C MET E 283 -24.86 0.71 -28.75
N ASN E 284 -24.93 2.00 -28.42
CA ASN E 284 -26.21 2.61 -28.10
C ASN E 284 -27.16 2.51 -29.29
N ARG E 285 -26.65 2.71 -30.50
CA ARG E 285 -27.52 2.62 -31.67
C ARG E 285 -28.12 1.23 -31.79
N LEU E 286 -27.30 0.19 -31.62
CA LEU E 286 -27.77 -1.18 -31.73
C LEU E 286 -28.76 -1.52 -30.63
N VAL E 287 -28.54 -1.02 -29.41
CA VAL E 287 -29.47 -1.29 -28.32
C VAL E 287 -30.78 -0.55 -28.52
N ILE E 288 -30.70 0.74 -28.85
CA ILE E 288 -31.91 1.54 -29.07
C ILE E 288 -32.72 0.98 -30.23
N ASP E 289 -32.06 0.65 -31.36
CA ASP E 289 -32.78 0.11 -32.50
C ASP E 289 -33.44 -1.22 -32.15
N PHE E 290 -32.72 -2.10 -31.45
CA PHE E 290 -33.27 -3.41 -31.10
C PHE E 290 -34.52 -3.29 -30.23
N LEU E 291 -34.51 -2.35 -29.28
CA LEU E 291 -35.63 -2.20 -28.35
C LEU E 291 -36.72 -1.28 -28.88
N SER E 292 -36.49 -0.59 -29.99
CA SER E 292 -37.48 0.31 -30.58
C SER E 292 -38.18 -0.29 -31.79
N ARG E 293 -37.50 -1.17 -32.52
CA ARG E 293 -38.05 -1.78 -33.71
C ARG E 293 -39.43 -2.37 -33.44
N GLY E 294 -40.35 -2.18 -34.37
CA GLY E 294 -41.69 -2.67 -34.21
C GLY E 294 -42.46 -2.04 -33.07
N ARG E 295 -42.06 -0.85 -32.63
CA ARG E 295 -42.74 -0.16 -31.55
C ARG E 295 -42.87 1.33 -31.86
N GLU F 2 23.74 -17.73 4.98
CA GLU F 2 23.41 -18.87 4.14
C GLU F 2 21.91 -19.12 4.23
N GLU F 3 21.22 -19.18 3.09
CA GLU F 3 19.75 -19.26 3.11
C GLU F 3 19.23 -20.61 3.59
N PHE F 4 19.94 -21.69 3.29
CA PHE F 4 19.46 -23.03 3.64
C PHE F 4 20.58 -23.90 4.17
N PRO F 5 20.26 -24.81 5.09
CA PRO F 5 21.28 -25.71 5.64
C PRO F 5 21.81 -26.69 4.61
N VAL F 6 23.13 -26.80 4.54
CA VAL F 6 23.85 -27.68 3.61
C VAL F 6 24.00 -29.06 4.22
N PRO F 7 23.69 -30.14 3.48
CA PRO F 7 23.87 -31.48 4.03
C PRO F 7 25.34 -31.80 4.29
N ASN F 8 25.60 -32.59 5.33
CA ASN F 8 26.97 -32.97 5.64
C ASN F 8 27.61 -33.72 4.49
N GLY F 9 28.85 -33.36 4.18
CA GLY F 9 29.53 -33.92 3.03
C GLY F 9 29.34 -33.10 1.78
N PHE F 10 28.61 -31.99 1.87
CA PHE F 10 28.36 -31.09 0.75
C PHE F 10 28.93 -29.73 1.08
N GLU F 11 29.12 -28.91 0.05
CA GLU F 11 29.71 -27.60 0.18
C GLU F 11 28.92 -26.58 -0.62
N SER F 12 28.76 -25.39 -0.07
CA SER F 12 28.11 -24.27 -0.74
C SER F 12 29.18 -23.38 -1.36
N ALA F 13 29.08 -23.16 -2.67
CA ALA F 13 30.10 -22.43 -3.41
C ALA F 13 29.47 -21.63 -4.53
N TYR F 14 30.29 -20.81 -5.19
CA TYR F 14 29.88 -19.98 -6.30
C TYR F 14 30.86 -20.18 -7.46
N ARG F 15 30.34 -20.08 -8.68
CA ARG F 15 31.19 -20.06 -9.87
C ARG F 15 30.60 -19.12 -10.90
N GLU F 16 31.43 -18.22 -11.42
CA GLU F 16 31.03 -17.27 -12.43
C GLU F 16 30.90 -17.92 -13.79
N VAL F 17 29.81 -17.60 -14.49
CA VAL F 17 29.55 -18.12 -15.83
C VAL F 17 29.04 -16.96 -16.67
N ASP F 18 29.81 -16.55 -17.67
CA ASP F 18 29.46 -15.43 -18.54
C ASP F 18 29.04 -14.22 -17.71
N GLY F 19 29.83 -13.92 -16.68
CA GLY F 19 29.65 -12.74 -15.86
C GLY F 19 28.70 -12.89 -14.68
N VAL F 20 28.00 -14.02 -14.58
CA VAL F 20 26.95 -14.19 -13.58
C VAL F 20 27.46 -15.13 -12.50
N LYS F 21 27.43 -14.66 -11.26
CA LYS F 21 27.89 -15.43 -10.11
C LYS F 21 26.77 -16.39 -9.71
N LEU F 22 26.93 -17.67 -10.03
CA LEU F 22 25.93 -18.69 -9.74
C LEU F 22 26.28 -19.39 -8.44
N HIS F 23 25.26 -19.64 -7.62
CA HIS F 23 25.41 -20.40 -6.40
C HIS F 23 25.07 -21.86 -6.66
N TYR F 24 25.67 -22.76 -5.88
CA TYR F 24 25.39 -24.18 -6.02
C TYR F 24 25.81 -24.88 -4.74
N VAL F 25 25.40 -26.14 -4.63
CA VAL F 25 25.81 -27.00 -3.53
C VAL F 25 26.27 -28.32 -4.13
N LYS F 26 27.49 -28.74 -3.77
CA LYS F 26 28.18 -29.84 -4.44
C LYS F 26 28.69 -30.88 -3.44
N GLY F 27 28.65 -32.13 -3.83
CA GLY F 27 29.12 -33.19 -2.97
C GLY F 27 29.24 -34.48 -3.74
N GLY F 28 29.93 -35.44 -3.15
CA GLY F 28 30.07 -36.76 -3.71
C GLY F 28 31.11 -37.00 -4.79
N GLN F 29 31.36 -38.26 -5.07
CA GLN F 29 32.32 -38.62 -6.08
C GLN F 29 31.71 -39.44 -7.20
N GLY F 30 32.39 -39.49 -8.30
CA GLY F 30 31.95 -40.23 -9.46
C GLY F 30 31.46 -39.36 -10.59
N PRO F 31 30.73 -39.94 -11.55
CA PRO F 31 30.14 -39.11 -12.62
C PRO F 31 29.22 -38.03 -12.05
N LEU F 32 28.98 -37.01 -12.86
CA LEU F 32 28.24 -35.83 -12.42
C LEU F 32 26.75 -35.99 -12.69
N VAL F 33 25.94 -35.64 -11.69
CA VAL F 33 24.50 -35.46 -11.85
C VAL F 33 24.17 -34.06 -11.35
N MET F 34 23.42 -33.31 -12.14
CA MET F 34 23.00 -31.97 -11.77
C MET F 34 21.48 -31.94 -11.55
N LEU F 35 21.08 -31.42 -10.39
CA LEU F 35 19.68 -31.30 -10.00
C LEU F 35 19.28 -29.84 -10.11
N VAL F 36 18.31 -29.54 -10.98
CA VAL F 36 17.92 -28.17 -11.27
C VAL F 36 16.50 -27.98 -10.76
N HIS F 37 16.35 -27.12 -9.75
CA HIS F 37 15.08 -26.87 -9.07
C HIS F 37 14.16 -26.01 -9.94
N GLY F 38 12.96 -25.77 -9.42
CA GLY F 38 11.95 -24.99 -10.13
C GLY F 38 11.44 -23.80 -9.36
N PHE F 39 10.30 -23.28 -9.78
CA PHE F 39 9.76 -22.06 -9.21
C PHE F 39 9.37 -22.25 -7.75
N GLY F 40 9.56 -21.18 -6.96
CA GLY F 40 9.21 -21.16 -5.56
C GLY F 40 10.21 -21.81 -4.63
N GLN F 41 11.28 -22.38 -5.16
CA GLN F 41 12.24 -23.12 -4.35
C GLN F 41 13.65 -22.75 -4.77
N THR F 42 14.61 -23.49 -4.21
CA THR F 42 16.03 -23.32 -4.44
C THR F 42 16.63 -24.73 -4.55
N TRP F 43 17.95 -24.81 -4.52
CA TRP F 43 18.62 -26.10 -4.48
C TRP F 43 18.10 -26.98 -3.34
N TYR F 44 17.60 -26.36 -2.28
CA TYR F 44 17.31 -27.06 -1.03
C TYR F 44 16.20 -28.10 -1.16
N GLU F 45 15.37 -28.02 -2.21
CA GLU F 45 14.35 -29.06 -2.40
C GLU F 45 15.00 -30.41 -2.67
N TRP F 46 16.26 -30.43 -3.08
CA TRP F 46 16.96 -31.67 -3.36
C TRP F 46 17.73 -32.21 -2.15
N HIS F 47 17.65 -31.56 -1.00
CA HIS F 47 18.57 -31.89 0.09
C HIS F 47 18.35 -33.28 0.68
N GLN F 48 17.23 -33.94 0.35
CA GLN F 48 17.02 -35.32 0.75
C GLN F 48 17.54 -36.32 -0.27
N LEU F 49 17.44 -35.99 -1.56
CA LEU F 49 17.97 -36.88 -2.60
C LEU F 49 19.48 -36.77 -2.72
N MET F 50 20.05 -35.62 -2.37
CA MET F 50 21.48 -35.38 -2.59
C MET F 50 22.38 -36.34 -1.85
N PRO F 51 22.24 -36.56 -0.54
CA PRO F 51 23.15 -37.51 0.14
C PRO F 51 22.99 -38.93 -0.36
N GLU F 52 21.79 -39.30 -0.79
CA GLU F 52 21.57 -40.65 -1.28
C GLU F 52 22.26 -40.85 -2.62
N LEU F 53 22.15 -39.85 -3.49
CA LEU F 53 22.76 -39.92 -4.82
C LEU F 53 24.28 -39.79 -4.71
N ALA F 54 24.74 -38.92 -3.81
CA ALA F 54 26.17 -38.67 -3.64
C ALA F 54 27.02 -39.87 -3.24
N LYS F 55 26.43 -40.93 -2.70
CA LYS F 55 27.20 -42.08 -2.27
C LYS F 55 27.88 -42.79 -3.43
N ARG F 56 27.45 -42.54 -4.68
CA ARG F 56 28.15 -43.06 -5.85
C ARG F 56 28.35 -42.01 -6.94
N PHE F 57 27.88 -40.79 -6.71
CA PHE F 57 27.85 -39.81 -7.76
C PHE F 57 28.42 -38.49 -7.36
N THR F 58 28.82 -37.72 -8.36
CA THR F 58 29.12 -36.34 -8.11
C THR F 58 27.82 -35.54 -8.29
N VAL F 59 27.39 -34.87 -7.22
CA VAL F 59 26.11 -34.20 -7.21
C VAL F 59 26.23 -32.69 -7.06
N ILE F 60 25.61 -31.97 -7.99
CA ILE F 60 25.57 -30.53 -7.94
C ILE F 60 24.17 -29.95 -8.13
N ALA F 61 23.76 -29.09 -7.22
CA ALA F 61 22.42 -28.50 -7.25
C ALA F 61 22.55 -26.99 -7.30
N PRO F 62 22.41 -26.37 -8.48
CA PRO F 62 22.54 -24.92 -8.58
C PRO F 62 21.25 -24.19 -8.26
N ASP F 63 21.40 -22.95 -7.84
CA ASP F 63 20.27 -22.01 -7.76
C ASP F 63 20.10 -21.37 -9.13
N LEU F 64 18.87 -21.37 -9.64
CA LEU F 64 18.60 -20.77 -10.93
C LEU F 64 18.97 -19.29 -10.92
N PRO F 65 19.40 -18.74 -12.07
CA PRO F 65 19.76 -17.33 -12.14
C PRO F 65 18.67 -16.44 -11.57
N GLY F 66 19.06 -15.55 -10.65
CA GLY F 66 18.14 -14.66 -9.98
C GLY F 66 17.46 -15.26 -8.77
N LEU F 67 17.43 -16.58 -8.65
CA LEU F 67 16.80 -17.25 -7.53
C LEU F 67 17.83 -17.75 -6.54
N GLY F 68 17.36 -18.06 -5.34
CA GLY F 68 18.28 -18.49 -4.29
C GLY F 68 19.36 -17.46 -4.06
N GLN F 69 20.61 -17.92 -4.12
CA GLN F 69 21.77 -17.06 -3.96
C GLN F 69 22.52 -16.84 -5.28
N SER F 70 21.86 -17.13 -6.41
CA SER F 70 22.43 -16.90 -7.73
C SER F 70 22.03 -15.54 -8.27
N GLU F 71 22.92 -14.97 -9.09
CA GLU F 71 22.72 -13.66 -9.69
C GLU F 71 21.76 -13.75 -10.86
N PRO F 72 21.08 -12.65 -11.18
CA PRO F 72 20.20 -12.65 -12.34
C PRO F 72 20.98 -12.98 -13.60
N PRO F 73 20.33 -13.60 -14.58
CA PRO F 73 21.01 -13.81 -15.86
C PRO F 73 21.28 -12.45 -16.48
N LYS F 74 22.36 -12.38 -17.27
CA LYS F 74 22.67 -11.15 -17.97
C LYS F 74 22.14 -11.13 -19.39
N THR F 75 21.88 -12.30 -19.97
CA THR F 75 21.35 -12.38 -21.33
C THR F 75 19.83 -12.23 -21.33
N GLY F 76 19.14 -13.12 -20.66
CA GLY F 76 17.69 -13.09 -20.61
C GLY F 76 17.17 -14.30 -19.88
N TYR F 77 15.84 -14.39 -19.83
CA TYR F 77 15.18 -15.46 -19.08
C TYR F 77 14.55 -16.51 -19.97
N SER F 78 14.71 -16.43 -21.30
CA SER F 78 14.19 -17.49 -22.13
C SER F 78 14.95 -18.78 -21.83
N GLY F 79 14.31 -19.91 -22.14
CA GLY F 79 14.91 -21.18 -21.84
C GLY F 79 16.28 -21.34 -22.46
N GLU F 80 16.42 -20.96 -23.72
CA GLU F 80 17.70 -21.08 -24.40
C GLU F 80 18.76 -20.21 -23.73
N GLN F 81 18.39 -19.00 -23.32
CA GLN F 81 19.37 -18.11 -22.68
C GLN F 81 19.84 -18.67 -21.34
N VAL F 82 18.92 -19.13 -20.50
CA VAL F 82 19.31 -19.62 -19.19
C VAL F 82 20.04 -20.97 -19.32
N ALA F 83 19.68 -21.77 -20.33
CA ALA F 83 20.32 -23.08 -20.50
C ALA F 83 21.82 -22.95 -20.73
N VAL F 84 22.26 -21.85 -21.34
CA VAL F 84 23.69 -21.60 -21.52
C VAL F 84 24.38 -21.54 -20.15
N TYR F 85 23.78 -20.80 -19.21
CA TYR F 85 24.38 -20.65 -17.89
C TYR F 85 24.52 -21.98 -17.16
N LEU F 86 23.51 -22.84 -17.26
CA LEU F 86 23.56 -24.12 -16.56
C LEU F 86 24.52 -25.11 -17.21
N HIS F 87 24.57 -25.10 -18.55
CA HIS F 87 25.44 -26.00 -19.31
C HIS F 87 26.90 -25.74 -18.97
N LYS F 88 27.32 -24.48 -19.07
CA LYS F 88 28.71 -24.14 -18.83
C LYS F 88 29.11 -24.45 -17.39
N LEU F 89 28.19 -24.27 -16.44
CA LEU F 89 28.50 -24.65 -15.07
C LEU F 89 28.62 -26.16 -14.96
N ALA F 90 27.73 -26.90 -15.62
CA ALA F 90 27.78 -28.36 -15.54
C ALA F 90 29.03 -28.90 -16.22
N ARG F 91 29.31 -28.42 -17.42
CA ARG F 91 30.48 -28.91 -18.14
C ARG F 91 31.76 -28.51 -17.53
N GLN F 92 31.76 -27.46 -16.74
CA GLN F 92 32.98 -27.12 -16.02
C GLN F 92 33.36 -28.23 -15.07
N PHE F 93 32.38 -28.99 -14.58
CA PHE F 93 32.65 -30.07 -13.64
C PHE F 93 32.73 -31.45 -14.30
N SER F 94 32.21 -31.59 -15.52
CA SER F 94 32.34 -32.82 -16.31
C SER F 94 32.67 -32.44 -17.74
N PRO F 95 33.87 -31.89 -17.99
CA PRO F 95 34.18 -31.34 -19.33
C PRO F 95 34.36 -32.39 -20.41
N ASP F 96 34.73 -33.63 -20.06
CA ASP F 96 35.02 -34.66 -21.04
C ASP F 96 33.99 -35.78 -21.07
N ARG F 97 33.29 -36.04 -19.98
CA ARG F 97 32.32 -37.11 -19.99
C ARG F 97 30.92 -36.55 -19.80
N PRO F 98 29.90 -37.16 -20.39
CA PRO F 98 28.53 -36.66 -20.18
C PRO F 98 28.10 -36.84 -18.73
N PHE F 99 27.10 -36.05 -18.37
CA PHE F 99 26.55 -36.04 -17.02
C PHE F 99 25.06 -36.34 -17.10
N ASP F 100 24.47 -36.55 -15.94
CA ASP F 100 23.04 -36.77 -15.80
C ASP F 100 22.36 -35.48 -15.34
N LEU F 101 21.14 -35.30 -15.78
CA LEU F 101 20.37 -34.14 -15.42
C LEU F 101 19.05 -34.57 -14.81
N VAL F 102 18.72 -33.94 -13.70
CA VAL F 102 17.43 -34.07 -13.05
C VAL F 102 16.85 -32.67 -12.88
N ALA F 103 15.64 -32.44 -13.38
CA ALA F 103 15.07 -31.10 -13.37
C ALA F 103 13.60 -31.14 -12.98
N HIS F 104 13.19 -30.12 -12.23
CA HIS F 104 11.84 -30.04 -11.68
C HIS F 104 11.26 -28.68 -12.03
N ASP F 105 10.03 -28.67 -12.52
CA ASP F 105 9.25 -27.46 -12.81
C ASP F 105 10.02 -26.62 -13.83
N ILE F 106 10.21 -25.32 -13.61
CA ILE F 106 10.86 -24.47 -14.61
C ILE F 106 12.32 -24.81 -14.82
N GLY F 107 12.90 -25.66 -13.97
CA GLY F 107 14.19 -26.24 -14.30
C GLY F 107 14.17 -26.98 -15.62
N ILE F 108 13.02 -27.55 -15.97
CA ILE F 108 12.84 -28.15 -17.29
C ILE F 108 12.94 -27.08 -18.37
N TRP F 109 12.23 -25.97 -18.17
CA TRP F 109 12.26 -24.87 -19.14
C TRP F 109 13.69 -24.42 -19.39
N ASN F 110 14.50 -24.35 -18.34
CA ASN F 110 15.84 -23.78 -18.39
C ASN F 110 16.90 -24.82 -18.74
N THR F 111 16.51 -26.02 -19.11
CA THR F 111 17.49 -27.02 -19.48
C THR F 111 17.20 -27.73 -20.78
N TYR F 112 15.96 -27.80 -21.20
CA TYR F 112 15.64 -28.48 -22.45
C TYR F 112 16.47 -28.01 -23.63
N PRO F 113 16.70 -26.71 -23.85
CA PRO F 113 17.61 -26.32 -24.94
C PRO F 113 19.02 -26.88 -24.80
N MET F 114 19.54 -26.95 -23.60
CA MET F 114 20.86 -27.49 -23.44
C MET F 114 20.86 -28.94 -23.93
N VAL F 115 19.88 -29.69 -23.51
CA VAL F 115 19.87 -31.12 -23.78
C VAL F 115 19.74 -31.38 -25.28
N VAL F 116 18.85 -30.68 -25.93
CA VAL F 116 18.58 -30.95 -27.30
C VAL F 116 19.68 -30.48 -28.25
N LYS F 117 20.50 -29.54 -27.80
CA LYS F 117 21.61 -29.07 -28.62
C LYS F 117 22.94 -29.74 -28.29
N ASN F 118 23.01 -30.49 -27.19
CA ASN F 118 24.25 -31.11 -26.74
C ASN F 118 23.97 -32.52 -26.23
N GLN F 119 23.26 -33.31 -27.04
CA GLN F 119 22.74 -34.61 -26.60
C GLN F 119 23.87 -35.52 -26.12
N ALA F 120 25.01 -35.51 -26.81
CA ALA F 120 26.13 -36.36 -26.42
C ALA F 120 26.67 -35.98 -25.05
N ASP F 121 26.33 -34.80 -24.54
CA ASP F 121 26.74 -34.36 -23.22
C ASP F 121 25.81 -34.82 -22.12
N ILE F 122 24.66 -35.39 -22.47
CA ILE F 122 23.61 -35.76 -21.53
C ILE F 122 23.54 -37.28 -21.48
N ALA F 123 23.96 -37.85 -20.36
CA ALA F 123 23.92 -39.31 -20.24
C ALA F 123 22.49 -39.80 -20.08
N ARG F 124 21.87 -39.45 -18.95
CA ARG F 124 20.47 -39.75 -18.69
C ARG F 124 19.70 -38.53 -18.21
N LEU F 125 18.44 -38.42 -18.62
CA LEU F 125 17.63 -37.27 -18.25
C LEU F 125 16.37 -37.61 -17.48
N VAL F 126 16.12 -36.84 -16.41
CA VAL F 126 14.92 -36.96 -15.59
C VAL F 126 14.21 -35.62 -15.59
N TYR F 127 12.96 -35.62 -16.01
CA TYR F 127 12.12 -34.43 -16.03
C TYR F 127 10.89 -34.70 -15.17
N MET F 128 10.54 -33.75 -14.29
CA MET F 128 9.40 -33.96 -13.42
C MET F 128 8.62 -32.67 -13.24
N GLU F 129 7.29 -32.78 -13.37
CA GLU F 129 6.34 -31.79 -12.86
C GLU F 129 6.50 -30.42 -13.53
N ALA F 130 6.34 -30.42 -14.85
CA ALA F 130 6.15 -29.21 -15.67
C ALA F 130 6.11 -29.57 -17.14
N PRO F 131 5.38 -28.82 -17.94
CA PRO F 131 5.47 -29.00 -19.39
C PRO F 131 6.72 -28.33 -19.94
N ILE F 132 7.24 -28.92 -21.01
CA ILE F 132 8.21 -28.19 -21.83
C ILE F 132 7.47 -27.06 -22.55
N PRO F 133 8.01 -25.85 -22.58
CA PRO F 133 7.33 -24.74 -23.26
C PRO F 133 7.12 -25.01 -24.75
N ASP F 134 5.86 -25.24 -25.13
CA ASP F 134 5.44 -25.35 -26.52
C ASP F 134 3.98 -24.95 -26.58
N ALA F 135 3.38 -25.08 -27.78
CA ALA F 135 2.01 -24.60 -27.98
C ALA F 135 0.99 -25.31 -27.11
N ARG F 136 1.31 -26.50 -26.60
CA ARG F 136 0.33 -27.23 -25.79
C ARG F 136 -0.07 -26.45 -24.54
N ILE F 137 0.87 -25.65 -23.99
CA ILE F 137 0.57 -24.91 -22.77
C ILE F 137 -0.56 -23.92 -22.98
N TYR F 138 -0.84 -23.56 -24.23
CA TYR F 138 -1.97 -22.69 -24.52
C TYR F 138 -3.30 -23.41 -24.35
N ARG F 139 -3.26 -24.68 -23.99
CA ARG F 139 -4.46 -25.47 -23.81
C ARG F 139 -4.90 -25.57 -22.35
N PHE F 140 -4.01 -25.20 -21.44
CA PHE F 140 -4.32 -25.28 -20.02
C PHE F 140 -5.60 -24.48 -19.69
N PRO F 141 -6.43 -24.95 -18.77
CA PRO F 141 -7.70 -24.26 -18.49
C PRO F 141 -7.53 -23.10 -17.53
N ALA F 142 -8.24 -22.02 -17.81
CA ALA F 142 -8.28 -20.88 -16.91
C ALA F 142 -9.14 -21.12 -15.68
N PHE F 143 -10.05 -22.10 -15.73
CA PHE F 143 -11.00 -22.39 -14.67
C PHE F 143 -11.50 -23.80 -14.92
N THR F 144 -11.83 -24.50 -13.84
CA THR F 144 -12.23 -25.88 -13.97
C THR F 144 -13.47 -26.26 -13.20
N ALA F 145 -13.98 -27.43 -13.51
CA ALA F 145 -15.10 -27.97 -12.76
C ALA F 145 -14.79 -28.22 -11.28
N GLN F 146 -13.53 -28.21 -10.89
CA GLN F 146 -13.12 -28.36 -9.50
C GLN F 146 -12.73 -27.03 -8.86
N GLY F 147 -13.01 -25.92 -9.55
CA GLY F 147 -12.68 -24.62 -9.03
C GLY F 147 -11.41 -24.04 -9.61
N GLU F 148 -10.68 -23.31 -8.78
CA GLU F 148 -9.46 -22.62 -9.19
C GLU F 148 -8.54 -23.56 -9.96
N SER F 149 -8.10 -23.10 -11.12
CA SER F 149 -7.15 -23.87 -11.93
C SER F 149 -5.77 -23.86 -11.28
N LEU F 150 -4.94 -24.82 -11.67
CA LEU F 150 -3.59 -24.91 -11.13
C LEU F 150 -2.58 -24.10 -11.92
N VAL F 151 -3.03 -23.53 -13.02
CA VAL F 151 -2.14 -22.91 -13.95
C VAL F 151 -2.44 -21.46 -14.22
N TRP F 152 -3.41 -20.87 -13.51
CA TRP F 152 -3.74 -19.47 -13.74
C TRP F 152 -2.57 -18.52 -13.49
N HIS F 153 -1.60 -18.96 -12.70
CA HIS F 153 -0.45 -18.16 -12.44
C HIS F 153 0.42 -17.91 -13.66
N PHE F 154 0.26 -18.71 -14.68
CA PHE F 154 1.02 -18.46 -15.89
C PHE F 154 0.76 -17.04 -16.39
N SER F 155 -0.51 -16.65 -16.49
CA SER F 155 -0.85 -15.32 -16.96
C SER F 155 -0.66 -14.26 -15.87
N PHE F 156 -0.94 -14.61 -14.62
CA PHE F 156 -0.68 -13.69 -13.51
C PHE F 156 0.79 -13.28 -13.48
N PHE F 157 1.71 -14.25 -13.54
CA PHE F 157 3.13 -13.95 -13.48
C PHE F 157 3.60 -13.24 -14.74
N ALA F 158 2.95 -13.58 -15.87
CA ALA F 158 3.38 -13.02 -17.14
C ALA F 158 2.74 -11.67 -17.46
N ALA F 159 1.74 -11.24 -16.70
CA ALA F 159 1.16 -9.93 -16.94
C ALA F 159 2.24 -8.86 -16.75
N ASP F 160 2.18 -7.82 -17.60
CA ASP F 160 3.14 -6.73 -17.52
C ASP F 160 2.68 -5.65 -16.53
N ASP F 161 3.46 -4.56 -16.46
CA ASP F 161 3.39 -3.56 -15.39
C ASP F 161 3.79 -4.16 -14.05
N ARG F 162 4.35 -5.33 -14.09
CA ARG F 162 4.76 -6.02 -12.92
C ARG F 162 3.62 -6.22 -11.95
N LEU F 163 2.48 -6.59 -12.46
CA LEU F 163 1.29 -6.83 -11.67
C LEU F 163 1.58 -7.73 -10.47
N ALA F 164 2.24 -8.88 -10.73
CA ALA F 164 2.47 -9.85 -9.67
C ALA F 164 3.39 -9.29 -8.58
N GLU F 165 4.50 -8.65 -8.95
CA GLU F 165 5.38 -8.03 -7.95
C GLU F 165 4.62 -7.00 -7.13
N THR F 166 3.87 -6.12 -7.80
CA THR F 166 3.17 -5.06 -7.09
C THR F 166 2.16 -5.64 -6.11
N LEU F 167 1.44 -6.69 -6.52
CA LEU F 167 0.44 -7.28 -5.65
C LEU F 167 1.07 -8.14 -4.57
N ILE F 168 2.19 -8.80 -4.87
CA ILE F 168 2.77 -9.75 -3.91
C ILE F 168 3.77 -9.10 -2.97
N ALA F 169 4.39 -7.97 -3.37
CA ALA F 169 5.38 -7.32 -2.51
C ALA F 169 4.77 -7.01 -1.15
N GLY F 170 5.49 -7.41 -0.08
CA GLY F 170 4.95 -7.31 1.25
C GLY F 170 4.10 -8.48 1.69
N LYS F 171 3.81 -9.44 0.79
CA LYS F 171 2.94 -10.57 1.10
C LYS F 171 3.56 -11.85 0.56
N GLU F 172 4.88 -11.92 0.51
CA GLU F 172 5.57 -13.04 -0.12
C GLU F 172 5.31 -14.34 0.62
N ARG F 173 5.41 -14.31 1.93
CA ARG F 173 5.13 -15.48 2.73
C ARG F 173 3.71 -15.97 2.59
N PHE F 174 2.74 -15.07 2.62
CA PHE F 174 1.35 -15.48 2.41
C PHE F 174 1.14 -16.10 1.03
N PHE F 175 1.62 -15.45 -0.03
CA PHE F 175 1.31 -15.95 -1.36
C PHE F 175 1.99 -17.30 -1.62
N LEU F 176 3.27 -17.41 -1.27
CA LEU F 176 3.99 -18.64 -1.56
C LEU F 176 3.39 -19.81 -0.81
N GLU F 177 2.95 -19.59 0.44
CA GLU F 177 2.31 -20.66 1.19
C GLU F 177 1.04 -21.13 0.47
N HIS F 178 0.23 -20.19 -0.03
CA HIS F 178 -0.94 -20.58 -0.80
C HIS F 178 -0.56 -21.28 -2.10
N PHE F 179 0.43 -20.75 -2.81
CA PHE F 179 0.83 -21.38 -4.07
C PHE F 179 1.35 -22.80 -3.82
N ILE F 180 2.23 -22.93 -2.82
CA ILE F 180 2.80 -24.24 -2.53
C ILE F 180 1.71 -25.21 -2.07
N LYS F 181 0.90 -24.80 -1.09
CA LYS F 181 -0.09 -25.69 -0.54
C LYS F 181 -1.18 -26.03 -1.56
N SER F 182 -1.59 -25.05 -2.37
CA SER F 182 -2.65 -25.30 -3.34
C SER F 182 -2.18 -26.19 -4.48
N HIS F 183 -0.88 -26.37 -4.66
CA HIS F 183 -0.36 -27.30 -5.65
C HIS F 183 0.15 -28.60 -5.03
N ALA F 184 -0.08 -28.81 -3.74
CA ALA F 184 0.40 -29.99 -3.05
C ALA F 184 -0.76 -30.90 -2.68
N SER F 185 -0.50 -32.20 -2.67
CA SER F 185 -1.42 -33.15 -2.04
C SER F 185 -1.05 -33.37 -0.58
N ASN F 186 0.24 -33.42 -0.29
CA ASN F 186 0.77 -33.64 1.06
C ASN F 186 1.32 -32.30 1.56
N THR F 187 0.48 -31.54 2.24
CA THR F 187 0.85 -30.26 2.81
C THR F 187 1.60 -30.42 4.13
N GLU F 188 1.59 -31.63 4.68
CA GLU F 188 2.15 -31.87 6.00
C GLU F 188 3.64 -31.59 6.07
N VAL F 189 4.36 -31.92 4.98
CA VAL F 189 5.82 -31.80 4.96
C VAL F 189 6.31 -30.36 4.95
N PHE F 190 5.44 -29.39 4.69
CA PHE F 190 5.82 -27.98 4.59
C PHE F 190 5.60 -27.30 5.94
N SER F 191 6.62 -27.32 6.79
CA SER F 191 6.49 -26.74 8.12
C SER F 191 6.51 -25.21 8.06
N GLU F 192 6.26 -24.62 9.23
CA GLU F 192 6.41 -23.18 9.40
C GLU F 192 7.82 -22.74 9.04
N ARG F 193 8.83 -23.52 9.42
CA ARG F 193 10.22 -23.14 9.16
C ARG F 193 10.59 -23.29 7.68
N LEU F 194 10.16 -24.37 7.03
CA LEU F 194 10.52 -24.58 5.63
C LEU F 194 9.87 -23.53 4.75
N LEU F 195 8.58 -23.26 4.95
CA LEU F 195 7.90 -22.22 4.18
C LEU F 195 8.54 -20.86 4.39
N ASP F 196 8.96 -20.57 5.63
CA ASP F 196 9.59 -19.28 5.91
C ASP F 196 10.90 -19.15 5.15
N LEU F 197 11.70 -20.21 5.11
CA LEU F 197 12.98 -20.18 4.39
C LEU F 197 12.76 -19.95 2.90
N TYR F 198 11.85 -20.69 2.28
CA TYR F 198 11.58 -20.49 0.85
C TYR F 198 11.02 -19.10 0.59
N ALA F 199 10.09 -18.64 1.43
CA ALA F 199 9.52 -17.31 1.24
C ALA F 199 10.58 -16.23 1.42
N ARG F 200 11.41 -16.36 2.46
CA ARG F 200 12.48 -15.39 2.70
C ARG F 200 13.42 -15.29 1.50
N SER F 201 13.72 -16.42 0.86
CA SER F 201 14.65 -16.40 -0.26
C SER F 201 14.04 -15.68 -1.46
N TYR F 202 12.84 -16.06 -1.87
CA TYR F 202 12.25 -15.45 -3.07
C TYR F 202 11.62 -14.10 -2.78
N ALA F 203 11.56 -13.68 -1.50
CA ALA F 203 11.08 -12.35 -1.16
C ALA F 203 12.11 -11.26 -1.46
N LYS F 204 13.35 -11.64 -1.71
CA LYS F 204 14.35 -10.69 -2.17
C LYS F 204 13.85 -10.01 -3.44
N PRO F 205 13.87 -8.67 -3.50
CA PRO F 205 13.26 -7.97 -4.65
C PRO F 205 13.72 -8.50 -6.01
N HIS F 206 15.02 -8.71 -6.19
CA HIS F 206 15.50 -9.22 -7.47
C HIS F 206 15.09 -10.69 -7.68
N SER F 207 14.89 -11.43 -6.59
CA SER F 207 14.45 -12.82 -6.74
C SER F 207 12.95 -12.90 -7.06
N LEU F 208 12.15 -12.03 -6.43
CA LEU F 208 10.72 -11.97 -6.76
C LEU F 208 10.52 -11.61 -8.23
N ASN F 209 11.24 -10.60 -8.71
CA ASN F 209 11.13 -10.22 -10.12
C ASN F 209 11.69 -11.31 -11.03
N ALA F 210 12.87 -11.84 -10.71
CA ALA F 210 13.44 -12.90 -11.53
C ALA F 210 12.49 -14.07 -11.70
N SER F 211 11.81 -14.46 -10.61
CA SER F 211 10.87 -15.57 -10.64
C SER F 211 9.85 -15.40 -11.76
N PHE F 212 9.29 -14.19 -11.90
CA PHE F 212 8.23 -13.98 -12.89
C PHE F 212 8.78 -13.76 -14.29
N GLU F 213 10.00 -13.25 -14.42
CA GLU F 213 10.56 -13.04 -15.75
C GLU F 213 10.68 -14.35 -16.52
N TYR F 214 10.87 -15.47 -15.82
CA TYR F 214 10.83 -16.77 -16.49
C TYR F 214 9.50 -16.98 -17.21
N TYR F 215 8.39 -16.60 -16.56
CA TYR F 215 7.09 -16.73 -17.21
C TYR F 215 6.89 -15.65 -18.26
N ARG F 216 7.47 -14.46 -18.03
CA ARG F 216 7.41 -13.42 -19.05
C ARG F 216 8.26 -13.76 -20.27
N ALA F 217 9.20 -14.70 -20.15
CA ALA F 217 9.98 -15.15 -21.28
C ALA F 217 9.40 -16.41 -21.92
N LEU F 218 8.24 -16.86 -21.45
CA LEU F 218 7.69 -18.16 -21.83
C LEU F 218 7.32 -18.23 -23.31
N ASN F 219 6.64 -17.20 -23.83
CA ASN F 219 6.28 -17.21 -25.25
C ASN F 219 7.50 -17.27 -26.15
N GLU F 220 8.58 -16.59 -25.75
CA GLU F 220 9.82 -16.68 -26.50
C GLU F 220 10.40 -18.08 -26.44
N SER F 221 10.30 -18.74 -25.28
CA SER F 221 10.79 -20.10 -25.17
C SER F 221 9.96 -21.05 -26.03
N VAL F 222 8.65 -20.82 -26.09
CA VAL F 222 7.80 -21.62 -26.96
C VAL F 222 8.30 -21.56 -28.40
N ARG F 223 8.57 -20.35 -28.89
CA ARG F 223 9.07 -20.21 -30.26
C ARG F 223 10.43 -20.88 -30.41
N GLN F 224 11.32 -20.72 -29.44
CA GLN F 224 12.63 -21.37 -29.53
C GLN F 224 12.48 -22.89 -29.62
N ASN F 225 11.65 -23.47 -28.76
CA ASN F 225 11.51 -24.93 -28.74
C ASN F 225 10.74 -25.44 -29.96
N ALA F 226 9.99 -24.57 -30.63
CA ALA F 226 9.35 -24.98 -31.89
C ALA F 226 10.39 -25.33 -32.93
N GLU F 227 11.56 -24.70 -32.86
CA GLU F 227 12.65 -25.03 -33.77
C GLU F 227 13.43 -26.24 -33.28
N LEU F 228 13.77 -26.23 -31.99
CA LEU F 228 14.58 -27.28 -31.37
C LEU F 228 13.90 -28.65 -31.43
N ALA F 229 12.56 -28.68 -31.37
CA ALA F 229 11.85 -29.95 -31.33
C ALA F 229 11.97 -30.72 -32.64
N LYS F 230 12.51 -30.13 -33.71
CA LYS F 230 12.79 -30.85 -34.94
C LYS F 230 13.81 -31.95 -34.71
N THR F 231 14.64 -31.80 -33.68
CA THR F 231 15.63 -32.79 -33.32
C THR F 231 15.11 -33.55 -32.10
N ARG F 232 14.80 -34.82 -32.29
CA ARG F 232 14.25 -35.63 -31.21
C ARG F 232 15.35 -35.90 -30.19
N LEU F 233 14.93 -36.13 -28.95
CA LEU F 233 15.88 -36.50 -27.89
C LEU F 233 16.13 -38.00 -27.92
N GLN F 234 17.36 -38.42 -27.66
CA GLN F 234 17.72 -39.83 -27.78
C GLN F 234 18.34 -40.46 -26.56
N MET F 235 18.83 -39.68 -25.62
CA MET F 235 19.33 -40.30 -24.41
C MET F 235 18.16 -40.94 -23.64
N PRO F 236 18.44 -41.92 -22.78
CA PRO F 236 17.36 -42.49 -21.97
C PRO F 236 16.75 -41.44 -21.05
N THR F 237 15.43 -41.44 -20.99
CA THR F 237 14.70 -40.37 -20.30
C THR F 237 13.62 -40.99 -19.42
N MET F 238 13.46 -40.44 -18.22
CA MET F 238 12.37 -40.76 -17.32
C MET F 238 11.63 -39.48 -16.94
N THR F 239 10.32 -39.57 -16.93
CA THR F 239 9.47 -38.53 -16.41
C THR F 239 8.78 -38.95 -15.13
N LEU F 240 8.60 -38.00 -14.24
CA LEU F 240 7.84 -38.22 -13.02
C LEU F 240 6.78 -37.13 -12.89
N ALA F 241 5.64 -37.51 -12.32
CA ALA F 241 4.55 -36.58 -12.15
C ALA F 241 3.71 -37.04 -10.96
N GLY F 242 3.10 -36.06 -10.29
CA GLY F 242 2.19 -36.38 -9.20
C GLY F 242 0.82 -36.76 -9.74
N GLY F 243 0.25 -37.80 -9.14
CA GLY F 243 -1.07 -38.24 -9.53
C GLY F 243 -2.17 -37.74 -8.61
N GLY F 244 -1.78 -37.07 -7.52
CA GLY F 244 -2.74 -36.42 -6.65
C GLY F 244 -3.02 -34.99 -7.09
N HIS F 245 -3.81 -34.31 -6.28
CA HIS F 245 -4.15 -32.91 -6.55
C HIS F 245 -2.87 -32.09 -6.65
N GLY F 246 -2.77 -31.28 -7.71
CA GLY F 246 -1.67 -30.39 -7.88
C GLY F 246 -0.60 -30.86 -8.85
N GLY F 247 -0.63 -32.13 -9.25
CA GLY F 247 0.42 -32.68 -10.09
C GLY F 247 0.09 -32.56 -11.57
N MET F 248 1.06 -32.96 -12.39
CA MET F 248 0.89 -32.90 -13.83
C MET F 248 0.04 -34.03 -14.38
N GLY F 249 -0.09 -35.13 -13.65
CA GLY F 249 -0.88 -36.25 -14.10
C GLY F 249 -0.28 -36.95 -15.31
N THR F 250 -1.15 -37.47 -16.18
CA THR F 250 -0.68 -38.19 -17.35
C THR F 250 0.00 -37.28 -18.37
N PHE F 251 -0.30 -35.97 -18.33
CA PHE F 251 0.19 -35.06 -19.35
C PHE F 251 1.72 -35.02 -19.41
N GLN F 252 2.41 -35.30 -18.30
CA GLN F 252 3.86 -35.22 -18.29
C GLN F 252 4.49 -36.22 -19.26
N LEU F 253 4.10 -37.49 -19.14
CA LEU F 253 4.65 -38.50 -20.06
C LEU F 253 4.09 -38.33 -21.46
N GLU F 254 2.81 -37.97 -21.56
CA GLU F 254 2.16 -37.76 -22.85
C GLU F 254 2.92 -36.79 -23.74
N GLN F 255 3.36 -35.66 -23.18
CA GLN F 255 4.09 -34.68 -23.99
C GLN F 255 5.48 -35.18 -24.34
N MET F 256 6.16 -35.82 -23.39
CA MET F 256 7.53 -36.26 -23.65
C MET F 256 7.57 -37.26 -24.79
N LYS F 257 6.49 -38.01 -25.01
CA LYS F 257 6.45 -38.95 -26.14
C LYS F 257 6.59 -38.21 -27.46
N ALA F 258 6.16 -36.96 -27.53
CA ALA F 258 6.32 -36.13 -28.71
C ALA F 258 7.71 -35.50 -28.80
N TYR F 259 8.57 -35.71 -27.82
CA TYR F 259 9.91 -35.15 -27.82
C TYR F 259 11.01 -36.20 -27.84
N ALA F 260 10.90 -37.23 -27.02
CA ALA F 260 11.96 -38.21 -26.83
C ALA F 260 11.56 -39.54 -27.44
N GLU F 261 12.52 -40.24 -28.00
CA GLU F 261 12.27 -41.53 -28.59
C GLU F 261 12.26 -42.62 -27.51
N ASP F 262 13.08 -42.43 -26.49
CA ASP F 262 13.33 -43.44 -25.45
C ASP F 262 12.99 -42.84 -24.08
N VAL F 263 11.72 -42.97 -23.68
CA VAL F 263 11.26 -42.39 -22.42
C VAL F 263 10.27 -43.34 -21.75
N GLU F 264 10.42 -43.50 -20.44
CA GLU F 264 9.42 -44.10 -19.57
C GLU F 264 8.96 -43.08 -18.54
N GLY F 265 7.70 -43.15 -18.16
CA GLY F 265 7.12 -42.17 -17.25
C GLY F 265 6.39 -42.83 -16.10
N HIS F 266 6.37 -42.12 -14.97
CA HIS F 266 5.70 -42.57 -13.76
C HIS F 266 4.80 -41.48 -13.21
N VAL F 267 3.64 -41.89 -12.72
CA VAL F 267 2.69 -41.02 -12.04
C VAL F 267 2.53 -41.54 -10.62
N LEU F 268 2.84 -40.69 -9.63
CA LEU F 268 2.92 -41.11 -8.23
C LEU F 268 1.59 -40.86 -7.54
N PRO F 269 0.90 -41.90 -7.07
CA PRO F 269 -0.41 -41.69 -6.44
C PRO F 269 -0.30 -40.89 -5.16
N GLY F 270 -1.32 -40.04 -4.92
CA GLY F 270 -1.35 -39.25 -3.71
C GLY F 270 -0.29 -38.17 -3.60
N CYS F 271 0.36 -37.82 -4.71
CA CYS F 271 1.45 -36.85 -4.70
C CYS F 271 1.08 -35.65 -5.56
N GLY F 272 1.45 -34.47 -5.09
CA GLY F 272 1.16 -33.25 -5.82
C GLY F 272 2.30 -32.81 -6.72
N HIS F 273 2.53 -31.50 -6.74
CA HIS F 273 3.56 -30.92 -7.61
C HIS F 273 4.95 -31.02 -7.01
N TRP F 274 5.07 -31.02 -5.68
CA TRP F 274 6.37 -30.91 -5.01
C TRP F 274 6.89 -32.29 -4.62
N LEU F 275 7.19 -33.09 -5.63
CA LEU F 275 7.57 -34.49 -5.41
C LEU F 275 8.73 -34.69 -4.44
N PRO F 276 9.87 -33.98 -4.55
CA PRO F 276 10.99 -34.28 -3.61
C PRO F 276 10.63 -34.13 -2.15
N GLU F 277 9.66 -33.28 -1.83
CA GLU F 277 9.23 -33.07 -0.45
C GLU F 277 7.96 -33.87 -0.11
N GLU F 278 6.98 -33.89 -1.02
CA GLU F 278 5.74 -34.62 -0.76
C GLU F 278 5.94 -36.13 -0.73
N CYS F 279 6.79 -36.64 -1.62
CA CYS F 279 6.91 -38.08 -1.83
C CYS F 279 8.39 -38.43 -1.94
N ALA F 280 9.15 -38.02 -0.93
CA ALA F 280 10.60 -38.14 -0.94
C ALA F 280 11.06 -39.56 -1.22
N ALA F 281 10.52 -40.54 -0.49
CA ALA F 281 10.99 -41.91 -0.64
C ALA F 281 10.69 -42.48 -2.01
N PRO F 282 9.49 -42.53 -2.47
CA PRO F 282 9.25 -43.14 -3.78
C PRO F 282 9.88 -42.37 -4.95
N MET F 283 10.02 -41.05 -4.85
CA MET F 283 10.70 -40.30 -5.90
C MET F 283 12.21 -40.54 -5.83
N ASN F 284 12.78 -40.54 -4.63
CA ASN F 284 14.20 -40.87 -4.49
C ASN F 284 14.46 -42.28 -5.00
N ARG F 285 13.61 -43.20 -4.72
CA ARG F 285 13.87 -44.55 -5.21
C ARG F 285 13.83 -44.65 -6.73
N LEU F 286 12.85 -44.02 -7.36
CA LEU F 286 12.83 -44.08 -8.81
C LEU F 286 14.05 -43.41 -9.46
N VAL F 287 14.49 -42.27 -8.89
CA VAL F 287 15.61 -41.54 -9.47
C VAL F 287 16.92 -42.30 -9.27
N ILE F 288 17.16 -42.78 -8.05
CA ILE F 288 18.37 -43.53 -7.77
C ILE F 288 18.44 -44.78 -8.64
N ASP F 289 17.31 -45.46 -8.78
CA ASP F 289 17.25 -46.68 -9.59
C ASP F 289 17.52 -46.36 -11.06
N PHE F 290 16.87 -45.31 -11.58
CA PHE F 290 17.02 -44.98 -13.00
C PHE F 290 18.46 -44.64 -13.34
N LEU F 291 19.15 -43.96 -12.44
CA LEU F 291 20.52 -43.56 -12.72
C LEU F 291 21.53 -44.66 -12.39
N SER F 292 21.09 -45.72 -11.72
CA SER F 292 21.96 -46.85 -11.39
C SER F 292 21.65 -47.99 -12.36
N MET G 1 -17.59 -11.18 -41.30
CA MET G 1 -17.16 -9.80 -41.12
C MET G 1 -15.85 -9.71 -40.32
N ALA G 2 -14.78 -9.34 -41.01
CA ALA G 2 -13.47 -9.26 -40.37
C ALA G 2 -13.44 -8.09 -39.38
N GLN G 3 -12.81 -8.33 -38.23
CA GLN G 3 -12.72 -7.31 -37.20
C GLN G 3 -11.58 -6.33 -37.41
N VAL G 4 -10.70 -6.59 -38.37
CA VAL G 4 -9.71 -5.61 -38.81
C VAL G 4 -9.39 -5.90 -40.27
N LYS G 5 -9.06 -4.84 -41.01
CA LYS G 5 -8.54 -4.92 -42.36
C LYS G 5 -7.13 -4.34 -42.36
N LEU G 6 -6.22 -5.01 -43.07
CA LEU G 6 -4.82 -4.60 -43.12
C LEU G 6 -4.48 -4.15 -44.53
N GLN G 7 -3.72 -3.06 -44.63
CA GLN G 7 -3.34 -2.49 -45.91
C GLN G 7 -1.84 -2.27 -45.90
N GLU G 8 -1.11 -3.10 -46.65
CA GLU G 8 0.33 -2.98 -46.77
C GLU G 8 0.71 -2.03 -47.91
N SER G 9 1.82 -1.33 -47.71
CA SER G 9 2.48 -0.60 -48.79
C SER G 9 3.96 -0.94 -48.77
N GLY G 10 4.60 -0.80 -49.91
CA GLY G 10 6.05 -0.93 -50.04
C GLY G 10 6.47 -2.24 -50.68
N GLY G 11 7.78 -2.48 -50.62
CA GLY G 11 8.40 -3.69 -51.11
C GLY G 11 9.13 -3.41 -52.41
N GLY G 12 9.30 -4.41 -53.26
CA GLY G 12 9.90 -4.18 -54.56
C GLY G 12 11.25 -4.86 -54.72
N LEU G 13 12.01 -4.35 -55.69
CA LEU G 13 13.32 -4.88 -56.05
C LEU G 13 14.38 -3.91 -55.53
N VAL G 14 15.41 -4.44 -54.87
CA VAL G 14 16.43 -3.61 -54.22
C VAL G 14 17.79 -4.28 -54.40
N GLN G 15 18.87 -3.45 -54.39
CA GLN G 15 20.16 -4.10 -54.56
C GLN G 15 20.72 -4.54 -53.21
N PRO G 16 21.59 -5.54 -53.20
CA PRO G 16 22.23 -5.95 -51.94
C PRO G 16 22.88 -4.75 -51.27
N GLY G 17 22.74 -4.67 -49.95
CA GLY G 17 23.19 -3.51 -49.20
C GLY G 17 22.17 -2.40 -49.13
N GLY G 18 21.08 -2.48 -49.90
CA GLY G 18 20.08 -1.44 -49.95
C GLY G 18 19.09 -1.50 -48.80
N SER G 19 18.08 -0.63 -48.88
CA SER G 19 17.11 -0.44 -47.82
C SER G 19 15.70 -0.42 -48.39
N LEU G 20 14.74 -0.75 -47.52
CA LEU G 20 13.31 -0.69 -47.87
C LEU G 20 12.52 -0.41 -46.60
N ARG G 21 11.40 0.30 -46.74
CA ARG G 21 10.49 0.54 -45.63
C ARG G 21 9.10 0.01 -45.98
N LEU G 22 8.65 -0.99 -45.24
CA LEU G 22 7.30 -1.48 -45.41
C LEU G 22 6.36 -0.75 -44.46
N SER G 23 5.08 -0.67 -44.83
CA SER G 23 4.09 -0.02 -44.02
C SER G 23 2.83 -0.86 -44.01
N CYS G 24 2.12 -0.86 -42.89
CA CYS G 24 0.87 -1.60 -42.75
C CYS G 24 -0.12 -0.75 -41.98
N ALA G 25 -1.25 -0.44 -42.61
CA ALA G 25 -2.28 0.36 -41.98
C ALA G 25 -3.43 -0.52 -41.52
N SER G 26 -4.01 -0.16 -40.37
CA SER G 26 -5.07 -0.93 -39.76
C SER G 26 -6.37 -0.15 -39.87
N SER G 27 -7.46 -0.86 -40.21
CA SER G 27 -8.76 -0.22 -40.36
C SER G 27 -9.42 0.13 -39.03
N VAL G 28 -8.95 -0.46 -37.93
CA VAL G 28 -9.45 -0.11 -36.60
C VAL G 28 -8.33 0.59 -35.84
N PRO G 29 -8.62 1.34 -34.79
CA PRO G 29 -7.55 1.98 -34.02
C PRO G 29 -6.53 0.95 -33.54
N ILE G 30 -5.26 1.29 -33.74
CA ILE G 30 -4.20 0.29 -33.59
C ILE G 30 -4.04 -0.22 -32.16
N PHE G 31 -4.52 0.50 -31.15
CA PHE G 31 -4.38 -0.03 -29.80
C PHE G 31 -5.37 -1.17 -29.53
N ALA G 32 -6.38 -1.35 -30.39
CA ALA G 32 -7.27 -2.50 -30.34
C ALA G 32 -6.61 -3.78 -30.81
N ILE G 33 -5.37 -3.75 -31.31
CA ILE G 33 -4.68 -4.93 -31.80
C ILE G 33 -3.62 -5.34 -30.79
N THR G 34 -3.68 -6.60 -30.34
CA THR G 34 -2.79 -7.05 -29.29
C THR G 34 -1.33 -7.05 -29.75
N VAL G 35 -1.05 -7.66 -30.89
CA VAL G 35 0.29 -7.74 -31.47
C VAL G 35 0.21 -7.42 -32.95
N MET G 36 1.04 -6.49 -33.40
CA MET G 36 1.28 -6.25 -34.83
C MET G 36 2.63 -6.83 -35.18
N GLY G 37 2.72 -7.52 -36.32
CA GLY G 37 3.97 -8.18 -36.69
C GLY G 37 4.19 -8.23 -38.18
N TRP G 38 5.45 -8.51 -38.54
CA TRP G 38 5.81 -8.75 -39.93
C TRP G 38 6.35 -10.17 -40.05
N TYR G 39 5.79 -10.93 -40.96
CA TYR G 39 6.28 -12.27 -41.26
C TYR G 39 6.75 -12.30 -42.71
N ARG G 40 7.57 -13.29 -43.04
CA ARG G 40 8.06 -13.44 -44.41
C ARG G 40 8.11 -14.91 -44.77
N GLN G 41 7.93 -15.19 -46.06
CA GLN G 41 7.95 -16.57 -46.55
C GLN G 41 8.64 -16.59 -47.90
N ALA G 42 9.61 -17.40 -48.00
CA ALA G 42 10.32 -17.58 -49.25
C ALA G 42 9.84 -18.86 -49.92
N PRO G 43 9.95 -18.97 -51.25
CA PRO G 43 9.41 -20.15 -51.93
C PRO G 43 10.06 -21.43 -51.41
N GLY G 44 9.23 -22.41 -51.10
CA GLY G 44 9.71 -23.65 -50.56
C GLY G 44 10.07 -23.60 -49.09
N LYS G 45 9.72 -22.52 -48.39
CA LYS G 45 10.07 -22.35 -46.99
C LYS G 45 8.82 -22.11 -46.16
N GLN G 46 8.99 -22.21 -44.84
CA GLN G 46 7.89 -21.95 -43.93
C GLN G 46 7.80 -20.45 -43.67
N ARG G 47 6.59 -19.96 -43.42
CA ARG G 47 6.41 -18.58 -43.04
C ARG G 47 7.03 -18.34 -41.67
N GLU G 48 7.97 -17.41 -41.59
CA GLU G 48 8.74 -17.14 -40.39
C GLU G 48 8.53 -15.71 -39.90
N LEU G 49 8.71 -15.55 -38.59
CA LEU G 49 8.63 -14.25 -37.94
C LEU G 49 9.84 -13.38 -38.25
N VAL G 50 9.58 -12.12 -38.60
CA VAL G 50 10.62 -11.14 -38.83
C VAL G 50 10.75 -10.18 -37.65
N ALA G 51 9.64 -9.53 -37.27
CA ALA G 51 9.61 -8.61 -36.16
C ALA G 51 8.18 -8.49 -35.66
N GLY G 52 8.04 -8.18 -34.38
CA GLY G 52 6.72 -7.96 -33.80
C GLY G 52 6.75 -6.83 -32.80
N ILE G 53 5.60 -6.18 -32.63
CA ILE G 53 5.48 -5.08 -31.68
C ILE G 53 4.16 -5.18 -30.95
N LYS G 54 4.20 -5.14 -29.63
CA LYS G 54 2.97 -5.24 -28.86
C LYS G 54 2.34 -3.86 -28.74
N ARG G 55 1.08 -3.83 -28.31
CA ARG G 55 0.44 -2.53 -28.11
C ARG G 55 1.20 -1.69 -27.08
N SER G 56 1.83 -2.34 -26.09
CA SER G 56 2.66 -1.60 -25.13
C SER G 56 3.82 -0.90 -25.83
N GLY G 57 4.27 -1.42 -26.96
CA GLY G 57 5.47 -0.95 -27.64
C GLY G 57 6.64 -1.90 -27.58
N ASP G 58 6.54 -2.98 -26.81
CA ASP G 58 7.61 -3.98 -26.77
C ASP G 58 7.77 -4.61 -28.14
N THR G 59 9.02 -4.71 -28.57
CA THR G 59 9.35 -5.28 -29.86
C THR G 59 10.15 -6.56 -29.67
N ASN G 60 10.10 -7.42 -30.67
CA ASN G 60 10.97 -8.59 -30.71
C ASN G 60 11.29 -8.88 -32.17
N TYR G 61 12.48 -9.43 -32.39
CA TYR G 61 13.02 -9.59 -33.73
C TYR G 61 13.53 -11.01 -33.93
N ALA G 62 13.50 -11.45 -35.17
CA ALA G 62 14.15 -12.71 -35.50
C ALA G 62 15.65 -12.49 -35.48
N ASP G 63 16.39 -13.57 -35.17
CA ASP G 63 17.83 -13.47 -35.06
C ASP G 63 18.45 -12.96 -36.36
N SER G 64 17.97 -13.46 -37.49
CA SER G 64 18.57 -13.16 -38.79
C SER G 64 18.48 -11.69 -39.17
N VAL G 65 17.64 -10.89 -38.51
CA VAL G 65 17.45 -9.49 -38.86
C VAL G 65 17.86 -8.55 -37.75
N LYS G 66 18.32 -9.06 -36.62
CA LYS G 66 18.80 -8.23 -35.52
C LYS G 66 19.87 -7.25 -35.98
N GLY G 67 19.70 -5.99 -35.62
CA GLY G 67 20.66 -4.96 -35.96
C GLY G 67 20.44 -4.31 -37.30
N ARG G 68 19.69 -4.96 -38.20
CA ARG G 68 19.39 -4.40 -39.50
C ARG G 68 17.97 -3.89 -39.67
N PHE G 69 16.98 -4.58 -39.10
CA PHE G 69 15.57 -4.21 -39.26
C PHE G 69 15.06 -3.55 -38.00
N THR G 70 14.08 -2.65 -38.18
CA THR G 70 13.48 -1.96 -37.05
C THR G 70 11.98 -1.86 -37.26
N ILE G 71 11.20 -2.32 -36.29
CA ILE G 71 9.74 -2.18 -36.35
C ILE G 71 9.33 -1.02 -35.44
N SER G 72 8.36 -0.24 -35.91
CA SER G 72 7.90 0.93 -35.18
C SER G 72 6.42 1.15 -35.47
N ARG G 73 5.83 2.07 -34.73
CA ARG G 73 4.40 2.37 -34.88
C ARG G 73 4.19 3.86 -35.13
N ASP G 74 3.08 4.17 -35.78
CA ASP G 74 2.56 5.53 -35.85
C ASP G 74 1.10 5.42 -35.39
N ASP G 75 0.88 5.75 -34.11
CA ASP G 75 -0.46 5.57 -33.55
C ASP G 75 -1.48 6.47 -34.25
N ALA G 76 -1.08 7.70 -34.59
CA ALA G 76 -2.01 8.61 -35.23
C ALA G 76 -2.45 8.10 -36.59
N LYS G 77 -1.52 7.53 -37.36
CA LYS G 77 -1.86 6.92 -38.63
C LYS G 77 -2.27 5.45 -38.53
N ASN G 78 -2.28 4.88 -37.33
CA ASN G 78 -2.72 3.49 -37.16
C ASN G 78 -1.91 2.54 -38.06
N THR G 79 -0.60 2.76 -38.10
CA THR G 79 0.28 2.10 -39.06
C THR G 79 1.53 1.58 -38.35
N VAL G 80 1.97 0.42 -38.78
CA VAL G 80 3.24 -0.17 -38.35
C VAL G 80 4.22 -0.15 -39.52
N PHE G 81 5.46 0.25 -39.22
CA PHE G 81 6.51 0.37 -40.21
C PHE G 81 7.58 -0.69 -39.97
N LEU G 82 8.14 -1.24 -41.04
CA LEU G 82 9.30 -2.11 -40.95
C LEU G 82 10.43 -1.49 -41.77
N GLN G 83 11.42 -0.95 -41.08
CA GLN G 83 12.58 -0.37 -41.73
C GLN G 83 13.61 -1.47 -41.92
N MET G 84 13.95 -1.79 -43.16
CA MET G 84 14.85 -2.90 -43.48
C MET G 84 16.12 -2.31 -44.08
N ASN G 85 17.20 -2.36 -43.31
CA ASN G 85 18.49 -1.82 -43.74
C ASN G 85 19.45 -2.97 -44.04
N SER G 86 20.43 -2.66 -44.90
CA SER G 86 21.54 -3.57 -45.20
C SER G 86 21.00 -4.91 -45.73
N LEU G 87 20.15 -4.84 -46.75
CA LEU G 87 19.49 -6.04 -47.20
C LEU G 87 20.46 -6.96 -47.93
N THR G 88 20.23 -8.27 -47.78
CA THR G 88 20.99 -9.31 -48.45
C THR G 88 20.04 -10.23 -49.20
N THR G 89 20.60 -11.04 -50.11
CA THR G 89 19.78 -11.95 -50.89
C THR G 89 19.00 -12.92 -50.01
N GLU G 90 19.46 -13.17 -48.79
CA GLU G 90 18.70 -14.02 -47.88
C GLU G 90 17.45 -13.33 -47.33
N ASP G 91 17.25 -12.04 -47.60
CA ASP G 91 16.03 -11.38 -47.17
C ASP G 91 14.94 -11.41 -48.24
N THR G 92 15.20 -12.07 -49.37
CA THR G 92 14.21 -12.17 -50.43
C THR G 92 13.06 -13.08 -50.01
N ALA G 93 11.85 -12.53 -50.02
CA ALA G 93 10.67 -13.28 -49.60
C ALA G 93 9.46 -12.39 -49.86
N VAL G 94 8.28 -12.96 -49.68
CA VAL G 94 7.07 -12.18 -49.58
C VAL G 94 6.88 -11.83 -48.11
N TYR G 95 6.69 -10.54 -47.83
CA TYR G 95 6.54 -10.06 -46.46
C TYR G 95 5.07 -9.78 -46.17
N TYR G 96 4.56 -10.38 -45.10
CA TYR G 96 3.15 -10.29 -44.73
C TYR G 96 2.97 -9.49 -43.44
N CYS G 97 2.04 -8.53 -43.46
CA CYS G 97 1.59 -7.91 -42.23
C CYS G 97 0.64 -8.84 -41.49
N ASN G 98 0.77 -8.87 -40.16
CA ASN G 98 -0.02 -9.76 -39.32
C ASN G 98 -0.55 -8.99 -38.12
N ALA G 99 -1.85 -9.12 -37.87
CA ALA G 99 -2.52 -8.53 -36.72
C ALA G 99 -3.08 -9.65 -35.85
N GLN G 100 -2.73 -9.65 -34.58
CA GLN G 100 -3.25 -10.62 -33.63
C GLN G 100 -4.18 -9.93 -32.65
N ILE G 101 -5.43 -10.37 -32.61
CA ILE G 101 -6.44 -9.84 -31.67
C ILE G 101 -6.80 -10.94 -30.70
N LEU G 102 -6.53 -10.72 -29.42
CA LEU G 102 -6.86 -11.69 -28.37
C LEU G 102 -8.29 -11.46 -27.89
N SER G 103 -9.11 -12.51 -27.95
CA SER G 103 -10.41 -12.55 -27.32
C SER G 103 -10.35 -13.47 -26.11
N TRP G 104 -11.46 -13.56 -25.38
CA TRP G 104 -11.48 -14.37 -24.18
C TRP G 104 -11.05 -15.82 -24.37
N MET G 105 -11.52 -16.43 -25.45
CA MET G 105 -11.21 -17.81 -25.74
C MET G 105 -9.85 -17.98 -26.42
N GLY G 106 -9.26 -16.88 -26.87
CA GLY G 106 -8.00 -16.91 -27.54
C GLY G 106 -7.85 -15.95 -28.67
N GLY G 107 -6.69 -15.92 -29.28
CA GLY G 107 -6.41 -14.98 -30.34
C GLY G 107 -6.93 -15.31 -31.72
N THR G 108 -7.08 -14.30 -32.54
CA THR G 108 -7.45 -14.48 -33.94
C THR G 108 -6.39 -13.80 -34.77
N ASP G 109 -5.90 -14.47 -35.80
CA ASP G 109 -4.90 -13.94 -36.70
C ASP G 109 -5.58 -13.26 -37.89
N TYR G 110 -5.03 -12.12 -38.29
CA TYR G 110 -5.41 -11.46 -39.53
C TYR G 110 -4.14 -11.15 -40.31
N TRP G 111 -4.22 -11.31 -41.64
CA TRP G 111 -3.05 -11.18 -42.50
C TRP G 111 -3.37 -10.22 -43.64
N GLY G 112 -2.34 -9.52 -44.09
CA GLY G 112 -2.45 -8.73 -45.29
C GLY G 112 -2.21 -9.59 -46.51
N GLN G 113 -2.31 -8.96 -47.69
CA GLN G 113 -2.12 -9.73 -48.90
C GLN G 113 -0.65 -10.05 -49.16
N GLY G 114 0.26 -9.26 -48.61
CA GLY G 114 1.67 -9.55 -48.77
C GLY G 114 2.29 -8.76 -49.90
N THR G 115 3.55 -8.40 -49.74
CA THR G 115 4.30 -7.71 -50.77
C THR G 115 5.64 -8.39 -51.00
N GLN G 116 6.02 -8.52 -52.27
CA GLN G 116 7.25 -9.21 -52.62
C GLN G 116 8.45 -8.31 -52.36
N VAL G 117 9.46 -8.86 -51.69
CA VAL G 117 10.74 -8.19 -51.50
C VAL G 117 11.80 -9.07 -52.14
N THR G 118 12.53 -8.52 -53.11
CA THR G 118 13.61 -9.22 -53.79
C THR G 118 14.89 -8.41 -53.67
N VAL G 119 15.95 -9.05 -53.20
CA VAL G 119 17.27 -8.44 -53.14
C VAL G 119 18.14 -9.18 -54.14
N SER G 120 18.63 -8.48 -55.14
CA SER G 120 19.44 -9.13 -56.18
C SER G 120 20.47 -8.16 -56.73
N ALA H 2 -4.34 -46.59 -12.45
CA ALA H 2 -5.25 -45.76 -11.68
C ALA H 2 -4.54 -45.13 -10.49
N GLN H 3 -4.75 -43.82 -10.31
CA GLN H 3 -4.09 -43.05 -9.25
C GLN H 3 -4.82 -43.09 -7.90
N VAL H 4 -6.06 -43.60 -7.85
CA VAL H 4 -6.72 -43.86 -6.58
C VAL H 4 -7.74 -44.97 -6.82
N LYS H 5 -7.94 -45.80 -5.80
CA LYS H 5 -9.01 -46.78 -5.79
C LYS H 5 -9.96 -46.50 -4.64
N LEU H 6 -11.25 -46.57 -4.94
CA LEU H 6 -12.31 -46.26 -3.98
C LEU H 6 -13.12 -47.51 -3.66
N GLN H 7 -13.49 -47.64 -2.37
CA GLN H 7 -14.25 -48.77 -1.85
C GLN H 7 -15.41 -48.24 -1.04
N GLU H 8 -16.64 -48.43 -1.48
CA GLU H 8 -17.83 -48.05 -0.74
C GLU H 8 -18.22 -49.18 0.21
N SER H 9 -18.71 -48.81 1.39
CA SER H 9 -19.35 -49.77 2.30
C SER H 9 -20.61 -49.17 2.89
N GLY H 10 -21.46 -50.04 3.40
CA GLY H 10 -22.56 -49.64 4.25
C GLY H 10 -23.92 -49.47 3.61
N GLY H 11 -24.14 -49.97 2.41
CA GLY H 11 -25.46 -49.94 1.79
C GLY H 11 -26.40 -50.94 2.44
N GLY H 12 -27.29 -51.48 1.64
CA GLY H 12 -28.18 -52.52 2.14
C GLY H 12 -29.64 -52.12 2.10
N LEU H 13 -30.43 -52.76 2.95
CA LEU H 13 -31.85 -52.53 3.01
C LEU H 13 -32.29 -51.85 4.30
N VAL H 14 -33.14 -50.87 4.16
CA VAL H 14 -33.63 -50.15 5.28
C VAL H 14 -35.10 -50.03 5.06
N GLN H 15 -35.84 -49.76 6.13
CA GLN H 15 -37.26 -49.55 6.06
C GLN H 15 -37.43 -48.07 5.88
N PRO H 16 -38.58 -47.64 5.43
CA PRO H 16 -38.81 -46.22 5.12
C PRO H 16 -38.62 -45.42 6.39
N GLY H 17 -38.12 -44.19 6.27
CA GLY H 17 -37.91 -43.37 7.43
C GLY H 17 -36.69 -43.74 8.22
N GLY H 18 -36.10 -44.89 7.89
CA GLY H 18 -34.86 -45.34 8.52
C GLY H 18 -33.58 -44.64 8.05
N SER H 19 -32.42 -45.03 8.56
CA SER H 19 -31.18 -44.32 8.25
C SER H 19 -30.08 -45.30 7.85
N LEU H 20 -29.10 -44.76 7.14
CA LEU H 20 -27.91 -45.48 6.73
C LEU H 20 -26.75 -44.51 6.70
N ARG H 21 -25.55 -45.03 6.97
CA ARG H 21 -24.32 -44.27 6.84
C ARG H 21 -23.44 -44.96 5.82
N LEU H 22 -23.20 -44.31 4.70
CA LEU H 22 -22.27 -44.84 3.71
C LEU H 22 -20.88 -44.32 3.99
N SER H 23 -19.88 -45.10 3.58
CA SER H 23 -18.49 -44.75 3.80
C SER H 23 -17.72 -45.03 2.52
N CYS H 24 -16.68 -44.23 2.30
CA CYS H 24 -15.83 -44.37 1.12
C CYS H 24 -14.38 -44.28 1.53
N ALA H 25 -13.62 -45.34 1.27
CA ALA H 25 -12.22 -45.40 1.62
C ALA H 25 -11.37 -45.17 0.39
N SER H 26 -10.28 -44.43 0.57
CA SER H 26 -9.38 -44.06 -0.51
C SER H 26 -8.02 -44.72 -0.31
N SER H 27 -7.44 -45.22 -1.39
CA SER H 27 -6.12 -45.84 -1.31
C SER H 27 -5.02 -44.81 -1.15
N VAL H 28 -5.28 -43.55 -1.45
CA VAL H 28 -4.35 -42.46 -1.19
C VAL H 28 -4.97 -41.56 -0.14
N PRO H 29 -4.16 -40.76 0.56
CA PRO H 29 -4.74 -39.82 1.54
C PRO H 29 -5.73 -38.88 0.87
N ILE H 30 -6.90 -38.73 1.51
CA ILE H 30 -8.01 -38.00 0.90
C ILE H 30 -7.69 -36.53 0.69
N PHE H 31 -6.67 -35.97 1.36
CA PHE H 31 -6.33 -34.59 1.04
C PHE H 31 -5.59 -34.48 -0.28
N ALA H 32 -5.30 -35.61 -0.93
CA ALA H 32 -4.79 -35.62 -2.29
C ALA H 32 -5.93 -35.56 -3.29
N ILE H 33 -7.18 -35.59 -2.84
CA ILE H 33 -8.35 -35.60 -3.71
C ILE H 33 -9.01 -34.23 -3.67
N THR H 34 -9.16 -33.60 -4.84
CA THR H 34 -9.66 -32.24 -4.91
C THR H 34 -11.12 -32.15 -4.47
N VAL H 35 -11.98 -32.96 -5.07
CA VAL H 35 -13.39 -33.02 -4.70
C VAL H 35 -13.78 -34.49 -4.57
N MET H 36 -14.33 -34.85 -3.42
CA MET H 36 -14.92 -36.17 -3.22
C MET H 36 -16.43 -36.02 -3.17
N GLY H 37 -17.17 -36.92 -3.81
CA GLY H 37 -18.59 -36.76 -3.93
C GLY H 37 -19.29 -38.10 -3.90
N TRP H 38 -20.57 -38.05 -3.60
CA TRP H 38 -21.43 -39.21 -3.65
C TRP H 38 -22.46 -38.98 -4.74
N TYR H 39 -22.55 -39.94 -5.66
CA TYR H 39 -23.55 -39.95 -6.70
C TYR H 39 -24.44 -41.16 -6.47
N ARG H 40 -25.61 -41.14 -7.09
CA ARG H 40 -26.49 -42.29 -7.03
C ARG H 40 -27.11 -42.48 -8.41
N GLN H 41 -27.39 -43.75 -8.73
CA GLN H 41 -27.99 -44.15 -10.00
C GLN H 41 -29.05 -45.18 -9.70
N ALA H 42 -30.31 -44.85 -10.03
CA ALA H 42 -31.43 -45.75 -9.89
C ALA H 42 -31.83 -46.31 -11.26
N PRO H 43 -32.47 -47.48 -11.29
CA PRO H 43 -32.85 -48.06 -12.58
C PRO H 43 -33.84 -47.15 -13.30
N GLY H 44 -33.57 -46.88 -14.57
CA GLY H 44 -34.43 -46.03 -15.36
C GLY H 44 -34.31 -44.54 -15.15
N LYS H 45 -33.33 -44.06 -14.38
CA LYS H 45 -33.16 -42.61 -14.23
C LYS H 45 -31.73 -42.21 -14.55
N GLN H 46 -31.52 -40.90 -14.61
CA GLN H 46 -30.24 -40.28 -14.90
C GLN H 46 -29.40 -40.18 -13.63
N ARG H 47 -28.08 -40.07 -13.81
CA ARG H 47 -27.19 -39.92 -12.67
C ARG H 47 -27.55 -38.67 -11.88
N GLU H 48 -27.47 -38.77 -10.57
CA GLU H 48 -27.66 -37.61 -9.72
C GLU H 48 -26.47 -37.43 -8.80
N LEU H 49 -26.05 -36.18 -8.66
CA LEU H 49 -25.08 -35.84 -7.64
C LEU H 49 -25.87 -35.70 -6.35
N VAL H 50 -25.42 -36.36 -5.29
CA VAL H 50 -26.12 -36.32 -4.03
C VAL H 50 -25.45 -35.33 -3.09
N ALA H 51 -24.14 -35.45 -2.94
CA ALA H 51 -23.37 -34.53 -2.11
C ALA H 51 -21.92 -34.55 -2.59
N GLY H 52 -21.26 -33.42 -2.41
CA GLY H 52 -19.84 -33.34 -2.70
C GLY H 52 -19.18 -32.50 -1.63
N ILE H 53 -17.92 -32.80 -1.38
CA ILE H 53 -17.16 -32.07 -0.37
C ILE H 53 -15.77 -31.79 -0.94
N LYS H 54 -15.34 -30.56 -0.90
CA LYS H 54 -14.05 -30.21 -1.44
C LYS H 54 -13.03 -30.37 -0.39
N ARG H 55 -11.80 -30.24 -0.80
CA ARG H 55 -10.66 -30.42 0.05
C ARG H 55 -10.77 -29.45 1.20
N SER H 56 -11.27 -28.27 0.92
CA SER H 56 -11.33 -27.23 1.90
C SER H 56 -12.40 -27.54 2.92
N GLY H 57 -13.37 -28.33 2.55
CA GLY H 57 -14.51 -28.61 3.40
C GLY H 57 -15.83 -28.06 2.88
N ASP H 58 -15.82 -27.29 1.80
CA ASP H 58 -17.07 -26.81 1.21
C ASP H 58 -17.93 -27.99 0.76
N THR H 59 -19.20 -27.97 1.13
CA THR H 59 -20.11 -29.02 0.74
C THR H 59 -21.19 -28.46 -0.17
N ASN H 60 -21.79 -29.36 -0.96
CA ASN H 60 -22.98 -29.03 -1.71
C ASN H 60 -23.84 -30.27 -1.77
N TYR H 61 -25.15 -30.06 -1.77
CA TYR H 61 -26.12 -31.13 -1.68
C TYR H 61 -27.19 -30.92 -2.74
N ALA H 62 -27.78 -32.02 -3.21
CA ALA H 62 -28.92 -31.88 -4.08
C ALA H 62 -30.13 -31.41 -3.26
N ASP H 63 -31.01 -30.67 -3.91
CA ASP H 63 -32.17 -30.13 -3.22
C ASP H 63 -33.00 -31.25 -2.60
N SER H 64 -33.15 -32.37 -3.31
CA SER H 64 -33.96 -33.48 -2.86
C SER H 64 -33.44 -34.10 -1.57
N VAL H 65 -32.19 -33.82 -1.19
CA VAL H 65 -31.60 -34.40 0.01
C VAL H 65 -31.23 -33.34 1.04
N LYS H 66 -31.45 -32.07 0.73
CA LYS H 66 -31.16 -31.01 1.68
C LYS H 66 -31.87 -31.29 3.01
N GLY H 67 -31.10 -31.25 4.10
CA GLY H 67 -31.64 -31.47 5.43
C GLY H 67 -31.65 -32.91 5.90
N ARG H 68 -31.54 -33.88 5.01
CA ARG H 68 -31.53 -35.28 5.40
C ARG H 68 -30.15 -35.93 5.31
N PHE H 69 -29.33 -35.58 4.32
CA PHE H 69 -28.01 -36.17 4.17
C PHE H 69 -26.91 -35.22 4.60
N THR H 70 -25.81 -35.78 5.09
CA THR H 70 -24.65 -35.01 5.51
C THR H 70 -23.39 -35.72 5.03
N ILE H 71 -22.54 -35.00 4.29
CA ILE H 71 -21.28 -35.52 3.81
C ILE H 71 -20.15 -34.96 4.67
N SER H 72 -19.15 -35.79 4.96
CA SER H 72 -18.06 -35.34 5.81
C SER H 72 -16.76 -36.03 5.43
N ARG H 73 -15.65 -35.33 5.66
CA ARG H 73 -14.31 -35.87 5.51
C ARG H 73 -13.77 -36.28 6.88
N ASP H 74 -13.14 -37.45 6.92
CA ASP H 74 -12.44 -37.93 8.11
C ASP H 74 -10.99 -38.20 7.71
N ASP H 75 -10.10 -37.24 7.98
CA ASP H 75 -8.71 -37.40 7.56
C ASP H 75 -8.02 -38.53 8.31
N ALA H 76 -8.30 -38.69 9.60
CA ALA H 76 -7.63 -39.73 10.38
C ALA H 76 -8.00 -41.12 9.88
N LYS H 77 -9.27 -41.37 9.59
CA LYS H 77 -9.69 -42.66 9.04
C LYS H 77 -9.56 -42.72 7.53
N ASN H 78 -9.16 -41.63 6.89
CA ASN H 78 -9.03 -41.52 5.43
C ASN H 78 -10.32 -41.95 4.72
N THR H 79 -11.44 -41.47 5.23
CA THR H 79 -12.75 -41.92 4.77
C THR H 79 -13.65 -40.72 4.57
N VAL H 80 -14.49 -40.79 3.55
CA VAL H 80 -15.57 -39.84 3.35
C VAL H 80 -16.87 -40.55 3.68
N PHE H 81 -17.69 -39.94 4.52
CA PHE H 81 -18.94 -40.53 5.00
C PHE H 81 -20.12 -39.78 4.41
N LEU H 82 -21.18 -40.53 4.11
CA LEU H 82 -22.47 -39.97 3.74
C LEU H 82 -23.51 -40.45 4.73
N GLN H 83 -23.96 -39.58 5.59
CA GLN H 83 -25.01 -39.89 6.53
C GLN H 83 -26.35 -39.69 5.87
N MET H 84 -27.17 -40.73 5.85
CA MET H 84 -28.47 -40.74 5.16
C MET H 84 -29.59 -40.93 6.18
N ASN H 85 -30.35 -39.87 6.44
CA ASN H 85 -31.47 -39.91 7.37
C ASN H 85 -32.79 -39.79 6.64
N SER H 86 -33.85 -40.29 7.28
CA SER H 86 -35.23 -40.13 6.81
C SER H 86 -35.38 -40.70 5.40
N LEU H 87 -34.93 -41.91 5.21
CA LEU H 87 -34.94 -42.47 3.91
C LEU H 87 -36.31 -42.85 3.39
N THR H 88 -36.48 -42.66 2.11
CA THR H 88 -37.73 -42.99 1.44
C THR H 88 -37.42 -43.88 0.25
N THR H 89 -38.45 -44.55 -0.27
CA THR H 89 -38.26 -45.42 -1.43
C THR H 89 -37.70 -44.66 -2.63
N GLU H 90 -37.82 -43.35 -2.62
CA GLU H 90 -37.28 -42.57 -3.71
C GLU H 90 -35.76 -42.45 -3.63
N ASP H 91 -35.19 -42.90 -2.53
CA ASP H 91 -33.75 -42.92 -2.34
C ASP H 91 -33.11 -44.24 -2.77
N THR H 92 -33.90 -45.15 -3.33
CA THR H 92 -33.36 -46.42 -3.79
C THR H 92 -32.50 -46.21 -5.03
N ALA H 93 -31.25 -46.63 -4.95
CA ALA H 93 -30.31 -46.47 -6.06
C ALA H 93 -29.02 -47.18 -5.65
N VAL H 94 -28.11 -47.29 -6.60
CA VAL H 94 -26.73 -47.66 -6.29
C VAL H 94 -26.01 -46.35 -6.03
N TYR H 95 -25.34 -46.25 -4.89
CA TYR H 95 -24.67 -45.03 -4.50
C TYR H 95 -23.19 -45.17 -4.78
N TYR H 96 -22.64 -44.26 -5.56
CA TYR H 96 -21.24 -44.31 -5.98
C TYR H 96 -20.42 -43.23 -5.31
N CYS H 97 -19.27 -43.64 -4.77
CA CYS H 97 -18.23 -42.71 -4.38
C CYS H 97 -17.47 -42.22 -5.61
N ASN H 98 -17.16 -40.93 -5.61
CA ASN H 98 -16.46 -40.28 -6.70
C ASN H 98 -15.33 -39.43 -6.16
N ALA H 99 -14.15 -39.59 -6.73
CA ALA H 99 -12.98 -38.80 -6.40
C ALA H 99 -12.57 -38.00 -7.62
N GLN H 100 -12.49 -36.69 -7.46
CA GLN H 100 -12.05 -35.80 -8.52
C GLN H 100 -10.69 -35.26 -8.15
N ILE H 101 -9.69 -35.54 -8.99
CA ILE H 101 -8.33 -35.06 -8.78
C ILE H 101 -8.00 -34.07 -9.89
N LEU H 102 -7.70 -32.84 -9.52
CA LEU H 102 -7.34 -31.81 -10.48
C LEU H 102 -5.84 -31.91 -10.77
N SER H 103 -5.50 -32.07 -12.03
CA SER H 103 -4.14 -31.93 -12.54
C SER H 103 -4.06 -30.63 -13.32
N TRP H 104 -2.87 -30.30 -13.77
CA TRP H 104 -2.62 -29.08 -14.46
C TRP H 104 -3.55 -28.87 -15.62
N MET H 105 -3.73 -29.91 -16.45
CA MET H 105 -4.58 -29.81 -17.62
C MET H 105 -6.06 -30.00 -17.32
N GLY H 106 -6.37 -30.63 -16.20
CA GLY H 106 -7.75 -30.85 -15.83
C GLY H 106 -7.96 -31.96 -14.82
N GLY H 107 -9.21 -32.19 -14.47
CA GLY H 107 -9.51 -33.21 -13.49
C GLY H 107 -9.65 -34.60 -14.10
N THR H 108 -9.49 -35.60 -13.24
CA THR H 108 -9.73 -37.00 -13.58
C THR H 108 -10.76 -37.55 -12.61
N ASP H 109 -11.75 -38.26 -13.14
CA ASP H 109 -12.75 -38.90 -12.29
C ASP H 109 -12.35 -40.33 -11.97
N TYR H 110 -12.56 -40.72 -10.72
CA TYR H 110 -12.39 -42.10 -10.29
C TYR H 110 -13.64 -42.55 -9.56
N TRP H 111 -13.99 -43.82 -9.73
CA TRP H 111 -15.24 -44.33 -9.22
C TRP H 111 -15.03 -45.59 -8.40
N GLY H 112 -15.85 -45.73 -7.37
CA GLY H 112 -15.92 -46.97 -6.69
C GLY H 112 -16.84 -47.91 -7.41
N GLN H 113 -16.95 -49.11 -6.85
CA GLN H 113 -17.79 -50.14 -7.44
C GLN H 113 -19.26 -49.91 -7.16
N GLY H 114 -19.58 -49.15 -6.14
CA GLY H 114 -20.96 -48.80 -5.84
C GLY H 114 -21.54 -49.71 -4.79
N THR H 115 -22.44 -49.15 -3.98
CA THR H 115 -23.12 -49.93 -2.97
C THR H 115 -24.63 -49.72 -3.09
N GLN H 116 -25.38 -50.81 -3.01
CA GLN H 116 -26.81 -50.76 -3.20
C GLN H 116 -27.49 -50.28 -1.93
N VAL H 117 -28.40 -49.32 -2.09
CA VAL H 117 -29.26 -48.87 -0.99
C VAL H 117 -30.70 -49.11 -1.43
N THR H 118 -31.43 -49.91 -0.65
CA THR H 118 -32.82 -50.21 -0.93
C THR H 118 -33.68 -49.82 0.26
N VAL H 119 -34.71 -49.04 -0.01
CA VAL H 119 -35.68 -48.61 1.00
C VAL H 119 -36.99 -49.32 0.70
N SER H 120 -37.51 -50.05 1.68
CA SER H 120 -38.77 -50.76 1.52
C SER H 120 -39.29 -51.29 2.86
N ALA I 1 -27.23 -13.55 5.63
CA ALA I 1 -27.34 -15.00 5.63
C ALA I 1 -27.01 -15.58 6.99
N GLU I 2 -27.39 -16.85 7.19
CA GLU I 2 -26.89 -17.59 8.34
C GLU I 2 -25.38 -17.69 8.23
N GLU I 3 -24.68 -17.25 9.27
CA GLU I 3 -23.22 -17.28 9.23
C GLU I 3 -22.69 -18.70 9.32
N PHE I 4 -23.40 -19.59 10.00
CA PHE I 4 -22.96 -20.96 10.17
C PHE I 4 -24.12 -21.91 9.93
N PRO I 5 -23.85 -23.09 9.36
CA PRO I 5 -24.93 -24.04 9.07
C PRO I 5 -25.55 -24.59 10.35
N VAL I 6 -26.87 -24.58 10.41
CA VAL I 6 -27.63 -25.01 11.57
C VAL I 6 -27.84 -26.52 11.52
N PRO I 7 -27.56 -27.25 12.59
CA PRO I 7 -27.74 -28.70 12.57
C PRO I 7 -29.20 -29.09 12.39
N ASN I 8 -29.41 -30.23 11.75
CA ASN I 8 -30.74 -30.74 11.46
C ASN I 8 -31.52 -30.91 12.75
N GLY I 9 -32.74 -30.37 12.78
CA GLY I 9 -33.54 -30.39 13.99
C GLY I 9 -33.38 -29.18 14.89
N PHE I 10 -32.58 -28.19 14.50
CA PHE I 10 -32.33 -26.98 15.26
C PHE I 10 -32.85 -25.78 14.50
N GLU I 11 -32.97 -24.66 15.19
CA GLU I 11 -33.56 -23.50 14.54
C GLU I 11 -32.80 -22.24 14.89
N SER I 12 -32.61 -21.37 13.89
CA SER I 12 -31.97 -20.07 14.05
C SER I 12 -33.05 -19.01 14.22
N ALA I 13 -32.98 -18.27 15.32
CA ALA I 13 -34.03 -17.32 15.65
C ALA I 13 -33.41 -16.14 16.38
N TYR I 14 -34.23 -15.12 16.63
CA TYR I 14 -33.80 -13.94 17.36
C TYR I 14 -34.77 -13.65 18.49
N ARG I 15 -34.26 -12.95 19.49
CA ARG I 15 -35.05 -12.59 20.66
C ARG I 15 -34.44 -11.32 21.25
N GLU I 16 -35.27 -10.29 21.43
CA GLU I 16 -34.81 -9.01 21.91
C GLU I 16 -34.83 -8.95 23.44
N VAL I 17 -33.73 -8.46 24.02
CA VAL I 17 -33.53 -8.40 25.47
C VAL I 17 -32.93 -7.03 25.81
N ASP I 18 -33.65 -6.24 26.60
CA ASP I 18 -33.23 -4.88 26.98
C ASP I 18 -32.79 -4.08 25.75
N GLY I 19 -33.59 -4.15 24.70
CA GLY I 19 -33.35 -3.36 23.51
C GLY I 19 -32.38 -3.97 22.52
N VAL I 20 -31.72 -5.06 22.88
CA VAL I 20 -30.65 -5.66 22.08
C VAL I 20 -31.19 -6.94 21.47
N LYS I 21 -31.14 -7.05 20.15
CA LYS I 21 -31.64 -8.22 19.46
C LYS I 21 -30.55 -9.29 19.46
N LEU I 22 -30.76 -10.34 20.25
CA LEU I 22 -29.78 -11.41 20.40
C LEU I 22 -30.11 -12.57 19.46
N HIS I 23 -29.08 -13.10 18.82
CA HIS I 23 -29.23 -14.30 18.00
C HIS I 23 -28.91 -15.54 18.82
N TYR I 24 -29.52 -16.66 18.44
CA TYR I 24 -29.30 -17.94 19.13
C TYR I 24 -29.74 -19.05 18.20
N VAL I 25 -29.35 -20.27 18.55
CA VAL I 25 -29.73 -21.48 17.84
C VAL I 25 -30.24 -22.47 18.86
N LYS I 26 -31.46 -22.96 18.64
CA LYS I 26 -32.17 -23.74 19.65
C LYS I 26 -32.75 -25.01 19.05
N GLY I 27 -32.79 -26.05 19.85
CA GLY I 27 -33.35 -27.33 19.45
C GLY I 27 -33.49 -28.23 20.65
N GLY I 28 -34.24 -29.30 20.47
CA GLY I 28 -34.42 -30.27 21.52
C GLY I 28 -35.57 -29.93 22.43
N GLN I 29 -35.79 -30.81 23.43
CA GLN I 29 -36.87 -30.66 24.39
C GLN I 29 -36.36 -31.11 25.75
N GLY I 30 -36.95 -30.57 26.82
CA GLY I 30 -36.57 -30.93 28.16
C GLY I 30 -36.01 -29.76 28.93
N PRO I 31 -35.34 -30.04 30.06
CA PRO I 31 -34.71 -28.95 30.81
C PRO I 31 -33.72 -28.17 29.94
N LEU I 32 -33.44 -26.94 30.34
CA LEU I 32 -32.67 -26.03 29.50
C LEU I 32 -31.17 -26.12 29.82
N VAL I 33 -30.36 -26.16 28.76
CA VAL I 33 -28.92 -25.97 28.85
C VAL I 33 -28.53 -24.83 27.91
N MET I 34 -27.77 -23.87 28.42
CA MET I 34 -27.29 -22.76 27.61
C MET I 34 -25.78 -22.88 27.43
N LEU I 35 -25.33 -22.86 26.18
CA LEU I 35 -23.92 -22.97 25.82
C LEU I 35 -23.46 -21.61 25.31
N VAL I 36 -22.45 -21.04 25.96
CA VAL I 36 -22.00 -19.69 25.66
C VAL I 36 -20.58 -19.76 25.11
N HIS I 37 -20.41 -19.33 23.86
CA HIS I 37 -19.14 -19.39 23.19
C HIS I 37 -18.20 -18.30 23.71
N GLY I 38 -16.98 -18.30 23.21
CA GLY I 38 -15.97 -17.34 23.62
C GLY I 38 -15.40 -16.55 22.46
N PHE I 39 -14.23 -15.94 22.65
CA PHE I 39 -13.66 -15.05 21.65
C PHE I 39 -13.24 -15.82 20.40
N GLY I 40 -13.37 -15.16 19.26
CA GLY I 40 -12.98 -15.73 17.98
C GLY I 40 -13.99 -16.68 17.39
N GLN I 41 -15.07 -16.99 18.09
CA GLN I 41 -16.04 -17.97 17.62
C GLN I 41 -17.45 -17.43 17.89
N THR I 42 -18.43 -18.31 17.63
CA THR I 42 -19.84 -18.01 17.79
C THR I 42 -20.49 -19.26 18.39
N TRP I 43 -21.82 -19.29 18.38
CA TRP I 43 -22.54 -20.48 18.84
C TRP I 43 -22.06 -21.75 18.16
N TYR I 44 -21.48 -21.64 16.96
CA TYR I 44 -21.20 -22.79 16.10
C TYR I 44 -20.14 -23.71 16.69
N GLU I 45 -19.33 -23.25 17.64
CA GLU I 45 -18.37 -24.16 18.26
C GLU I 45 -19.08 -25.29 19.00
N TRP I 46 -20.36 -25.11 19.32
CA TRP I 46 -21.14 -26.10 20.04
C TRP I 46 -21.89 -27.06 19.11
N HIS I 47 -21.72 -26.94 17.79
CA HIS I 47 -22.60 -27.65 16.86
C HIS I 47 -22.42 -29.17 16.90
N GLN I 48 -21.33 -29.66 17.48
CA GLN I 48 -21.17 -31.10 17.67
C GLN I 48 -21.73 -31.58 18.99
N LEU I 49 -21.65 -30.74 20.03
CA LEU I 49 -22.23 -31.10 21.32
C LEU I 49 -23.73 -30.91 21.36
N MET I 50 -24.26 -30.00 20.54
CA MET I 50 -25.68 -29.67 20.62
C MET I 50 -26.59 -30.85 20.32
N PRO I 51 -26.40 -31.63 19.25
CA PRO I 51 -27.30 -32.76 19.02
C PRO I 51 -27.21 -33.82 20.11
N GLU I 52 -26.06 -33.97 20.75
CA GLU I 52 -25.93 -34.95 21.82
C GLU I 52 -26.75 -34.54 23.03
N LEU I 53 -26.65 -33.27 23.42
CA LEU I 53 -27.42 -32.76 24.54
C LEU I 53 -28.91 -32.71 24.21
N ALA I 54 -29.24 -32.51 22.94
CA ALA I 54 -30.64 -32.37 22.53
C ALA I 54 -31.44 -33.66 22.74
N LYS I 55 -30.76 -34.80 22.92
CA LYS I 55 -31.50 -36.03 23.13
C LYS I 55 -32.25 -36.04 24.46
N ARG I 56 -31.83 -35.23 25.42
CA ARG I 56 -32.57 -35.17 26.69
C ARG I 56 -32.73 -33.75 27.22
N PHE I 57 -32.34 -32.71 26.46
CA PHE I 57 -32.38 -31.33 26.92
C PHE I 57 -32.93 -30.40 25.85
N THR I 58 -33.34 -29.21 26.30
CA THR I 58 -33.51 -28.06 25.42
C THR I 58 -32.18 -27.32 25.40
N VAL I 59 -31.60 -27.15 24.22
CA VAL I 59 -30.27 -26.59 24.06
C VAL I 59 -30.39 -25.24 23.36
N ILE I 60 -29.83 -24.21 23.99
CA ILE I 60 -29.76 -22.88 23.42
C ILE I 60 -28.31 -22.41 23.45
N ALA I 61 -27.81 -21.99 22.31
CA ALA I 61 -26.46 -21.44 22.19
C ALA I 61 -26.57 -20.05 21.58
N PRO I 62 -26.47 -19.00 22.39
CA PRO I 62 -26.56 -17.63 21.85
C PRO I 62 -25.22 -17.12 21.35
N ASP I 63 -25.31 -16.14 20.47
CA ASP I 63 -24.16 -15.33 20.09
C ASP I 63 -23.99 -14.19 21.09
N LEU I 64 -22.77 -14.03 21.61
CA LEU I 64 -22.51 -12.95 22.55
C LEU I 64 -22.83 -11.59 21.92
N PRO I 65 -23.30 -10.63 22.70
CA PRO I 65 -23.62 -9.30 22.17
C PRO I 65 -22.49 -8.73 21.34
N GLY I 66 -22.83 -8.27 20.13
CA GLY I 66 -21.86 -7.75 19.19
C GLY I 66 -21.17 -8.80 18.33
N LEU I 67 -21.14 -10.06 18.77
CA LEU I 67 -20.51 -11.12 18.01
C LEU I 67 -21.56 -11.98 17.33
N GLY I 68 -21.10 -12.75 16.34
CA GLY I 68 -22.01 -13.54 15.54
C GLY I 68 -23.08 -12.67 14.91
N GLN I 69 -24.33 -13.06 15.11
CA GLN I 69 -25.46 -12.31 14.56
C GLN I 69 -26.21 -11.56 15.65
N SER I 70 -25.59 -11.39 16.82
CA SER I 70 -26.18 -10.63 17.91
C SER I 70 -25.73 -9.18 17.83
N GLU I 71 -26.59 -8.29 18.26
CA GLU I 71 -26.35 -6.87 18.20
C GLU I 71 -25.48 -6.44 19.38
N PRO I 72 -24.72 -5.36 19.22
CA PRO I 72 -23.86 -4.90 20.32
C PRO I 72 -24.68 -4.61 21.56
N PRO I 73 -24.09 -4.79 22.74
CA PRO I 73 -24.81 -4.43 23.97
C PRO I 73 -25.03 -2.95 24.01
N LYS I 74 -26.12 -2.55 24.67
CA LYS I 74 -26.37 -1.12 24.81
C LYS I 74 -25.81 -0.57 26.10
N THR I 75 -25.60 -1.41 27.11
CA THR I 75 -25.04 -0.94 28.37
C THR I 75 -23.51 -0.91 28.32
N GLY I 76 -22.89 -2.06 28.10
CA GLY I 76 -21.44 -2.12 28.09
C GLY I 76 -20.98 -3.56 27.94
N TYR I 77 -19.66 -3.72 27.96
CA TYR I 77 -19.06 -5.03 27.74
C TYR I 77 -18.51 -5.68 28.99
N SER I 78 -18.64 -5.05 30.16
CA SER I 78 -18.18 -5.70 31.38
C SER I 78 -19.01 -6.94 31.65
N GLY I 79 -18.43 -7.87 32.41
CA GLY I 79 -19.11 -9.13 32.68
C GLY I 79 -20.47 -8.94 33.33
N GLU I 80 -20.56 -8.06 34.33
CA GLU I 80 -21.84 -7.84 35.00
C GLU I 80 -22.89 -7.31 34.03
N GLN I 81 -22.48 -6.40 33.14
CA GLN I 81 -23.44 -5.85 32.16
C GLN I 81 -23.89 -6.91 31.17
N VAL I 82 -22.94 -7.67 30.62
CA VAL I 82 -23.31 -8.65 29.59
C VAL I 82 -24.08 -9.81 30.21
N ALA I 83 -23.79 -10.16 31.46
CA ALA I 83 -24.51 -11.24 32.13
C ALA I 83 -26.01 -10.96 32.22
N VAL I 84 -26.40 -9.70 32.24
CA VAL I 84 -27.83 -9.35 32.27
C VAL I 84 -28.52 -9.88 31.02
N TYR I 85 -27.94 -9.66 29.84
CA TYR I 85 -28.57 -10.08 28.59
C TYR I 85 -28.71 -11.61 28.52
N LEU I 86 -27.68 -12.33 28.95
CA LEU I 86 -27.69 -13.79 28.85
C LEU I 86 -28.64 -14.38 29.88
N HIS I 87 -28.67 -13.80 31.07
CA HIS I 87 -29.60 -14.23 32.11
C HIS I 87 -31.04 -14.05 31.64
N LYS I 88 -31.39 -12.86 31.17
CA LYS I 88 -32.77 -12.62 30.74
C LYS I 88 -33.15 -13.48 29.54
N LEU I 89 -32.20 -13.72 28.63
CA LEU I 89 -32.52 -14.56 27.48
C LEU I 89 -32.81 -16.00 27.90
N ALA I 90 -32.03 -16.53 28.83
CA ALA I 90 -32.25 -17.90 29.28
C ALA I 90 -33.59 -18.03 30.00
N ARG I 91 -33.87 -17.09 30.91
CA ARG I 91 -35.11 -17.13 31.67
C ARG I 91 -36.33 -16.92 30.78
N GLN I 92 -36.17 -16.33 29.60
CA GLN I 92 -37.32 -16.25 28.70
C GLN I 92 -37.74 -17.64 28.24
N PHE I 93 -36.79 -18.58 28.15
CA PHE I 93 -37.08 -19.94 27.72
C PHE I 93 -37.23 -20.91 28.87
N SER I 94 -36.75 -20.56 30.06
CA SER I 94 -36.93 -21.38 31.25
C SER I 94 -37.32 -20.48 32.42
N PRO I 95 -38.48 -19.84 32.33
CA PRO I 95 -38.86 -18.88 33.37
C PRO I 95 -39.16 -19.53 34.71
N ASP I 96 -39.45 -20.82 34.72
CA ASP I 96 -39.94 -21.54 35.88
C ASP I 96 -38.96 -22.53 36.46
N ARG I 97 -38.04 -23.04 35.63
CA ARG I 97 -37.06 -24.03 36.05
C ARG I 97 -35.65 -23.46 35.92
N PRO I 98 -34.75 -23.85 36.83
CA PRO I 98 -33.35 -23.50 36.68
C PRO I 98 -32.79 -24.20 35.47
N PHE I 99 -31.69 -23.67 34.94
CA PHE I 99 -31.09 -24.27 33.76
C PHE I 99 -29.62 -24.56 34.03
N ASP I 100 -29.00 -25.27 33.09
CA ASP I 100 -27.58 -25.58 33.14
C ASP I 100 -26.85 -24.58 32.25
N LEU I 101 -25.61 -24.26 32.64
CA LEU I 101 -24.78 -23.30 31.91
C LEU I 101 -23.45 -23.92 31.56
N VAL I 102 -23.09 -23.90 30.28
CA VAL I 102 -21.77 -24.28 29.80
C VAL I 102 -21.18 -23.09 29.07
N ALA I 103 -19.95 -22.70 29.45
CA ALA I 103 -19.33 -21.50 28.91
C ALA I 103 -17.85 -21.74 28.62
N HIS I 104 -17.36 -21.12 27.56
CA HIS I 104 -16.00 -21.29 27.06
C HIS I 104 -15.37 -19.92 26.88
N ASP I 105 -14.13 -19.77 27.36
CA ASP I 105 -13.33 -18.56 27.15
C ASP I 105 -14.10 -17.37 27.73
N ILE I 106 -14.26 -16.27 26.99
CA ILE I 106 -14.92 -15.09 27.54
C ILE I 106 -16.40 -15.34 27.79
N GLY I 107 -16.94 -16.48 27.36
CA GLY I 107 -18.26 -16.87 27.81
C GLY I 107 -18.33 -16.98 29.32
N ILE I 108 -17.21 -17.34 29.94
CA ILE I 108 -17.12 -17.32 31.41
C ILE I 108 -17.23 -15.90 31.93
N TRP I 109 -16.48 -14.97 31.35
CA TRP I 109 -16.51 -13.58 31.81
C TRP I 109 -17.93 -13.04 31.83
N ASN I 110 -18.71 -13.37 30.81
CA ASN I 110 -20.03 -12.78 30.61
C ASN I 110 -21.15 -13.58 31.27
N THR I 111 -20.83 -14.61 32.05
CA THR I 111 -21.89 -15.35 32.72
C THR I 111 -21.66 -15.45 34.23
N TYR I 112 -20.41 -15.36 34.66
CA TYR I 112 -20.13 -15.49 36.09
C TYR I 112 -20.95 -14.56 36.97
N PRO I 113 -21.13 -13.27 36.66
CA PRO I 113 -21.99 -12.44 37.51
C PRO I 113 -23.43 -12.92 37.60
N MET I 114 -24.04 -13.32 36.48
CA MET I 114 -25.40 -13.86 36.54
C MET I 114 -25.45 -15.10 37.44
N VAL I 115 -24.41 -15.92 37.39
CA VAL I 115 -24.41 -17.16 38.16
C VAL I 115 -24.37 -16.85 39.65
N VAL I 116 -23.44 -16.03 40.07
CA VAL I 116 -23.33 -15.71 41.48
C VAL I 116 -24.54 -14.92 42.02
N LYS I 117 -25.16 -14.10 41.19
CA LYS I 117 -26.34 -13.34 41.61
C LYS I 117 -27.68 -14.06 41.45
N ASN I 118 -27.72 -15.19 40.76
CA ASN I 118 -28.96 -15.93 40.52
C ASN I 118 -28.69 -17.42 40.65
N GLN I 119 -28.07 -17.80 41.77
CA GLN I 119 -27.61 -19.18 41.96
C GLN I 119 -28.76 -20.17 41.89
N ALA I 120 -29.93 -19.82 42.44
CA ALA I 120 -31.07 -20.74 42.40
C ALA I 120 -31.52 -21.03 40.98
N ASP I 121 -31.12 -20.22 40.01
CA ASP I 121 -31.45 -20.39 38.61
C ASP I 121 -30.44 -21.25 37.85
N ILE I 122 -29.30 -21.57 38.45
CA ILE I 122 -28.24 -22.33 37.78
C ILE I 122 -28.16 -23.68 38.47
N ALA I 123 -28.62 -24.72 37.79
CA ALA I 123 -28.58 -26.06 38.37
C ALA I 123 -27.17 -26.60 38.41
N ARG I 124 -26.55 -26.73 37.24
CA ARG I 124 -25.19 -27.25 37.11
C ARG I 124 -24.41 -26.33 36.17
N LEU I 125 -23.09 -26.26 36.40
CA LEU I 125 -22.24 -25.27 35.76
C LEU I 125 -20.99 -25.93 35.19
N VAL I 126 -20.69 -25.66 33.93
CA VAL I 126 -19.48 -26.11 33.27
C VAL I 126 -18.75 -24.90 32.74
N TYR I 127 -17.52 -24.71 33.18
CA TYR I 127 -16.66 -23.62 32.74
C TYR I 127 -15.40 -24.24 32.15
N MET I 128 -14.98 -23.75 30.99
CA MET I 128 -13.80 -24.35 30.37
C MET I 128 -12.96 -23.27 29.72
N GLU I 129 -11.64 -23.36 29.95
CA GLU I 129 -10.63 -22.71 29.11
C GLU I 129 -10.70 -21.18 29.15
N ALA I 130 -10.57 -20.58 30.33
CA ALA I 130 -10.35 -19.15 30.54
C ALA I 130 -10.39 -18.85 32.02
N PRO I 131 -9.65 -17.83 32.47
CA PRO I 131 -9.78 -17.38 33.86
C PRO I 131 -11.05 -16.57 34.07
N ILE I 132 -11.60 -16.67 35.26
CA ILE I 132 -12.56 -15.65 35.69
C ILE I 132 -11.81 -14.35 35.92
N PRO I 133 -12.31 -13.21 35.47
CA PRO I 133 -11.59 -11.96 35.70
C PRO I 133 -11.38 -11.64 37.18
N ASP I 134 -10.14 -11.75 37.64
CA ASP I 134 -9.75 -11.28 38.96
C ASP I 134 -8.26 -10.96 38.90
N ALA I 135 -7.70 -10.59 40.05
CA ALA I 135 -6.32 -10.13 40.09
C ALA I 135 -5.33 -11.20 39.65
N ARG I 136 -5.74 -12.47 39.59
CA ARG I 136 -4.85 -13.51 39.11
C ARG I 136 -4.42 -13.29 37.68
N ILE I 137 -5.26 -12.64 36.86
CA ILE I 137 -4.91 -12.44 35.46
C ILE I 137 -3.77 -11.46 35.31
N TYR I 138 -3.49 -10.64 36.34
CA TYR I 138 -2.36 -9.73 36.25
C TYR I 138 -1.01 -10.43 36.37
N ARG I 139 -1.00 -11.74 36.62
CA ARG I 139 0.21 -12.53 36.76
C ARG I 139 0.56 -13.38 35.54
N PHE I 140 -0.25 -13.36 34.49
CA PHE I 140 0.08 -14.04 33.25
C PHE I 140 1.35 -13.44 32.63
N PRO I 141 2.20 -14.25 32.01
CA PRO I 141 3.48 -13.75 31.48
C PRO I 141 3.32 -13.14 30.10
N ALA I 142 4.01 -12.01 29.88
CA ALA I 142 4.06 -11.39 28.56
C ALA I 142 4.99 -12.13 27.59
N PHE I 143 5.91 -12.94 28.10
CA PHE I 143 6.90 -13.64 27.29
C PHE I 143 7.40 -14.83 28.11
N THR I 144 7.69 -15.94 27.44
CA THR I 144 7.97 -17.20 28.14
C THR I 144 9.25 -17.83 27.63
N ALA I 145 9.74 -18.82 28.39
CA ALA I 145 10.89 -19.58 27.96
C ALA I 145 10.63 -20.36 26.68
N GLN I 146 9.38 -20.43 26.23
CA GLN I 146 9.05 -21.10 24.98
C GLN I 146 8.77 -20.10 23.87
N GLY I 147 9.02 -18.81 24.10
CA GLY I 147 8.71 -17.82 23.08
C GLY I 147 7.40 -17.11 23.37
N GLU I 148 6.66 -16.79 22.31
CA GLU I 148 5.40 -16.07 22.42
C GLU I 148 4.49 -16.69 23.47
N SER I 149 4.03 -15.85 24.40
CA SER I 149 3.07 -16.28 25.39
C SER I 149 1.69 -16.44 24.77
N LEU I 150 0.81 -17.15 25.49
CA LEU I 150 -0.55 -17.40 25.01
C LEU I 150 -1.53 -16.31 25.40
N VAL I 151 -1.06 -15.32 26.12
CA VAL I 151 -1.93 -14.37 26.77
C VAL I 151 -1.67 -12.89 26.37
N TRP I 152 -0.65 -12.63 25.58
CA TRP I 152 -0.29 -11.25 25.25
C TRP I 152 -1.39 -10.50 24.53
N HIS I 153 -2.33 -11.20 23.89
CA HIS I 153 -3.43 -10.53 23.22
C HIS I 153 -4.32 -9.76 24.20
N PHE I 154 -4.28 -10.10 25.49
CA PHE I 154 -5.03 -9.34 26.48
C PHE I 154 -4.72 -7.84 26.40
N SER I 155 -3.43 -7.49 26.38
CA SER I 155 -3.04 -6.10 26.33
C SER I 155 -3.14 -5.53 24.92
N PHE I 156 -2.86 -6.36 23.91
CA PHE I 156 -3.06 -5.96 22.52
C PHE I 156 -4.50 -5.55 22.27
N PHE I 157 -5.46 -6.39 22.70
CA PHE I 157 -6.87 -6.08 22.48
C PHE I 157 -7.31 -4.90 23.33
N ALA I 158 -6.70 -4.73 24.50
CA ALA I 158 -7.09 -3.64 25.41
C ALA I 158 -6.34 -2.35 25.13
N ALA I 159 -5.39 -2.35 24.19
CA ALA I 159 -4.62 -1.15 23.88
C ALA I 159 -5.55 -0.02 23.41
N ASP I 160 -5.13 1.22 23.69
CA ASP I 160 -5.96 2.37 23.37
C ASP I 160 -5.94 2.71 21.88
N ASP I 161 -6.83 3.64 21.52
CA ASP I 161 -6.87 4.29 20.20
C ASP I 161 -7.15 3.31 19.06
N ARG I 162 -7.96 2.28 19.32
CA ARG I 162 -8.35 1.31 18.28
C ARG I 162 -7.12 0.68 17.62
N LEU I 163 -6.10 0.38 18.41
CA LEU I 163 -4.89 -0.22 17.85
C LEU I 163 -5.21 -1.55 17.16
N ALA I 164 -5.91 -2.44 17.86
CA ALA I 164 -6.16 -3.77 17.32
C ALA I 164 -7.03 -3.73 16.08
N GLU I 165 -8.12 -2.94 16.11
CA GLU I 165 -8.95 -2.79 14.92
C GLU I 165 -8.12 -2.24 13.76
N THR I 166 -7.31 -1.21 14.02
CA THR I 166 -6.57 -0.56 12.94
C THR I 166 -5.58 -1.52 12.29
N LEU I 167 -4.87 -2.31 13.09
CA LEU I 167 -3.87 -3.23 12.55
C LEU I 167 -4.50 -4.46 11.91
N ILE I 168 -5.62 -4.93 12.44
CA ILE I 168 -6.21 -6.18 11.96
C ILE I 168 -7.18 -5.98 10.79
N ALA I 169 -7.74 -4.77 10.64
CA ALA I 169 -8.67 -4.50 9.55
C ALA I 169 -8.03 -4.85 8.20
N GLY I 170 -8.77 -5.60 7.39
CA GLY I 170 -8.22 -6.11 6.15
C GLY I 170 -7.43 -7.38 6.29
N LYS I 171 -7.17 -7.85 7.51
CA LYS I 171 -6.38 -9.05 7.74
C LYS I 171 -7.02 -9.93 8.81
N GLU I 172 -8.36 -9.89 8.92
CA GLU I 172 -9.06 -10.62 9.97
C GLU I 172 -8.85 -12.11 9.81
N ARG I 173 -8.91 -12.60 8.57
CA ARG I 173 -8.67 -14.01 8.28
C ARG I 173 -7.26 -14.43 8.68
N PHE I 174 -6.25 -13.60 8.34
CA PHE I 174 -4.88 -13.90 8.73
C PHE I 174 -4.71 -13.96 10.25
N PHE I 175 -5.22 -12.94 10.95
CA PHE I 175 -4.98 -12.87 12.39
C PHE I 175 -5.69 -13.98 13.14
N LEU I 176 -6.97 -14.22 12.83
CA LEU I 176 -7.72 -15.22 13.58
C LEU I 176 -7.16 -16.61 13.34
N GLU I 177 -6.69 -16.89 12.12
CA GLU I 177 -6.04 -18.16 11.83
C GLU I 177 -4.76 -18.33 12.65
N HIS I 178 -3.97 -17.27 12.79
CA HIS I 178 -2.81 -17.37 13.68
C HIS I 178 -3.25 -17.52 15.13
N PHE I 179 -4.25 -16.74 15.55
CA PHE I 179 -4.67 -16.80 16.94
C PHE I 179 -5.22 -18.18 17.28
N ILE I 180 -6.05 -18.74 16.40
CA ILE I 180 -6.63 -20.06 16.67
C ILE I 180 -5.54 -21.12 16.69
N LYS I 181 -4.71 -21.16 15.64
CA LYS I 181 -3.70 -22.22 15.55
C LYS I 181 -2.66 -22.11 16.65
N SER I 182 -2.29 -20.89 17.04
CA SER I 182 -1.26 -20.75 18.08
C SER I 182 -1.77 -21.15 19.45
N HIS I 183 -3.09 -21.24 19.64
CA HIS I 183 -3.66 -21.70 20.90
C HIS I 183 -4.19 -23.12 20.82
N ALA I 184 -3.92 -23.84 19.73
CA ALA I 184 -4.43 -25.19 19.56
C ALA I 184 -3.31 -26.21 19.67
N SER I 185 -3.64 -27.39 20.17
CA SER I 185 -2.76 -28.54 20.07
C SER I 185 -3.04 -29.34 18.81
N ASN I 186 -4.32 -29.50 18.46
CA ASN I 186 -4.75 -30.26 17.29
C ASN I 186 -5.27 -29.25 16.27
N THR I 187 -4.38 -28.78 15.40
CA THR I 187 -4.76 -27.76 14.42
C THR I 187 -5.46 -28.32 13.18
N GLU I 188 -5.38 -29.63 12.95
CA GLU I 188 -5.95 -30.19 11.73
C GLU I 188 -7.48 -30.04 11.68
N VAL I 189 -8.15 -30.05 12.84
CA VAL I 189 -9.61 -29.95 12.86
C VAL I 189 -10.10 -28.59 12.33
N PHE I 190 -9.23 -27.58 12.23
CA PHE I 190 -9.62 -26.26 11.73
C PHE I 190 -9.37 -26.14 10.23
N SER I 191 -10.38 -26.51 9.44
CA SER I 191 -10.29 -26.49 7.99
C SER I 191 -10.37 -25.05 7.46
N GLU I 192 -10.04 -24.92 6.16
CA GLU I 192 -10.17 -23.65 5.46
C GLU I 192 -11.60 -23.12 5.52
N ARG I 193 -12.59 -24.00 5.38
CA ARG I 193 -13.97 -23.54 5.44
C ARG I 193 -14.33 -23.06 6.84
N LEU I 194 -13.87 -23.77 7.87
CA LEU I 194 -14.18 -23.37 9.23
C LEU I 194 -13.50 -22.05 9.59
N LEU I 195 -12.22 -21.91 9.25
CA LEU I 195 -11.51 -20.66 9.54
C LEU I 195 -12.13 -19.50 8.79
N ASP I 196 -12.51 -19.71 7.53
CA ASP I 196 -13.11 -18.63 6.76
C ASP I 196 -14.46 -18.23 7.34
N LEU I 197 -15.28 -19.21 7.75
CA LEU I 197 -16.57 -18.88 8.35
C LEU I 197 -16.39 -18.05 9.62
N TYR I 198 -15.47 -18.48 10.50
CA TYR I 198 -15.21 -17.71 11.72
C TYR I 198 -14.65 -16.33 11.38
N ALA I 199 -13.68 -16.28 10.46
CA ALA I 199 -13.07 -15.00 10.11
C ALA I 199 -14.07 -14.06 9.48
N ARG I 200 -14.91 -14.57 8.57
CA ARG I 200 -15.92 -13.73 7.94
C ARG I 200 -16.88 -13.15 8.99
N SER I 201 -17.22 -13.94 10.00
CA SER I 201 -18.17 -13.48 11.01
C SER I 201 -17.58 -12.37 11.87
N TYR I 202 -16.40 -12.58 12.41
CA TYR I 202 -15.83 -11.60 13.32
C TYR I 202 -15.18 -10.44 12.58
N ALA I 203 -15.07 -10.53 11.24
CA ALA I 203 -14.57 -9.43 10.42
C ALA I 203 -15.61 -8.33 10.22
N LYS I 204 -16.87 -8.58 10.53
CA LYS I 204 -17.85 -7.51 10.51
C LYS I 204 -17.34 -6.38 11.42
N PRO I 205 -17.26 -5.14 10.93
CA PRO I 205 -16.64 -4.07 11.72
C PRO I 205 -17.14 -3.97 13.15
N HIS I 206 -18.45 -4.03 13.39
CA HIS I 206 -18.96 -3.91 14.75
C HIS I 206 -18.59 -5.13 15.59
N SER I 207 -18.40 -6.29 14.95
CA SER I 207 -18.00 -7.50 15.65
C SER I 207 -16.51 -7.50 16.00
N LEU I 208 -15.67 -7.01 15.08
CA LEU I 208 -14.26 -6.89 15.39
C LEU I 208 -14.04 -5.98 16.58
N ASN I 209 -14.72 -4.83 16.59
CA ASN I 209 -14.62 -3.92 17.72
C ASN I 209 -15.23 -4.55 18.98
N ALA I 210 -16.41 -5.15 18.85
CA ALA I 210 -17.04 -5.80 20.00
C ALA I 210 -16.11 -6.82 20.62
N SER I 211 -15.41 -7.59 19.78
CA SER I 211 -14.48 -8.58 20.29
C SER I 211 -13.51 -7.96 21.29
N PHE I 212 -12.96 -6.79 20.93
CA PHE I 212 -11.92 -6.18 21.74
C PHE I 212 -12.49 -5.40 22.92
N GLU I 213 -13.71 -4.87 22.79
CA GLU I 213 -14.29 -4.14 23.91
C GLU I 213 -14.46 -5.04 25.14
N TYR I 214 -14.64 -6.34 24.92
CA TYR I 214 -14.67 -7.27 26.05
C TYR I 214 -13.38 -7.22 26.86
N TYR I 215 -12.24 -7.14 26.19
CA TYR I 215 -10.96 -7.02 26.87
C TYR I 215 -10.74 -5.62 27.44
N ARG I 216 -11.30 -4.61 26.78
CA ARG I 216 -11.20 -3.26 27.31
C ARG I 216 -12.04 -3.08 28.56
N ALA I 217 -13.02 -3.95 28.81
CA ALA I 217 -13.81 -3.92 30.03
C ALA I 217 -13.28 -4.87 31.09
N LEU I 218 -12.13 -5.50 30.85
CA LEU I 218 -11.65 -6.56 31.72
C LEU I 218 -11.32 -6.02 33.11
N ASN I 219 -10.66 -4.86 33.18
CA ASN I 219 -10.34 -4.24 34.47
C ASN I 219 -11.61 -3.90 35.25
N GLU I 220 -12.64 -3.42 34.55
CA GLU I 220 -13.91 -3.19 35.24
C GLU I 220 -14.51 -4.50 35.72
N SER I 221 -14.36 -5.56 34.92
CA SER I 221 -14.89 -6.86 35.31
C SER I 221 -14.16 -7.41 36.53
N VAL I 222 -12.84 -7.22 36.58
CA VAL I 222 -12.08 -7.63 37.77
C VAL I 222 -12.65 -6.96 39.00
N ARG I 223 -12.86 -5.64 38.93
CA ARG I 223 -13.39 -4.89 40.07
C ARG I 223 -14.80 -5.35 40.42
N GLN I 224 -15.64 -5.58 39.40
CA GLN I 224 -16.99 -6.09 39.68
C GLN I 224 -16.91 -7.44 40.39
N ASN I 225 -16.04 -8.33 39.91
CA ASN I 225 -15.95 -9.67 40.49
C ASN I 225 -15.29 -9.67 41.86
N ALA I 226 -14.51 -8.64 42.19
CA ALA I 226 -13.94 -8.57 43.54
C ALA I 226 -15.04 -8.45 44.59
N GLU I 227 -16.14 -7.80 44.27
CA GLU I 227 -17.30 -7.77 45.16
C GLU I 227 -18.15 -9.02 45.02
N LEU I 228 -18.37 -9.46 43.81
CA LEU I 228 -19.22 -10.58 43.61
C LEU I 228 -18.69 -11.82 44.27
N ALA I 229 -17.39 -12.01 44.26
CA ALA I 229 -16.79 -13.24 44.75
C ALA I 229 -16.91 -13.43 46.25
N LYS I 230 -17.39 -12.41 46.99
CA LYS I 230 -17.58 -12.58 48.43
C LYS I 230 -18.60 -13.68 48.73
N THR I 231 -19.47 -14.01 47.79
CA THR I 231 -20.41 -15.12 47.91
C THR I 231 -19.90 -16.30 47.09
N ARG I 232 -19.60 -17.42 47.75
CA ARG I 232 -19.12 -18.58 47.02
C ARG I 232 -20.24 -19.21 46.20
N LEU I 233 -19.87 -19.89 45.12
CA LEU I 233 -20.85 -20.58 44.29
C LEU I 233 -21.18 -21.95 44.88
N GLN I 234 -22.45 -22.35 44.76
CA GLN I 234 -22.91 -23.55 45.45
C GLN I 234 -23.33 -24.69 44.54
N MET I 235 -23.70 -24.43 43.28
CA MET I 235 -24.16 -25.50 42.42
C MET I 235 -23.00 -26.42 42.05
N PRO I 236 -23.30 -27.64 41.66
CA PRO I 236 -22.24 -28.53 41.17
C PRO I 236 -21.54 -27.92 39.96
N THR I 237 -20.22 -28.02 39.95
CA THR I 237 -19.40 -27.32 38.96
C THR I 237 -18.35 -28.26 38.42
N MET I 238 -18.18 -28.24 37.11
CA MET I 238 -17.08 -28.94 36.45
C MET I 238 -16.26 -27.94 35.66
N THR I 239 -14.94 -28.05 35.75
CA THR I 239 -14.05 -27.25 34.91
C THR I 239 -13.30 -28.16 33.94
N LEU I 240 -13.12 -27.67 32.73
CA LEU I 240 -12.36 -28.34 31.70
C LEU I 240 -11.26 -27.42 31.20
N ALA I 241 -10.12 -28.01 30.86
CA ALA I 241 -8.99 -27.26 30.35
C ALA I 241 -8.15 -28.21 29.50
N GLY I 242 -7.49 -27.66 28.49
CA GLY I 242 -6.59 -28.45 27.68
C GLY I 242 -5.22 -28.58 28.34
N GLY I 243 -4.67 -29.79 28.31
CA GLY I 243 -3.36 -30.07 28.83
C GLY I 243 -2.27 -30.06 27.79
N GLY I 244 -2.63 -29.92 26.52
CA GLY I 244 -1.66 -29.72 25.47
C GLY I 244 -1.33 -28.25 25.31
N HIS I 245 -0.52 -27.98 24.29
CA HIS I 245 -0.12 -26.61 24.00
C HIS I 245 -1.34 -25.72 23.74
N GLY I 246 -1.35 -24.56 24.38
CA GLY I 246 -2.37 -23.55 24.15
C GLY I 246 -3.46 -23.50 25.18
N GLY I 247 -3.57 -24.50 26.05
CA GLY I 247 -4.65 -24.59 26.99
C GLY I 247 -4.35 -23.95 28.33
N MET I 248 -5.36 -23.95 29.20
CA MET I 248 -5.24 -23.37 30.53
C MET I 248 -4.48 -24.26 31.50
N GLY I 249 -4.40 -25.57 31.25
CA GLY I 249 -3.68 -26.43 32.16
C GLY I 249 -4.35 -26.53 33.53
N THR I 250 -3.51 -26.66 34.56
CA THR I 250 -4.02 -26.81 35.92
C THR I 250 -4.68 -25.54 36.44
N PHE I 251 -4.37 -24.38 35.86
CA PHE I 251 -4.84 -23.13 36.41
C PHE I 251 -6.37 -23.05 36.44
N GLN I 252 -7.06 -23.75 35.53
CA GLN I 252 -8.51 -23.64 35.45
C GLN I 252 -9.16 -24.15 36.74
N LEU I 253 -8.78 -25.35 37.18
CA LEU I 253 -9.35 -25.90 38.40
C LEU I 253 -8.86 -25.14 39.62
N GLU I 254 -7.57 -24.75 39.62
CA GLU I 254 -7.00 -24.04 40.75
C GLU I 254 -7.78 -22.78 41.07
N GLN I 255 -8.12 -21.99 40.04
CA GLN I 255 -8.85 -20.76 40.28
C GLN I 255 -10.30 -21.04 40.68
N MET I 256 -10.94 -22.03 40.06
CA MET I 256 -12.34 -22.30 40.38
C MET I 256 -12.52 -22.73 41.83
N LYS I 257 -11.49 -23.31 42.45
CA LYS I 257 -11.61 -23.72 43.85
C LYS I 257 -11.87 -22.54 44.77
N ALA I 258 -11.39 -21.35 44.42
CA ALA I 258 -11.64 -20.16 45.21
C ALA I 258 -13.00 -19.56 44.96
N TYR I 259 -13.77 -20.12 44.04
CA TYR I 259 -15.09 -19.61 43.70
C TYR I 259 -16.21 -20.60 44.01
N ALA I 260 -16.01 -21.88 43.72
CA ALA I 260 -17.06 -22.88 43.86
C ALA I 260 -16.71 -23.82 45.00
N GLU I 261 -17.72 -24.18 45.79
CA GLU I 261 -17.53 -25.10 46.90
C GLU I 261 -17.60 -26.56 46.44
N ASP I 262 -18.30 -26.83 45.35
CA ASP I 262 -18.52 -28.17 44.81
C ASP I 262 -18.02 -28.17 43.37
N VAL I 263 -16.74 -28.49 43.17
CA VAL I 263 -16.13 -28.42 41.84
C VAL I 263 -15.24 -29.63 41.61
N GLU I 264 -15.36 -30.24 40.43
CA GLU I 264 -14.39 -31.21 39.94
C GLU I 264 -13.83 -30.71 38.62
N GLY I 265 -12.55 -30.98 38.37
CA GLY I 265 -11.88 -30.46 37.20
C GLY I 265 -11.11 -31.53 36.44
N HIS I 266 -11.00 -31.31 35.13
CA HIS I 266 -10.26 -32.20 34.25
C HIS I 266 -9.34 -31.42 33.33
N VAL I 267 -8.16 -31.97 33.08
CA VAL I 267 -7.21 -31.43 32.11
C VAL I 267 -7.04 -32.48 31.02
N LEU I 268 -7.38 -32.12 29.78
CA LEU I 268 -7.47 -33.09 28.70
C LEU I 268 -6.14 -33.16 27.95
N PRO I 269 -5.41 -34.27 28.01
CA PRO I 269 -4.07 -34.32 27.41
C PRO I 269 -4.09 -34.15 25.90
N GLY I 270 -3.06 -33.48 25.38
CA GLY I 270 -2.93 -33.29 23.96
C GLY I 270 -3.95 -32.35 23.35
N CYS I 271 -4.67 -31.59 24.16
CA CYS I 271 -5.73 -30.69 23.71
C CYS I 271 -5.37 -29.26 24.07
N GLY I 272 -5.67 -28.33 23.18
CA GLY I 272 -5.37 -26.93 23.40
C GLY I 272 -6.53 -26.15 23.98
N HIS I 273 -6.72 -24.93 23.48
CA HIS I 273 -7.73 -24.01 24.01
C HIS I 273 -9.12 -24.34 23.48
N TRP I 274 -9.22 -24.88 22.27
CA TRP I 274 -10.49 -25.05 21.57
C TRP I 274 -11.04 -26.46 21.78
N LEU I 275 -11.37 -26.76 23.04
CA LEU I 275 -11.77 -28.12 23.43
C LEU I 275 -12.90 -28.70 22.59
N PRO I 276 -14.03 -28.01 22.33
CA PRO I 276 -15.11 -28.65 21.58
C PRO I 276 -14.71 -29.14 20.19
N GLU I 277 -13.75 -28.49 19.54
CA GLU I 277 -13.32 -28.89 18.20
C GLU I 277 -12.05 -29.73 18.23
N GLU I 278 -11.08 -29.37 19.06
CA GLU I 278 -9.85 -30.14 19.14
C GLU I 278 -10.11 -31.53 19.72
N CYS I 279 -10.99 -31.62 20.71
CA CYS I 279 -11.17 -32.83 21.48
C CYS I 279 -12.66 -33.09 21.74
N ALA I 280 -13.43 -33.13 20.64
CA ALA I 280 -14.87 -33.28 20.72
C ALA I 280 -15.28 -34.51 21.52
N ALA I 281 -14.68 -35.67 21.23
CA ALA I 281 -15.12 -36.91 21.87
C ALA I 281 -14.90 -36.89 23.38
N PRO I 282 -13.68 -36.71 23.88
CA PRO I 282 -13.52 -36.68 25.35
C PRO I 282 -14.31 -35.56 26.01
N MET I 283 -14.35 -34.37 25.38
CA MET I 283 -15.04 -33.24 26.00
C MET I 283 -16.55 -33.43 25.99
N ASN I 284 -17.11 -33.89 24.87
CA ASN I 284 -18.55 -34.12 24.82
C ASN I 284 -18.96 -35.16 25.85
N ARG I 285 -18.17 -36.22 26.01
CA ARG I 285 -18.47 -37.26 26.99
C ARG I 285 -18.52 -36.70 28.40
N LEU I 286 -17.53 -35.88 28.77
CA LEU I 286 -17.49 -35.34 30.13
C LEU I 286 -18.67 -34.40 30.38
N VAL I 287 -19.04 -33.60 29.39
CA VAL I 287 -20.13 -32.65 29.58
C VAL I 287 -21.46 -33.37 29.70
N ILE I 288 -21.71 -34.32 28.79
CA ILE I 288 -22.96 -35.09 28.85
C ILE I 288 -23.06 -35.85 30.16
N ASP I 289 -21.96 -36.48 30.57
CA ASP I 289 -21.98 -37.25 31.82
C ASP I 289 -22.29 -36.34 33.01
N PHE I 290 -21.63 -35.17 33.06
CA PHE I 290 -21.80 -34.27 34.19
C PHE I 290 -23.24 -33.76 34.29
N LEU I 291 -23.87 -33.49 33.15
CA LEU I 291 -25.23 -32.93 33.14
C LEU I 291 -26.31 -34.00 33.13
N SER I 292 -25.94 -35.27 32.93
CA SER I 292 -26.92 -36.35 32.90
C SER I 292 -26.96 -37.13 34.21
N ARG I 293 -25.88 -37.05 34.99
CA ARG I 293 -25.73 -37.85 36.20
C ARG I 293 -26.84 -37.54 37.19
N GLY I 294 -27.47 -38.59 37.71
CA GLY I 294 -28.53 -38.42 38.70
C GLY I 294 -29.76 -37.73 38.18
N ARG I 295 -30.17 -38.03 36.95
CA ARG I 295 -31.36 -37.41 36.36
C ARG I 295 -32.15 -38.43 35.54
N ALA J 1 22.08 9.39 0.22
CA ALA J 1 20.97 10.00 0.95
C ALA J 1 21.27 10.02 2.44
N GLU J 2 20.38 10.60 3.23
CA GLU J 2 20.60 10.61 4.67
C GLU J 2 19.24 10.59 5.35
N GLU J 3 19.02 9.60 6.23
CA GLU J 3 17.72 9.47 6.88
C GLU J 3 17.48 10.53 7.95
N PHE J 4 18.53 10.99 8.63
CA PHE J 4 18.38 11.93 9.73
C PHE J 4 19.41 13.04 9.62
N PRO J 5 19.08 14.25 10.07
CA PRO J 5 20.01 15.38 9.95
C PRO J 5 21.26 15.16 10.79
N VAL J 6 22.41 15.38 10.17
CA VAL J 6 23.70 15.21 10.84
C VAL J 6 24.07 16.51 11.54
N PRO J 7 24.42 16.46 12.83
CA PRO J 7 24.84 17.68 13.52
C PRO J 7 26.19 18.20 13.03
N ASN J 8 26.34 19.52 13.11
CA ASN J 8 27.58 20.19 12.73
C ASN J 8 28.75 19.63 13.52
N GLY J 9 29.85 19.35 12.82
CA GLY J 9 31.03 18.78 13.43
C GLY J 9 31.04 17.27 13.43
N PHE J 10 30.01 16.64 12.88
CA PHE J 10 29.91 15.20 12.83
C PHE J 10 29.84 14.77 11.38
N GLU J 11 30.11 13.49 11.13
CA GLU J 11 30.07 12.96 9.79
C GLU J 11 29.30 11.67 9.78
N SER J 12 28.52 11.45 8.73
CA SER J 12 27.83 10.19 8.51
C SER J 12 28.71 9.35 7.59
N ALA J 13 29.07 8.15 8.03
CA ALA J 13 30.01 7.34 7.28
C ALA J 13 29.64 5.87 7.41
N TYR J 14 30.34 5.02 6.68
CA TYR J 14 30.09 3.60 6.68
C TYR J 14 31.37 2.83 6.84
N ARG J 15 31.31 1.76 7.63
CA ARG J 15 32.46 0.89 7.84
C ARG J 15 31.99 -0.57 7.76
N GLU J 16 32.79 -1.42 7.14
CA GLU J 16 32.40 -2.77 6.94
C GLU J 16 32.97 -3.69 7.98
N VAL J 17 32.15 -4.58 8.51
CA VAL J 17 32.59 -5.39 9.63
C VAL J 17 32.07 -6.81 9.39
N ASP J 18 33.00 -7.75 9.20
CA ASP J 18 32.66 -9.14 8.91
C ASP J 18 31.61 -9.24 7.81
N GLY J 19 31.82 -8.48 6.74
CA GLY J 19 30.96 -8.53 5.58
C GLY J 19 29.74 -7.64 5.64
N VAL J 20 29.46 -7.03 6.79
CA VAL J 20 28.24 -6.24 7.01
C VAL J 20 28.64 -4.77 7.03
N LYS J 21 28.04 -3.99 6.16
CA LYS J 21 28.32 -2.56 6.03
C LYS J 21 27.50 -1.80 7.07
N LEU J 22 28.17 -1.29 8.10
CA LEU J 22 27.53 -0.58 9.19
C LEU J 22 27.56 0.93 8.97
N HIS J 23 26.43 1.58 9.22
CA HIS J 23 26.35 3.03 9.22
C HIS J 23 26.57 3.56 10.63
N TYR J 24 27.10 4.78 10.70
CA TYR J 24 27.37 5.41 11.99
C TYR J 24 27.57 6.89 11.75
N VAL J 25 27.64 7.64 12.84
CA VAL J 25 27.91 9.07 12.81
C VAL J 25 29.02 9.35 13.81
N LYS J 26 30.06 10.06 13.38
CA LYS J 26 31.26 10.24 14.18
C LYS J 26 31.58 11.72 14.30
N GLY J 27 32.09 12.11 15.45
CA GLY J 27 32.50 13.49 15.67
C GLY J 27 33.30 13.60 16.95
N GLY J 28 33.97 14.73 17.09
CA GLY J 28 34.73 15.01 18.30
C GLY J 28 36.16 14.51 18.24
N GLN J 29 36.86 14.75 19.34
CA GLN J 29 38.23 14.33 19.51
C GLN J 29 38.42 13.84 20.94
N GLY J 30 39.36 12.93 21.14
CA GLY J 30 39.64 12.39 22.45
C GLY J 30 39.29 10.92 22.55
N PRO J 31 39.23 10.40 23.78
CA PRO J 31 38.84 8.99 23.96
C PRO J 31 37.47 8.71 23.36
N LEU J 32 37.23 7.43 23.07
CA LEU J 32 36.06 7.01 22.30
C LEU J 32 34.87 6.73 23.22
N VAL J 33 33.71 7.24 22.82
CA VAL J 33 32.42 6.85 23.39
C VAL J 33 31.53 6.39 22.24
N MET J 34 30.91 5.21 22.41
CA MET J 34 29.96 4.68 21.45
C MET J 34 28.57 4.63 22.08
N LEU J 35 27.61 5.23 21.39
CA LEU J 35 26.21 5.30 21.83
C LEU J 35 25.39 4.36 20.94
N VAL J 36 24.67 3.43 21.57
CA VAL J 36 23.96 2.37 20.86
C VAL J 36 22.46 2.54 21.10
N HIS J 37 21.73 2.82 20.02
CA HIS J 37 20.30 3.08 20.11
C HIS J 37 19.53 1.77 20.32
N GLY J 38 18.21 1.91 20.48
CA GLY J 38 17.33 0.77 20.71
C GLY J 38 16.20 0.64 19.70
N PHE J 39 15.17 -0.13 20.03
CA PHE J 39 14.11 -0.41 19.07
C PHE J 39 13.31 0.83 18.72
N GLY J 40 12.89 0.90 17.46
CA GLY J 40 12.08 1.99 16.99
C GLY J 40 12.83 3.26 16.67
N GLN J 41 14.13 3.31 16.94
CA GLN J 41 14.88 4.54 16.72
C GLN J 41 16.19 4.24 16.01
N THR J 42 17.05 5.24 15.88
CA THR J 42 18.32 5.12 15.17
C THR J 42 19.37 5.89 15.97
N TRP J 43 20.54 6.09 15.35
CA TRP J 43 21.57 6.91 15.97
C TRP J 43 21.04 8.27 16.39
N TYR J 44 20.00 8.75 15.70
CA TYR J 44 19.55 10.13 15.84
C TYR J 44 18.96 10.43 17.21
N GLU J 45 18.58 9.41 17.98
CA GLU J 45 18.12 9.68 19.34
C GLU J 45 19.23 10.27 20.20
N TRP J 46 20.49 10.08 19.80
CA TRP J 46 21.64 10.59 20.52
C TRP J 46 22.08 11.98 20.05
N HIS J 47 21.41 12.58 19.07
CA HIS J 47 21.93 13.77 18.42
C HIS J 47 21.93 14.99 19.34
N GLN J 48 21.25 14.94 20.48
CA GLN J 48 21.31 16.01 21.47
C GLN J 48 22.44 15.81 22.47
N LEU J 49 22.72 14.56 22.83
CA LEU J 49 23.84 14.27 23.72
C LEU J 49 25.18 14.30 22.97
N MET J 50 25.17 14.02 21.67
CA MET J 50 26.42 13.89 20.92
C MET J 50 27.26 15.17 20.93
N PRO J 51 26.72 16.35 20.63
CA PRO J 51 27.58 17.55 20.65
C PRO J 51 28.13 17.85 22.03
N GLU J 52 27.40 17.47 23.07
CA GLU J 52 27.85 17.65 24.44
C GLU J 52 29.05 16.76 24.74
N LEU J 53 28.96 15.49 24.36
CA LEU J 53 30.04 14.53 24.59
C LEU J 53 31.24 14.81 23.70
N ALA J 54 31.03 15.39 22.51
CA ALA J 54 32.13 15.65 21.59
C ALA J 54 33.12 16.68 22.11
N LYS J 55 32.73 17.48 23.11
CA LYS J 55 33.64 18.46 23.66
C LYS J 55 34.81 17.82 24.39
N ARG J 56 34.69 16.56 24.78
CA ARG J 56 35.76 15.87 25.47
C ARG J 56 36.05 14.49 24.90
N PHE J 57 35.26 13.99 23.95
CA PHE J 57 35.37 12.61 23.54
C PHE J 57 35.25 12.50 22.03
N THR J 58 35.68 11.36 21.52
CA THR J 58 35.30 10.96 20.18
C THR J 58 33.99 10.19 20.31
N VAL J 59 32.97 10.64 19.59
CA VAL J 59 31.62 10.07 19.69
C VAL J 59 31.31 9.35 18.40
N ILE J 60 30.93 8.08 18.52
CA ILE J 60 30.45 7.29 17.40
C ILE J 60 29.08 6.75 17.78
N ALA J 61 28.10 6.98 16.91
CA ALA J 61 26.74 6.50 17.13
C ALA J 61 26.38 5.61 15.95
N PRO J 62 26.47 4.29 16.08
CA PRO J 62 26.14 3.41 14.98
C PRO J 62 24.65 3.09 14.91
N ASP J 63 24.20 2.73 13.71
CA ASP J 63 22.90 2.11 13.52
C ASP J 63 23.04 0.62 13.73
N LEU J 64 22.12 0.03 14.51
CA LEU J 64 22.10 -1.40 14.71
C LEU J 64 21.94 -2.12 13.38
N PRO J 65 22.56 -3.29 13.23
CA PRO J 65 22.44 -4.05 11.98
C PRO J 65 20.99 -4.25 11.57
N GLY J 66 20.69 -3.94 10.31
CA GLY J 66 19.35 -4.02 9.77
C GLY J 66 18.50 -2.80 10.00
N LEU J 67 18.84 -1.95 10.97
CA LEU J 67 18.11 -0.74 11.30
C LEU J 67 18.84 0.49 10.77
N GLY J 68 18.11 1.61 10.71
CA GLY J 68 18.67 2.83 10.17
C GLY J 68 19.21 2.62 8.78
N GLN J 69 20.47 2.98 8.57
CA GLN J 69 21.12 2.79 7.28
C GLN J 69 22.19 1.70 7.32
N SER J 70 22.17 0.85 8.34
CA SER J 70 23.10 -0.27 8.45
C SER J 70 22.52 -1.53 7.85
N GLU J 71 23.42 -2.38 7.32
CA GLU J 71 23.01 -3.60 6.67
C GLU J 71 22.63 -4.67 7.69
N PRO J 72 21.75 -5.60 7.31
CA PRO J 72 21.38 -6.67 8.23
C PRO J 72 22.60 -7.47 8.62
N PRO J 73 22.59 -8.08 9.80
CA PRO J 73 23.71 -8.96 10.17
C PRO J 73 23.72 -10.20 9.29
N LYS J 74 24.92 -10.76 9.10
CA LYS J 74 25.03 -12.00 8.32
C LYS J 74 25.04 -13.24 9.20
N THR J 75 25.37 -13.10 10.49
CA THR J 75 25.35 -14.23 11.41
C THR J 75 23.96 -14.46 11.99
N GLY J 76 23.44 -13.47 12.72
CA GLY J 76 22.14 -13.59 13.35
C GLY J 76 21.85 -12.39 14.23
N TYR J 77 20.70 -12.44 14.88
CA TYR J 77 20.25 -11.31 15.69
C TYR J 77 20.35 -11.55 17.19
N SER J 78 20.91 -12.68 17.62
CA SER J 78 21.15 -12.89 19.04
C SER J 78 22.19 -11.90 19.56
N GLY J 79 22.18 -11.70 20.88
CA GLY J 79 23.08 -10.71 21.47
C GLY J 79 24.55 -10.95 21.18
N GLU J 80 25.02 -12.18 21.33
CA GLU J 80 26.43 -12.49 21.07
C GLU J 80 26.82 -12.18 19.63
N GLN J 81 25.95 -12.57 18.69
CA GLN J 81 26.27 -12.38 17.28
C GLN J 81 26.36 -10.91 16.95
N VAL J 82 25.38 -10.12 17.41
CA VAL J 82 25.37 -8.70 17.09
C VAL J 82 26.46 -7.96 17.86
N ALA J 83 26.78 -8.41 19.08
CA ALA J 83 27.83 -7.77 19.86
C ALA J 83 29.17 -7.80 19.14
N VAL J 84 29.39 -8.82 18.31
CA VAL J 84 30.63 -8.90 17.54
C VAL J 84 30.77 -7.67 16.63
N TYR J 85 29.71 -7.36 15.88
CA TYR J 85 29.80 -6.24 14.94
C TYR J 85 30.04 -4.92 15.67
N LEU J 86 29.38 -4.73 16.81
CA LEU J 86 29.54 -3.46 17.52
C LEU J 86 30.90 -3.38 18.18
N HIS J 87 31.38 -4.50 18.70
CA HIS J 87 32.69 -4.59 19.27
C HIS J 87 33.79 -4.28 18.27
N LYS J 88 33.76 -4.94 17.13
CA LYS J 88 34.78 -4.73 16.11
C LYS J 88 34.72 -3.33 15.53
N LEU J 89 33.51 -2.77 15.38
CA LEU J 89 33.42 -1.39 14.89
C LEU J 89 34.04 -0.42 15.87
N ALA J 90 33.76 -0.60 17.16
CA ALA J 90 34.35 0.29 18.16
C ALA J 90 35.86 0.12 18.22
N ARG J 91 36.31 -1.13 18.18
CA ARG J 91 37.73 -1.43 18.22
C ARG J 91 38.48 -0.77 17.07
N GLN J 92 37.81 -0.61 15.93
CA GLN J 92 38.46 0.00 14.77
C GLN J 92 38.81 1.46 14.98
N PHE J 93 38.04 2.17 15.81
CA PHE J 93 38.31 3.58 16.04
C PHE J 93 39.09 3.84 17.32
N SER J 94 39.15 2.86 18.22
CA SER J 94 39.96 2.94 19.44
C SER J 94 40.68 1.62 19.60
N PRO J 95 41.62 1.31 18.69
CA PRO J 95 42.26 -0.01 18.71
C PRO J 95 43.20 -0.23 19.87
N ASP J 96 43.71 0.85 20.46
CA ASP J 96 44.78 0.77 21.44
C ASP J 96 44.37 1.10 22.87
N ARG J 97 43.27 1.84 23.04
CA ARG J 97 42.77 2.14 24.38
C ARG J 97 41.30 1.83 24.57
N PRO J 98 40.90 1.59 25.81
CA PRO J 98 39.48 1.27 26.05
C PRO J 98 38.58 2.44 25.71
N PHE J 99 37.31 2.13 25.46
CA PHE J 99 36.31 3.13 25.12
C PHE J 99 35.14 3.06 26.09
N ASP J 100 34.29 4.01 26.05
CA ASP J 100 33.07 4.07 26.83
C ASP J 100 31.87 3.63 26.01
N LEU J 101 30.90 3.02 26.69
CA LEU J 101 29.70 2.49 26.05
C LEU J 101 28.45 3.05 26.71
N VAL J 102 27.57 3.64 25.91
CA VAL J 102 26.24 4.05 26.33
C VAL J 102 25.23 3.33 25.44
N ALA J 103 24.26 2.66 26.05
CA ALA J 103 23.31 1.85 25.31
C ALA J 103 21.90 2.04 25.86
N HIS J 104 20.93 1.99 24.96
CA HIS J 104 19.53 2.21 25.29
C HIS J 104 18.69 1.09 24.68
N ASP J 105 17.80 0.52 25.48
CA ASP J 105 16.82 -0.48 25.03
C ASP J 105 17.56 -1.70 24.48
N ILE J 106 17.22 -2.19 23.28
CA ILE J 106 17.86 -3.39 22.76
C ILE J 106 19.33 -3.18 22.44
N GLY J 107 19.81 -1.92 22.47
CA GLY J 107 21.24 -1.69 22.43
C GLY J 107 21.95 -2.38 23.58
N ILE J 108 21.28 -2.52 24.73
CA ILE J 108 21.84 -3.28 25.83
C ILE J 108 22.00 -4.74 25.41
N TRP J 109 20.95 -5.31 24.80
CA TRP J 109 21.00 -6.70 24.36
C TRP J 109 22.18 -6.95 23.44
N ASN J 110 22.48 -6.00 22.56
CA ASN J 110 23.48 -6.18 21.52
C ASN J 110 24.87 -5.71 21.94
N THR J 111 25.06 -5.34 23.21
CA THR J 111 26.40 -4.95 23.63
C THR J 111 26.86 -5.70 24.87
N TYR J 112 25.93 -6.14 25.71
CA TYR J 112 26.29 -6.83 26.95
C TYR J 112 27.25 -8.01 26.74
N PRO J 113 27.07 -8.89 25.74
CA PRO J 113 28.07 -9.94 25.54
C PRO J 113 29.47 -9.42 25.27
N MET J 114 29.63 -8.42 24.43
CA MET J 114 30.96 -7.84 24.20
C MET J 114 31.55 -7.30 25.49
N VAL J 115 30.71 -6.68 26.35
CA VAL J 115 31.22 -6.06 27.57
C VAL J 115 31.76 -7.12 28.52
N VAL J 116 30.96 -8.15 28.80
CA VAL J 116 31.37 -9.18 29.74
C VAL J 116 32.53 -10.01 29.19
N LYS J 117 32.70 -10.06 27.87
CA LYS J 117 33.79 -10.83 27.28
C LYS J 117 35.02 -9.99 26.97
N ASN J 118 34.94 -8.67 27.04
CA ASN J 118 36.07 -7.80 26.72
C ASN J 118 36.14 -6.64 27.70
N GLN J 119 36.11 -6.96 29.00
CA GLN J 119 36.01 -5.93 30.03
C GLN J 119 37.14 -4.92 29.92
N ALA J 120 38.36 -5.38 29.60
CA ALA J 120 39.49 -4.47 29.49
C ALA J 120 39.31 -3.45 28.38
N ASP J 121 38.39 -3.70 27.44
CA ASP J 121 38.11 -2.76 26.36
C ASP J 121 37.05 -1.74 26.71
N ILE J 122 36.33 -1.93 27.82
CA ILE J 122 35.24 -1.05 28.23
C ILE J 122 35.68 -0.31 29.48
N ALA J 123 35.98 0.98 29.31
CA ALA J 123 36.38 1.80 30.46
C ALA J 123 35.18 2.10 31.33
N ARG J 124 34.19 2.73 30.73
CA ARG J 124 32.96 3.05 31.43
C ARG J 124 31.68 2.69 30.69
N LEU J 125 30.65 2.41 31.46
CA LEU J 125 29.46 1.80 30.88
C LEU J 125 28.19 2.47 31.40
N VAL J 126 27.31 2.87 30.49
CA VAL J 126 26.00 3.43 30.83
C VAL J 126 24.92 2.61 30.12
N TYR J 127 24.00 2.06 30.91
CA TYR J 127 22.89 1.28 30.38
C TYR J 127 21.60 1.96 30.81
N MET J 128 20.61 2.01 29.92
CA MET J 128 19.36 2.67 30.27
C MET J 128 18.15 2.01 29.59
N GLU J 129 17.10 1.79 30.38
CA GLU J 129 15.74 1.56 29.87
C GLU J 129 15.63 0.30 29.02
N ALA J 130 15.97 -0.85 29.64
CA ALA J 130 15.71 -2.21 29.16
C ALA J 130 16.35 -3.24 30.08
N PRO J 131 15.77 -4.43 30.19
CA PRO J 131 16.46 -5.51 30.92
C PRO J 131 17.54 -6.14 30.06
N ILE J 132 18.58 -6.62 30.73
CA ILE J 132 19.48 -7.58 30.08
C ILE J 132 18.71 -8.88 29.88
N PRO J 133 18.77 -9.50 28.71
CA PRO J 133 18.02 -10.74 28.51
C PRO J 133 18.44 -11.86 29.44
N ASP J 134 17.58 -12.19 30.40
CA ASP J 134 17.76 -13.36 31.25
C ASP J 134 16.38 -13.80 31.70
N ALA J 135 16.34 -14.80 32.60
CA ALA J 135 15.09 -15.43 33.01
C ALA J 135 14.12 -14.48 33.67
N ARG J 136 14.58 -13.30 34.10
N ARG J 136 14.54 -13.27 34.00
CA ARG J 136 13.69 -12.33 34.72
CA ARG J 136 13.69 -12.31 34.66
C ARG J 136 12.61 -11.83 33.76
C ARG J 136 12.63 -11.77 33.75
N ILE J 137 12.92 -11.76 32.47
CA ILE J 137 11.97 -11.20 31.52
C ILE J 137 10.72 -12.07 31.38
N TYR J 138 10.80 -13.34 31.81
CA TYR J 138 9.63 -14.20 31.79
C TYR J 138 8.64 -13.87 32.90
N ARG J 139 8.97 -12.92 33.75
CA ARG J 139 8.08 -12.49 34.82
C ARG J 139 7.32 -11.22 34.48
N PHE J 140 7.59 -10.60 33.33
CA PHE J 140 6.85 -9.41 32.92
C PHE J 140 5.36 -9.74 32.76
N PRO J 141 4.47 -8.84 33.12
CA PRO J 141 3.03 -9.16 33.05
C PRO J 141 2.47 -8.96 31.66
N ALA J 142 1.60 -9.88 31.26
CA ALA J 142 0.88 -9.74 30.00
C ALA J 142 -0.24 -8.72 30.07
N PHE J 143 -0.71 -8.40 31.28
CA PHE J 143 -1.84 -7.51 31.49
C PHE J 143 -1.74 -7.04 32.93
N THR J 144 -2.15 -5.81 33.18
CA THR J 144 -2.02 -5.19 34.47
C THR J 144 -3.25 -4.53 34.98
N ALA J 145 -3.23 -4.21 36.26
CA ALA J 145 -4.35 -3.49 36.85
C ALA J 145 -4.55 -2.12 36.24
N GLN J 146 -3.61 -1.64 35.43
CA GLN J 146 -3.76 -0.35 34.75
C GLN J 146 -4.14 -0.52 33.29
N GLY J 147 -4.45 -1.73 32.84
CA GLY J 147 -4.76 -1.95 31.45
C GLY J 147 -3.59 -2.53 30.69
N GLU J 148 -3.45 -2.14 29.41
CA GLU J 148 -2.41 -2.69 28.55
C GLU J 148 -1.04 -2.61 29.20
N SER J 149 -0.36 -3.74 29.22
CA SER J 149 0.99 -3.83 29.74
C SER J 149 1.96 -3.14 28.78
N LEU J 150 3.14 -2.82 29.30
CA LEU J 150 4.16 -2.17 28.48
C LEU J 150 5.06 -3.16 27.74
N VAL J 151 4.83 -4.44 27.95
CA VAL J 151 5.76 -5.43 27.56
C VAL J 151 5.14 -6.48 26.60
N TRP J 152 3.88 -6.34 26.26
CA TRP J 152 3.23 -7.34 25.43
C TRP J 152 3.84 -7.44 24.03
N HIS J 153 4.53 -6.39 23.56
CA HIS J 153 5.18 -6.43 22.27
C HIS J 153 6.27 -7.48 22.19
N PHE J 154 6.83 -7.89 23.34
CA PHE J 154 7.82 -8.97 23.34
C PHE J 154 7.30 -10.18 22.58
N SER J 155 6.08 -10.62 22.92
CA SER J 155 5.49 -11.79 22.28
C SER J 155 4.91 -11.46 20.92
N PHE J 156 4.38 -10.25 20.74
CA PHE J 156 3.91 -9.82 19.44
C PHE J 156 5.02 -9.88 18.40
N PHE J 157 6.18 -9.31 18.74
CA PHE J 157 7.31 -9.28 17.81
C PHE J 157 7.89 -10.67 17.58
N ALA J 158 7.83 -11.53 18.60
CA ALA J 158 8.40 -12.87 18.51
C ALA J 158 7.45 -13.89 17.90
N ALA J 159 6.20 -13.51 17.64
CA ALA J 159 5.22 -14.46 17.11
C ALA J 159 5.66 -15.03 15.76
N ASP J 160 5.25 -16.27 15.52
CA ASP J 160 5.54 -16.94 14.27
C ASP J 160 4.66 -16.36 13.16
N ASP J 161 4.87 -16.87 11.93
CA ASP J 161 4.07 -16.53 10.77
C ASP J 161 4.25 -15.09 10.31
N ARG J 162 5.32 -14.43 10.75
CA ARG J 162 5.54 -13.01 10.45
C ARG J 162 4.29 -12.21 10.83
N LEU J 163 3.81 -12.46 12.05
CA LEU J 163 2.59 -11.82 12.52
C LEU J 163 2.74 -10.30 12.53
N ALA J 164 3.83 -9.81 13.14
CA ALA J 164 4.01 -8.37 13.30
C ALA J 164 4.19 -7.67 11.96
N GLU J 165 5.03 -8.23 11.07
CA GLU J 165 5.21 -7.61 9.77
C GLU J 165 3.89 -7.51 9.00
N THR J 166 3.12 -8.59 8.98
CA THR J 166 1.88 -8.59 8.22
C THR J 166 0.89 -7.57 8.76
N LEU J 167 0.78 -7.45 10.08
CA LEU J 167 -0.18 -6.53 10.67
C LEU J 167 0.28 -5.08 10.59
N ILE J 168 1.58 -4.84 10.67
CA ILE J 168 2.05 -3.46 10.71
C ILE J 168 2.28 -2.89 9.32
N ALA J 169 2.56 -3.74 8.33
CA ALA J 169 2.80 -3.27 6.97
C ALA J 169 1.63 -2.43 6.47
N GLY J 170 1.95 -1.27 5.89
CA GLY J 170 0.95 -0.29 5.51
C GLY J 170 0.51 0.61 6.64
N LYS J 171 0.92 0.33 7.87
CA LYS J 171 0.55 1.13 9.03
C LYS J 171 1.75 1.34 9.94
N GLU J 172 2.94 1.43 9.35
CA GLU J 172 4.16 1.55 10.14
C GLU J 172 4.16 2.82 10.97
N ARG J 173 3.74 3.94 10.36
CA ARG J 173 3.65 5.19 11.10
C ARG J 173 2.65 5.09 12.25
N PHE J 174 1.47 4.52 11.97
CA PHE J 174 0.45 4.40 13.01
C PHE J 174 0.95 3.57 14.19
N PHE J 175 1.53 2.40 13.91
CA PHE J 175 1.97 1.54 15.00
C PHE J 175 3.10 2.18 15.79
N LEU J 176 4.10 2.72 15.09
CA LEU J 176 5.26 3.26 15.79
C LEU J 176 4.88 4.46 16.64
N GLU J 177 3.96 5.31 16.15
CA GLU J 177 3.50 6.42 16.95
C GLU J 177 2.79 5.93 18.21
N HIS J 178 1.97 4.90 18.08
CA HIS J 178 1.31 4.33 19.25
C HIS J 178 2.34 3.73 20.20
N PHE J 179 3.30 2.99 19.67
CA PHE J 179 4.29 2.34 20.52
C PHE J 179 5.12 3.37 21.28
N ILE J 180 5.59 4.40 20.58
CA ILE J 180 6.42 5.42 21.22
C ILE J 180 5.63 6.18 22.28
N LYS J 181 4.46 6.70 21.91
CA LYS J 181 3.70 7.54 22.83
C LYS J 181 3.20 6.73 24.02
N SER J 182 2.80 5.48 23.80
CA SER J 182 2.32 4.67 24.91
C SER J 182 3.43 4.29 25.89
N HIS J 183 4.69 4.42 25.50
CA HIS J 183 5.82 4.19 26.40
C HIS J 183 6.45 5.49 26.90
N ALA J 184 5.83 6.63 26.63
CA ALA J 184 6.37 7.93 26.98
C ALA J 184 5.54 8.61 28.07
N SER J 185 6.23 9.39 28.90
CA SER J 185 5.59 10.35 29.80
C SER J 185 5.47 11.72 29.14
N ASN J 186 6.48 12.11 28.38
CA ASN J 186 6.51 13.40 27.68
C ASN J 186 6.35 13.11 26.19
N THR J 187 5.10 13.10 25.72
CA THR J 187 4.83 12.83 24.32
C THR J 187 5.02 14.05 23.44
N GLU J 188 5.08 15.25 24.03
CA GLU J 188 5.17 16.47 23.23
C GLU J 188 6.48 16.56 22.47
N VAL J 189 7.57 16.00 23.01
CA VAL J 189 8.83 16.05 22.28
C VAL J 189 8.76 15.23 21.01
N PHE J 190 7.78 14.33 20.86
CA PHE J 190 7.69 13.54 19.64
C PHE J 190 6.77 14.28 18.68
N SER J 191 7.37 15.20 17.94
CA SER J 191 6.68 16.04 16.99
C SER J 191 6.29 15.23 15.75
N GLU J 192 5.47 15.84 14.91
CA GLU J 192 5.09 15.22 13.64
C GLU J 192 6.32 14.87 12.81
N ARG J 193 7.32 15.75 12.81
CA ARG J 193 8.50 15.51 11.98
C ARG J 193 9.33 14.36 12.54
N LEU J 194 9.50 14.31 13.85
CA LEU J 194 10.32 13.26 14.44
C LEU J 194 9.67 11.90 14.25
N LEU J 195 8.36 11.82 14.45
CA LEU J 195 7.65 10.56 14.23
C LEU J 195 7.77 10.11 12.78
N ASP J 196 7.70 11.06 11.84
CA ASP J 196 7.82 10.71 10.44
C ASP J 196 9.20 10.13 10.12
N LEU J 197 10.25 10.75 10.65
CA LEU J 197 11.60 10.27 10.39
C LEU J 197 11.80 8.84 10.90
N TYR J 198 11.42 8.59 12.15
CA TYR J 198 11.57 7.24 12.70
C TYR J 198 10.73 6.23 11.94
N ALA J 199 9.48 6.58 11.62
CA ALA J 199 8.63 5.65 10.89
C ALA J 199 9.18 5.38 9.50
N ARG J 200 9.64 6.42 8.80
CA ARG J 200 10.22 6.22 7.48
C ARG J 200 11.42 5.28 7.54
N SER J 201 12.23 5.41 8.59
CA SER J 201 13.43 4.59 8.68
C SER J 201 13.08 3.12 8.90
N TYR J 202 12.25 2.83 9.90
CA TYR J 202 11.97 1.44 10.24
C TYR J 202 10.89 0.81 9.36
N ALA J 203 10.22 1.59 8.51
CA ALA J 203 9.27 1.03 7.57
C ALA J 203 9.92 0.35 6.37
N LYS J 204 11.21 0.57 6.16
CA LYS J 204 11.91 -0.18 5.12
C LYS J 204 11.71 -1.66 5.38
N PRO J 205 11.31 -2.44 4.37
CA PRO J 205 10.97 -3.86 4.63
C PRO J 205 12.03 -4.61 5.42
N HIS J 206 13.31 -4.47 5.08
CA HIS J 206 14.32 -5.20 5.83
C HIS J 206 14.51 -4.61 7.23
N SER J 207 14.24 -3.33 7.42
CA SER J 207 14.37 -2.76 8.76
C SER J 207 13.17 -3.13 9.64
N LEU J 208 11.97 -3.13 9.06
CA LEU J 208 10.81 -3.59 9.81
C LEU J 208 11.01 -5.02 10.26
N ASN J 209 11.49 -5.90 9.36
CA ASN J 209 11.74 -7.28 9.74
C ASN J 209 12.87 -7.37 10.77
N ALA J 210 13.98 -6.65 10.54
CA ALA J 210 15.09 -6.69 11.47
C ALA J 210 14.65 -6.35 12.90
N SER J 211 13.77 -5.37 13.05
CA SER J 211 13.27 -4.99 14.38
C SER J 211 12.76 -6.21 15.14
N PHE J 212 11.99 -7.05 14.48
CA PHE J 212 11.35 -8.17 15.16
C PHE J 212 12.31 -9.35 15.34
N GLU J 213 13.31 -9.48 14.46
CA GLU J 213 14.27 -10.57 14.59
C GLU J 213 15.08 -10.45 15.88
N TYR J 214 15.31 -9.21 16.36
CA TYR J 214 15.95 -9.04 17.66
C TYR J 214 15.14 -9.71 18.76
N TYR J 215 13.82 -9.58 18.71
CA TYR J 215 12.95 -10.25 19.67
C TYR J 215 12.78 -11.73 19.36
N ARG J 216 12.81 -12.11 18.08
CA ARG J 216 12.73 -13.53 17.75
C ARG J 216 14.00 -14.26 18.17
N ALA J 217 15.09 -13.54 18.39
CA ALA J 217 16.33 -14.10 18.89
C ALA J 217 16.48 -13.97 20.40
N LEU J 218 15.43 -13.48 21.08
CA LEU J 218 15.55 -13.11 22.49
C LEU J 218 15.80 -14.32 23.38
N ASN J 219 15.05 -15.40 23.16
CA ASN J 219 15.26 -16.62 23.95
C ASN J 219 16.66 -17.16 23.75
N GLU J 220 17.18 -17.08 22.53
CA GLU J 220 18.55 -17.51 22.29
C GLU J 220 19.52 -16.59 23.03
N SER J 221 19.20 -15.30 23.10
CA SER J 221 20.02 -14.37 23.87
C SER J 221 19.97 -14.67 25.37
N VAL J 222 18.79 -15.02 25.89
CA VAL J 222 18.69 -15.45 27.28
C VAL J 222 19.60 -16.64 27.54
N ARG J 223 19.56 -17.62 26.66
CA ARG J 223 20.43 -18.79 26.83
C ARG J 223 21.90 -18.40 26.79
N GLN J 224 22.28 -17.52 25.86
CA GLN J 224 23.68 -17.08 25.81
C GLN J 224 24.11 -16.42 27.11
N ASN J 225 23.29 -15.50 27.62
CA ASN J 225 23.68 -14.73 28.79
C ASN J 225 23.71 -15.54 30.08
N ALA J 226 23.00 -16.67 30.14
CA ALA J 226 23.09 -17.50 31.34
C ALA J 226 24.50 -18.02 31.58
N GLU J 227 25.24 -18.27 30.51
CA GLU J 227 26.64 -18.64 30.64
C GLU J 227 27.54 -17.41 30.77
N LEU J 228 27.31 -16.38 29.94
CA LEU J 228 28.15 -15.18 30.01
C LEU J 228 28.09 -14.52 31.38
N ALA J 229 26.93 -14.60 32.07
CA ALA J 229 26.73 -13.94 33.34
C ALA J 229 27.52 -14.55 34.48
N LYS J 230 28.21 -15.63 34.24
CA LYS J 230 28.97 -16.21 35.31
C LYS J 230 30.08 -15.28 35.78
N THR J 231 30.55 -14.41 34.92
CA THR J 231 31.55 -13.40 35.29
C THR J 231 30.85 -12.06 35.45
N ARG J 232 30.91 -11.50 36.66
CA ARG J 232 30.29 -10.22 36.92
C ARG J 232 31.09 -9.11 36.23
N LEU J 233 30.41 -8.01 35.96
CA LEU J 233 31.08 -6.86 35.37
C LEU J 233 31.75 -6.04 36.47
N GLN J 234 32.93 -5.53 36.16
CA GLN J 234 33.76 -4.82 37.13
C GLN J 234 34.02 -3.36 36.81
N MET J 235 33.85 -2.92 35.57
CA MET J 235 34.07 -1.51 35.27
C MET J 235 32.99 -0.66 35.95
N PRO J 236 33.22 0.62 36.12
CA PRO J 236 32.19 1.51 36.66
C PRO J 236 30.94 1.48 35.79
N THR J 237 29.79 1.33 36.43
CA THR J 237 28.55 1.20 35.69
C THR J 237 27.51 2.17 36.20
N MET J 238 26.73 2.75 35.30
CA MET J 238 25.58 3.57 35.67
C MET J 238 24.36 3.06 34.92
N THR J 239 23.24 2.93 35.63
CA THR J 239 21.96 2.63 35.00
C THR J 239 20.99 3.79 35.19
N LEU J 240 20.23 4.07 34.15
CA LEU J 240 19.19 5.10 34.15
C LEU J 240 17.86 4.48 33.78
N ALA J 241 16.79 5.01 34.36
CA ALA J 241 15.45 4.50 34.11
C ALA J 241 14.45 5.63 34.29
N GLY J 242 13.35 5.55 33.55
CA GLY J 242 12.26 6.50 33.73
C GLY J 242 11.38 6.08 34.90
N GLY J 243 11.01 7.05 35.71
CA GLY J 243 10.11 6.80 36.84
C GLY J 243 8.67 7.17 36.56
N GLY J 244 8.40 7.78 35.40
CA GLY J 244 7.06 8.05 34.95
C GLY J 244 6.50 6.88 34.13
N HIS J 245 5.31 7.09 33.59
CA HIS J 245 4.66 6.06 32.80
C HIS J 245 5.53 5.67 31.62
N GLY J 246 5.69 4.36 31.43
CA GLY J 246 6.40 3.81 30.29
C GLY J 246 7.81 3.35 30.56
N GLY J 247 8.38 3.71 31.71
CA GLY J 247 9.77 3.40 31.97
C GLY J 247 9.97 2.09 32.71
N MET J 248 11.26 1.74 32.88
CA MET J 248 11.64 0.54 33.59
C MET J 248 11.55 0.68 35.10
N GLY J 249 11.57 1.91 35.62
CA GLY J 249 11.46 2.06 37.05
C GLY J 249 12.66 1.49 37.79
N THR J 250 12.38 0.97 38.99
CA THR J 250 13.43 0.44 39.85
C THR J 250 14.06 -0.83 39.29
N PHE J 251 13.36 -1.54 38.40
CA PHE J 251 13.85 -2.82 37.91
C PHE J 251 15.20 -2.70 37.20
N GLN J 252 15.48 -1.54 36.59
CA GLN J 252 16.72 -1.39 35.83
C GLN J 252 17.94 -1.56 36.73
N LEU J 253 17.99 -0.82 37.84
CA LEU J 253 19.09 -0.96 38.78
C LEU J 253 19.00 -2.29 39.54
N GLU J 254 17.77 -2.70 39.87
CA GLU J 254 17.53 -3.95 40.60
C GLU J 254 18.18 -5.14 39.90
N GLN J 255 17.99 -5.26 38.60
CA GLN J 255 18.60 -6.38 37.87
C GLN J 255 20.10 -6.18 37.73
N MET J 256 20.54 -4.95 37.47
CA MET J 256 21.95 -4.69 37.23
C MET J 256 22.83 -5.07 38.43
N LYS J 257 22.26 -5.04 39.64
CA LYS J 257 23.02 -5.43 40.82
C LYS J 257 23.47 -6.88 40.74
N ALA J 258 22.73 -7.72 40.04
CA ALA J 258 23.09 -9.12 39.87
C ALA J 258 24.17 -9.31 38.80
N TYR J 259 24.58 -8.25 38.14
CA TYR J 259 25.59 -8.30 37.09
C TYR J 259 26.84 -7.50 37.40
N ALA J 260 26.69 -6.29 37.93
CA ALA J 260 27.79 -5.37 38.14
C ALA J 260 28.05 -5.16 39.62
N GLU J 261 29.33 -5.11 39.97
CA GLU J 261 29.80 -4.87 41.32
C GLU J 261 29.86 -3.39 41.67
N ASP J 262 30.07 -2.56 40.66
CA ASP J 262 30.27 -1.13 40.82
C ASP J 262 29.22 -0.47 39.93
N VAL J 263 28.03 -0.23 40.48
CA VAL J 263 26.93 0.34 39.70
C VAL J 263 26.21 1.38 40.53
N GLU J 264 25.92 2.53 39.92
CA GLU J 264 25.00 3.51 40.48
C GLU J 264 23.83 3.66 39.53
N GLY J 265 22.65 3.86 40.10
CA GLY J 265 21.43 3.92 39.32
C GLY J 265 20.61 5.15 39.67
N HIS J 266 19.86 5.62 38.68
CA HIS J 266 18.99 6.76 38.82
C HIS J 266 17.63 6.44 38.22
N VAL J 267 16.57 6.89 38.89
CA VAL J 267 15.20 6.79 38.38
C VAL J 267 14.71 8.21 38.20
N LEU J 268 14.37 8.56 36.97
CA LEU J 268 14.10 9.95 36.61
C LEU J 268 12.60 10.22 36.72
N PRO J 269 12.16 11.06 37.66
CA PRO J 269 10.71 11.27 37.83
C PRO J 269 10.11 11.92 36.59
N GLY J 270 8.87 11.52 36.30
CA GLY J 270 8.14 12.07 35.16
C GLY J 270 8.66 11.70 33.79
N CYS J 271 9.51 10.68 33.69
CA CYS J 271 10.15 10.29 32.44
C CYS J 271 9.74 8.87 32.08
N GLY J 272 9.53 8.63 30.80
CA GLY J 272 9.16 7.31 30.32
C GLY J 272 10.35 6.52 29.81
N HIS J 273 10.13 5.81 28.70
CA HIS J 273 11.14 4.92 28.12
C HIS J 273 12.16 5.67 27.29
N TRP J 274 11.78 6.78 26.68
CA TRP J 274 12.64 7.46 25.70
C TRP J 274 13.42 8.59 26.37
N LEU J 275 14.30 8.20 27.30
CA LEU J 275 15.01 9.18 28.13
C LEU J 275 15.76 10.23 27.33
N PRO J 276 16.56 9.91 26.30
CA PRO J 276 17.30 10.96 25.60
C PRO J 276 16.41 12.05 25.03
N GLU J 277 15.17 11.74 24.67
CA GLU J 277 14.27 12.73 24.12
C GLU J 277 13.30 13.30 25.15
N GLU J 278 12.74 12.43 25.98
CA GLU J 278 11.78 12.88 26.99
C GLU J 278 12.46 13.74 28.04
N CYS J 279 13.67 13.37 28.44
CA CYS J 279 14.34 13.99 29.58
C CYS J 279 15.80 14.25 29.22
N ALA J 280 15.99 14.94 28.09
CA ALA J 280 17.31 15.21 27.54
C ALA J 280 18.21 15.88 28.56
N ALA J 281 17.72 16.95 29.20
CA ALA J 281 18.56 17.72 30.11
C ALA J 281 19.01 16.89 31.31
N PRO J 282 18.13 16.27 32.06
CA PRO J 282 18.61 15.53 33.21
C PRO J 282 19.44 14.33 32.81
N MET J 283 19.09 13.66 31.74
CA MET J 283 19.83 12.48 31.31
C MET J 283 21.21 12.84 30.77
N ASN J 284 21.29 13.91 29.97
CA ASN J 284 22.58 14.30 29.43
C ASN J 284 23.56 14.68 30.53
N ARG J 285 23.11 15.41 31.55
CA ARG J 285 24.02 15.78 32.63
C ARG J 285 24.54 14.54 33.34
N LEU J 286 23.67 13.57 33.64
CA LEU J 286 24.11 12.36 34.35
C LEU J 286 25.12 11.58 33.52
N VAL J 287 24.92 11.50 32.20
CA VAL J 287 25.86 10.78 31.36
C VAL J 287 27.18 11.54 31.26
N ILE J 288 27.10 12.84 31.00
CA ILE J 288 28.30 13.66 30.87
C ILE J 288 29.08 13.65 32.17
N ASP J 289 28.41 13.86 33.29
CA ASP J 289 29.12 13.82 34.58
C ASP J 289 29.70 12.44 34.84
N PHE J 290 28.93 11.38 34.57
CA PHE J 290 29.43 10.03 34.82
C PHE J 290 30.66 9.74 33.96
N LEU J 291 30.66 10.22 32.72
CA LEU J 291 31.80 9.94 31.85
C LEU J 291 32.91 10.99 31.95
N SER J 292 32.66 12.13 32.60
CA SER J 292 33.66 13.18 32.74
C SER J 292 34.29 13.22 34.13
N ARG J 293 33.66 12.61 35.12
CA ARG J 293 34.18 12.60 36.48
C ARG J 293 35.57 11.96 36.53
N GLY J 294 36.50 12.64 37.20
CA GLY J 294 37.83 12.09 37.44
C GLY J 294 38.77 12.04 36.26
N ARG J 295 38.42 12.68 35.15
CA ARG J 295 39.25 12.64 33.95
C ARG J 295 39.57 14.05 33.51
N HIS J 296 40.84 14.28 33.16
CA HIS J 296 41.27 15.58 32.64
C HIS J 296 41.11 15.62 31.13
N MET K 1 -3.34 -36.09 36.64
CA MET K 1 -2.61 -36.99 35.75
C MET K 1 -1.53 -36.23 34.99
N ALA K 2 -0.43 -36.89 34.68
CA ALA K 2 0.57 -36.30 33.81
C ALA K 2 0.06 -36.27 32.38
N GLN K 3 0.27 -35.14 31.71
CA GLN K 3 -0.33 -34.86 30.43
C GLN K 3 0.45 -35.41 29.24
N VAL K 4 1.68 -35.88 29.45
CA VAL K 4 2.42 -36.60 28.42
C VAL K 4 3.42 -37.53 29.09
N LYS K 5 3.69 -38.66 28.45
CA LYS K 5 4.77 -39.56 28.82
C LYS K 5 5.74 -39.68 27.65
N LEU K 6 7.03 -39.65 27.97
CA LEU K 6 8.09 -39.68 26.98
C LEU K 6 8.85 -40.98 27.14
N GLN K 7 9.18 -41.61 26.02
CA GLN K 7 9.83 -42.92 26.00
C GLN K 7 11.08 -42.83 25.14
N GLU K 8 12.25 -42.93 25.76
CA GLU K 8 13.49 -42.92 25.01
C GLU K 8 13.86 -44.32 24.53
N SER K 9 14.44 -44.37 23.34
CA SER K 9 15.16 -45.54 22.86
C SER K 9 16.50 -45.05 22.33
N GLY K 10 17.51 -45.91 22.41
CA GLY K 10 18.81 -45.63 21.84
C GLY K 10 19.89 -45.60 22.90
N GLY K 11 21.09 -45.26 22.43
CA GLY K 11 22.25 -45.04 23.27
C GLY K 11 23.20 -46.23 23.28
N GLY K 12 24.02 -46.29 24.33
CA GLY K 12 24.94 -47.40 24.46
C GLY K 12 26.38 -46.93 24.35
N LEU K 13 27.24 -47.85 23.88
CA LEU K 13 28.68 -47.68 23.79
C LEU K 13 29.08 -47.34 22.36
N VAL K 14 29.97 -46.36 22.22
CA VAL K 14 30.49 -45.96 20.92
C VAL K 14 31.95 -45.54 21.11
N GLN K 15 32.79 -45.72 20.01
CA GLN K 15 34.17 -45.27 20.11
C GLN K 15 34.25 -43.81 19.69
N PRO K 16 35.22 -43.03 20.18
CA PRO K 16 35.34 -41.64 19.73
C PRO K 16 35.37 -41.50 18.22
N GLY K 17 34.71 -40.46 17.72
CA GLY K 17 34.50 -40.26 16.31
C GLY K 17 33.26 -40.95 15.76
N GLY K 18 32.66 -41.87 16.51
CA GLY K 18 31.50 -42.58 16.06
C GLY K 18 30.22 -41.77 16.21
N SER K 19 29.11 -42.43 15.88
CA SER K 19 27.80 -41.76 15.84
C SER K 19 26.75 -42.63 16.51
N LEU K 20 25.67 -41.98 16.95
CA LEU K 20 24.54 -42.63 17.58
C LEU K 20 23.29 -41.83 17.28
N ARG K 21 22.14 -42.52 17.21
CA ARG K 21 20.87 -41.86 16.99
C ARG K 21 19.88 -42.18 18.13
N LEU K 22 19.50 -41.17 18.90
CA LEU K 22 18.50 -41.32 19.95
C LEU K 22 17.09 -41.04 19.43
N SER K 23 16.11 -41.60 20.14
CA SER K 23 14.70 -41.47 19.79
C SER K 23 13.90 -41.16 21.03
N CYS K 24 12.83 -40.40 20.85
CA CYS K 24 11.91 -40.08 21.92
C CYS K 24 10.49 -40.12 21.36
N ALA K 25 9.66 -40.98 21.93
CA ALA K 25 8.28 -41.12 21.50
C ALA K 25 7.37 -40.42 22.50
N SER K 26 6.32 -39.81 21.98
CA SER K 26 5.39 -39.02 22.78
C SER K 26 4.05 -39.72 22.85
N SER K 27 3.45 -39.74 24.05
CA SER K 27 2.15 -40.36 24.25
C SER K 27 0.99 -39.50 23.74
N VAL K 28 1.21 -38.22 23.53
CA VAL K 28 0.21 -37.34 22.92
C VAL K 28 0.79 -36.90 21.58
N PRO K 29 -0.01 -36.44 20.62
CA PRO K 29 0.56 -35.95 19.37
C PRO K 29 1.61 -34.89 19.66
N ILE K 30 2.77 -35.01 19.00
CA ILE K 30 3.89 -34.14 19.36
C ILE K 30 3.59 -32.68 19.06
N PHE K 31 2.58 -32.42 18.23
CA PHE K 31 2.23 -31.04 17.96
C PHE K 31 1.52 -30.41 19.15
N ALA K 32 1.05 -31.25 20.09
CA ALA K 32 0.54 -30.75 21.36
C ALA K 32 1.66 -30.30 22.28
N ILE K 33 2.92 -30.51 21.91
CA ILE K 33 4.07 -30.17 22.72
C ILE K 33 4.73 -28.93 22.12
N THR K 34 4.87 -27.88 22.93
CA THR K 34 5.39 -26.61 22.44
C THR K 34 6.84 -26.75 21.99
N VAL K 35 7.69 -27.33 22.84
CA VAL K 35 9.10 -27.57 22.52
C VAL K 35 9.47 -28.99 22.93
N MET K 36 10.09 -29.73 22.00
CA MET K 36 10.71 -31.01 22.29
C MET K 36 12.22 -30.81 22.34
N GLY K 37 12.88 -31.44 23.32
CA GLY K 37 14.29 -31.20 23.49
C GLY K 37 15.03 -32.41 24.02
N TRP K 38 16.36 -32.33 23.92
CA TRP K 38 17.26 -33.31 24.51
C TRP K 38 18.17 -32.59 25.48
N TYR K 39 18.26 -33.09 26.71
CA TYR K 39 19.20 -32.63 27.71
C TYR K 39 20.12 -33.78 28.08
N ARG K 40 21.25 -33.46 28.69
CA ARG K 40 22.18 -34.47 29.14
C ARG K 40 22.79 -34.06 30.48
N GLN K 41 23.14 -35.05 31.30
CA GLN K 41 23.74 -34.76 32.58
C GLN K 41 24.82 -35.79 32.84
N ALA K 42 26.03 -35.33 33.05
CA ALA K 42 27.16 -36.19 33.38
C ALA K 42 27.38 -36.15 34.88
N PRO K 43 27.96 -37.19 35.47
CA PRO K 43 28.06 -37.25 36.94
C PRO K 43 28.85 -36.08 37.52
N GLY K 44 28.26 -35.45 38.53
CA GLY K 44 28.84 -34.30 39.19
C GLY K 44 28.71 -32.99 38.44
N LYS K 45 27.91 -32.95 37.38
CA LYS K 45 27.75 -31.77 36.56
C LYS K 45 26.27 -31.41 36.49
N GLN K 46 25.97 -30.22 35.97
CA GLN K 46 24.57 -29.82 35.83
C GLN K 46 23.96 -30.39 34.57
N ARG K 47 22.67 -30.64 34.59
CA ARG K 47 21.93 -31.02 33.43
C ARG K 47 21.78 -29.82 32.49
N GLU K 48 22.24 -29.98 31.28
CA GLU K 48 22.38 -28.89 30.34
C GLU K 48 21.62 -29.23 29.07
N LEU K 49 21.19 -28.18 28.36
CA LEU K 49 20.46 -28.32 27.11
C LEU K 49 21.35 -28.80 25.98
N VAL K 50 20.86 -29.78 25.21
CA VAL K 50 21.62 -30.28 24.08
C VAL K 50 21.05 -29.72 22.78
N ALA K 51 19.75 -29.91 22.57
CA ALA K 51 19.08 -29.41 21.38
C ALA K 51 17.59 -29.30 21.66
N GLY K 52 16.94 -28.39 20.95
CA GLY K 52 15.49 -28.24 21.06
C GLY K 52 14.87 -27.97 19.71
N ILE K 53 13.61 -28.36 19.57
CA ILE K 53 12.85 -28.13 18.35
C ILE K 53 11.42 -27.73 18.72
N LYS K 54 10.96 -26.64 18.13
CA LYS K 54 9.62 -26.09 18.33
C LYS K 54 8.63 -26.71 17.36
N ARG K 55 7.38 -26.45 17.57
CA ARG K 55 6.34 -26.89 16.64
C ARG K 55 6.64 -26.40 15.24
N SER K 56 7.11 -25.15 15.13
CA SER K 56 7.43 -24.56 13.85
C SER K 56 8.49 -25.36 13.10
N GLY K 57 9.36 -26.04 13.82
CA GLY K 57 10.51 -26.68 13.22
C GLY K 57 11.80 -25.97 13.53
N ASP K 58 11.72 -24.79 14.17
CA ASP K 58 12.92 -24.07 14.58
C ASP K 58 13.71 -24.92 15.55
N THR K 59 15.02 -25.01 15.32
CA THR K 59 15.87 -25.78 16.19
C THR K 59 16.86 -24.85 16.89
N ASN K 60 17.37 -25.31 18.02
CA ASN K 60 18.46 -24.64 18.71
C ASN K 60 19.32 -25.71 19.36
N TYR K 61 20.63 -25.40 19.47
CA TYR K 61 21.63 -26.36 19.90
C TYR K 61 22.54 -25.72 20.93
N ALA K 62 23.12 -26.56 21.79
CA ALA K 62 24.19 -26.08 22.65
C ALA K 62 25.43 -25.84 21.81
N ASP K 63 26.25 -24.88 22.24
CA ASP K 63 27.46 -24.54 21.49
C ASP K 63 28.37 -25.75 21.33
N SER K 64 28.50 -26.56 22.38
CA SER K 64 29.43 -27.69 22.34
C SER K 64 29.04 -28.74 21.33
N VAL K 65 27.80 -28.74 20.84
CA VAL K 65 27.35 -29.76 19.92
C VAL K 65 26.89 -29.20 18.58
N LYS K 66 26.83 -27.88 18.40
CA LYS K 66 26.47 -27.32 17.09
C LYS K 66 27.31 -27.91 16.01
N GLY K 67 26.65 -28.31 14.94
CA GLY K 67 27.33 -28.85 13.79
C GLY K 67 27.58 -30.34 13.82
N ARG K 68 27.54 -30.97 15.00
CA ARG K 68 27.69 -32.42 15.12
C ARG K 68 26.36 -33.12 15.40
N PHE K 69 25.48 -32.51 16.14
CA PHE K 69 24.22 -33.14 16.46
C PHE K 69 23.07 -32.55 15.68
N THR K 70 22.15 -33.38 15.27
CA THR K 70 20.94 -32.91 14.62
C THR K 70 19.71 -33.42 15.31
N ILE K 71 18.77 -32.53 15.55
CA ILE K 71 17.49 -32.88 16.09
C ILE K 71 16.42 -32.77 15.02
N SER K 72 15.49 -33.70 14.98
CA SER K 72 14.45 -33.67 13.96
C SER K 72 13.16 -34.25 14.55
N ARG K 73 12.09 -34.09 13.79
CA ARG K 73 10.73 -34.29 14.28
C ARG K 73 9.93 -35.04 13.24
N ASP K 74 9.47 -36.24 13.59
CA ASP K 74 8.67 -37.09 12.70
C ASP K 74 7.23 -37.07 13.19
N ASP K 75 6.38 -36.28 12.53
CA ASP K 75 5.00 -36.11 12.96
C ASP K 75 4.22 -37.42 12.88
N ALA K 76 4.46 -38.20 11.83
CA ALA K 76 3.74 -39.47 11.67
C ALA K 76 4.11 -40.44 12.78
N LYS K 77 5.39 -40.52 13.14
CA LYS K 77 5.85 -41.41 14.21
C LYS K 77 5.71 -40.81 15.60
N ASN K 78 5.26 -39.56 15.72
CA ASN K 78 5.21 -38.85 17.01
C ASN K 78 6.55 -38.96 17.73
N THR K 79 7.63 -38.81 16.99
CA THR K 79 8.95 -39.10 17.52
C THR K 79 9.91 -37.97 17.17
N VAL K 80 10.76 -37.63 18.14
CA VAL K 80 11.84 -36.67 17.94
C VAL K 80 13.14 -37.46 17.99
N PHE K 81 14.01 -37.21 17.02
CA PHE K 81 15.25 -37.94 16.86
C PHE K 81 16.43 -37.02 17.18
N LEU K 82 17.46 -37.58 17.80
CA LEU K 82 18.73 -36.88 17.99
C LEU K 82 19.83 -37.67 17.30
N GLN K 83 20.31 -37.14 16.18
CA GLN K 83 21.43 -37.74 15.45
C GLN K 83 22.73 -37.18 16.01
N MET K 84 23.57 -38.05 16.55
CA MET K 84 24.78 -37.64 17.24
C MET K 84 25.99 -38.11 16.44
N ASN K 85 26.67 -37.18 15.78
CA ASN K 85 27.82 -37.49 14.95
C ASN K 85 29.10 -36.95 15.57
N SER K 86 30.23 -37.56 15.23
CA SER K 86 31.56 -37.10 15.61
C SER K 86 31.69 -36.97 17.13
N LEU K 87 31.33 -38.04 17.83
CA LEU K 87 31.27 -38.01 19.29
C LEU K 87 32.67 -37.99 19.90
N THR K 88 32.78 -37.32 21.05
CA THR K 88 33.99 -37.29 21.86
C THR K 88 33.66 -37.75 23.26
N THR K 89 34.71 -38.07 24.03
CA THR K 89 34.48 -38.54 25.39
C THR K 89 33.76 -37.49 26.24
N GLU K 90 33.80 -36.21 25.86
CA GLU K 90 33.07 -35.18 26.57
C GLU K 90 31.57 -35.22 26.32
N ASP K 91 31.11 -36.05 25.40
CA ASP K 91 29.69 -36.23 25.17
C ASP K 91 29.11 -37.39 25.95
N THR K 92 29.92 -38.04 26.79
CA THR K 92 29.41 -39.11 27.63
C THR K 92 28.52 -38.51 28.70
N ALA K 93 27.28 -38.98 28.78
CA ALA K 93 26.31 -38.49 29.76
C ALA K 93 25.05 -39.35 29.65
N VAL K 94 24.15 -39.13 30.60
CA VAL K 94 22.80 -39.67 30.49
C VAL K 94 21.99 -38.61 29.73
N TYR K 95 21.32 -39.01 28.66
CA TYR K 95 20.57 -38.09 27.81
C TYR K 95 19.09 -38.22 28.09
N TYR K 96 18.45 -37.10 28.42
CA TYR K 96 17.04 -37.08 28.80
C TYR K 96 16.21 -36.44 27.69
N CYS K 97 15.12 -37.10 27.32
CA CYS K 97 14.12 -36.44 26.50
C CYS K 97 13.32 -35.45 27.35
N ASN K 98 13.00 -34.31 26.76
CA ASN K 98 12.31 -33.24 27.47
C ASN K 98 11.16 -32.70 26.63
N ALA K 99 10.00 -32.56 27.25
CA ALA K 99 8.83 -31.96 26.61
C ALA K 99 8.41 -30.72 27.39
N GLN K 100 8.27 -29.59 26.69
CA GLN K 100 7.77 -28.34 27.25
C GLN K 100 6.40 -28.04 26.68
N ILE K 101 5.39 -27.97 27.54
CA ILE K 101 4.03 -27.65 27.14
C ILE K 101 3.68 -26.29 27.76
N LEU K 102 3.41 -25.31 26.90
CA LEU K 102 3.08 -23.97 27.35
C LEU K 102 1.59 -23.88 27.62
N SER K 103 1.23 -23.49 28.83
CA SER K 103 -0.13 -23.13 29.19
C SER K 103 -0.18 -21.61 29.36
N TRP K 104 -1.40 -21.11 29.61
CA TRP K 104 -1.58 -19.66 29.69
C TRP K 104 -0.68 -19.05 30.75
N MET K 105 -0.55 -19.73 31.87
CA MET K 105 0.20 -19.22 32.98
C MET K 105 1.71 -19.45 32.84
N GLY K 106 2.12 -20.38 32.00
CA GLY K 106 3.52 -20.73 31.86
C GLY K 106 3.67 -22.17 31.42
N GLY K 107 4.95 -22.54 31.20
CA GLY K 107 5.25 -23.87 30.70
C GLY K 107 5.40 -24.90 31.80
N THR K 108 5.20 -26.17 31.40
CA THR K 108 5.41 -27.34 32.25
C THR K 108 6.42 -28.27 31.59
N ASP K 109 7.37 -28.77 32.39
CA ASP K 109 8.37 -29.71 31.93
C ASP K 109 7.90 -31.14 32.13
N TYR K 110 8.20 -31.99 31.16
CA TYR K 110 8.06 -33.43 31.29
C TYR K 110 9.37 -34.07 30.85
N TRP K 111 9.75 -35.16 31.51
CA TRP K 111 11.05 -35.79 31.31
C TRP K 111 10.91 -37.27 31.02
N GLY K 112 11.85 -37.80 30.21
CA GLY K 112 11.96 -39.23 30.00
C GLY K 112 12.79 -39.88 31.10
N GLN K 113 12.98 -41.20 30.98
CA GLN K 113 13.74 -41.92 32.00
C GLN K 113 15.25 -41.65 31.91
N GLY K 114 15.73 -41.24 30.74
CA GLY K 114 17.14 -40.99 30.51
C GLY K 114 17.76 -42.18 29.83
N THR K 115 18.69 -41.95 28.91
CA THR K 115 19.41 -43.02 28.23
C THR K 115 20.90 -42.72 28.27
N GLN K 116 21.69 -43.75 28.60
CA GLN K 116 23.12 -43.58 28.78
C GLN K 116 23.84 -43.60 27.45
N VAL K 117 24.72 -42.62 27.23
CA VAL K 117 25.62 -42.59 26.09
C VAL K 117 27.05 -42.56 26.64
N THR K 118 27.84 -43.57 26.27
CA THR K 118 29.24 -43.67 26.70
C THR K 118 30.12 -43.72 25.45
N VAL K 119 31.10 -42.83 25.41
CA VAL K 119 32.03 -42.74 24.30
C VAL K 119 33.38 -43.23 24.81
N SER K 120 33.85 -44.33 24.26
CA SER K 120 35.08 -44.96 24.67
C SER K 120 35.74 -45.76 23.56
N MET L 1 13.89 8.11 46.89
CA MET L 1 13.33 9.16 46.05
C MET L 1 11.99 8.72 45.45
N ALA L 2 10.90 9.30 45.95
CA ALA L 2 9.59 8.99 45.42
C ALA L 2 9.41 9.70 44.07
N GLN L 3 8.89 8.97 43.09
CA GLN L 3 8.83 9.47 41.74
C GLN L 3 7.69 10.47 41.53
N VAL L 4 6.77 10.58 42.51
CA VAL L 4 5.75 11.62 42.49
C VAL L 4 5.34 11.91 43.92
N LYS L 5 4.99 13.17 44.17
CA LYS L 5 4.35 13.61 45.41
C LYS L 5 2.99 14.20 45.07
N LEU L 6 1.98 13.82 45.84
CA LEU L 6 0.60 14.19 45.59
C LEU L 6 0.09 15.11 46.69
N GLN L 7 -0.68 16.13 46.30
CA GLN L 7 -1.21 17.11 47.24
C GLN L 7 -2.71 17.30 47.01
N GLU L 8 -3.50 16.93 48.01
CA GLU L 8 -4.95 17.12 47.95
C GLU L 8 -5.30 18.54 48.38
N SER L 9 -6.39 19.06 47.79
CA SER L 9 -6.96 20.32 48.21
C SER L 9 -7.67 20.15 49.54
N GLY L 10 -8.32 21.21 50.01
CA GLY L 10 -9.16 21.10 51.17
C GLY L 10 -10.52 20.50 50.83
N GLY L 11 -11.08 19.79 51.80
CA GLY L 11 -12.44 19.31 51.65
C GLY L 11 -13.39 20.26 52.35
N GLY L 12 -13.81 19.88 53.54
CA GLY L 12 -14.61 20.71 54.42
C GLY L 12 -15.94 20.07 54.76
N LEU L 13 -16.83 20.90 55.29
CA LEU L 13 -18.11 20.45 55.82
C LEU L 13 -19.26 20.89 54.93
N VAL L 14 -20.14 19.96 54.64
CA VAL L 14 -21.29 20.24 53.82
C VAL L 14 -22.48 19.41 54.30
N GLN L 15 -23.67 19.98 54.13
CA GLN L 15 -24.90 19.39 54.58
C GLN L 15 -25.44 18.44 53.52
N PRO L 16 -26.24 17.45 53.89
CA PRO L 16 -26.71 16.53 52.87
C PRO L 16 -27.39 17.22 51.69
N GLY L 17 -27.22 16.62 50.53
CA GLY L 17 -27.67 17.18 49.28
C GLY L 17 -26.73 18.18 48.65
N GLY L 18 -25.73 18.66 49.40
CA GLY L 18 -24.80 19.65 48.89
C GLY L 18 -23.71 19.07 48.01
N SER L 19 -22.79 19.93 47.60
CA SER L 19 -21.74 19.56 46.66
C SER L 19 -20.39 20.10 47.12
N LEU L 20 -19.33 19.43 46.65
CA LEU L 20 -17.96 19.85 46.89
C LEU L 20 -17.10 19.39 45.73
N ARG L 21 -16.04 20.14 45.44
CA ARG L 21 -15.06 19.79 44.43
C ARG L 21 -13.69 19.63 45.06
N LEU L 22 -13.15 18.41 45.01
CA LEU L 22 -11.79 18.15 45.45
C LEU L 22 -10.81 18.28 44.29
N SER L 23 -9.56 18.60 44.61
CA SER L 23 -8.52 18.79 43.61
C SER L 23 -7.25 18.11 44.11
N CYS L 24 -6.44 17.62 43.16
CA CYS L 24 -5.17 16.97 43.43
C CYS L 24 -4.11 17.30 42.39
N ALA L 25 -2.97 17.83 42.83
CA ALA L 25 -1.83 18.14 41.97
C ALA L 25 -0.69 17.15 42.16
N SER L 26 0.05 16.90 41.09
CA SER L 26 1.18 15.97 41.08
C SER L 26 2.48 16.77 40.89
N SER L 27 3.55 16.29 41.53
CA SER L 27 4.84 16.97 41.43
C SER L 27 5.49 16.81 40.06
N VAL L 28 5.05 15.82 39.29
CA VAL L 28 5.47 15.63 37.90
C VAL L 28 4.23 15.90 37.05
N PRO L 29 4.37 16.17 35.75
CA PRO L 29 3.18 16.35 34.91
C PRO L 29 2.24 15.16 35.01
N ILE L 30 0.94 15.45 35.12
CA ILE L 30 -0.04 14.41 35.40
C ILE L 30 -0.12 13.38 34.27
N PHE L 31 0.36 13.72 33.07
CA PHE L 31 0.36 12.74 32.00
C PHE L 31 1.42 11.67 32.21
N ALA L 32 2.41 11.92 33.07
CA ALA L 32 3.34 10.87 33.44
C ALA L 32 2.71 9.83 34.34
N ILE L 33 1.47 10.02 34.75
CA ILE L 33 0.79 9.10 35.67
C ILE L 33 -0.21 8.28 34.87
N THR L 34 -0.09 6.96 34.95
CA THR L 34 -0.93 6.09 34.16
C THR L 34 -2.39 6.25 34.57
N VAL L 35 -2.67 6.16 35.86
CA VAL L 35 -4.01 6.34 36.39
C VAL L 35 -3.94 7.29 37.60
N MET L 36 -4.75 8.34 37.56
CA MET L 36 -4.99 9.17 38.73
C MET L 36 -6.36 8.80 39.29
N GLY L 37 -6.43 8.66 40.62
CA GLY L 37 -7.65 8.19 41.22
C GLY L 37 -7.89 8.77 42.60
N TRP L 38 -9.15 8.64 43.03
CA TRP L 38 -9.56 9.04 44.36
C TRP L 38 -10.03 7.81 45.10
N TYR L 39 -9.51 7.61 46.30
CA TYR L 39 -10.00 6.59 47.21
C TYR L 39 -10.52 7.31 48.45
N ARG L 40 -11.35 6.61 49.21
CA ARG L 40 -11.84 7.17 50.45
C ARG L 40 -11.93 6.05 51.49
N GLN L 41 -11.73 6.42 52.75
CA GLN L 41 -11.86 5.47 53.85
C GLN L 41 -12.40 6.20 55.07
N ALA L 42 -13.47 5.67 55.62
CA ALA L 42 -14.09 6.15 56.83
C ALA L 42 -13.72 5.26 58.03
N PRO L 43 -13.82 5.80 59.24
CA PRO L 43 -13.35 5.07 60.42
C PRO L 43 -14.11 3.76 60.60
N GLY L 44 -13.35 2.68 60.80
CA GLY L 44 -13.95 1.38 60.99
C GLY L 44 -14.44 0.70 59.73
N LYS L 45 -14.09 1.27 58.58
CA LYS L 45 -14.50 0.74 57.29
C LYS L 45 -13.31 0.43 56.40
N GLN L 46 -13.57 -0.21 55.29
CA GLN L 46 -12.54 -0.50 54.31
C GLN L 46 -12.38 0.66 53.32
N ARG L 47 -11.13 0.90 52.93
CA ARG L 47 -10.80 1.80 51.82
C ARG L 47 -11.54 1.36 50.56
N GLU L 48 -12.21 2.30 49.90
CA GLU L 48 -12.88 2.00 48.63
C GLU L 48 -12.44 2.97 47.56
N LEU L 49 -12.45 2.47 46.33
CA LEU L 49 -12.19 3.31 45.18
C LEU L 49 -13.40 4.21 44.93
N VAL L 50 -13.14 5.48 44.66
CA VAL L 50 -14.18 6.43 44.33
C VAL L 50 -14.24 6.66 42.83
N ALA L 51 -13.10 7.02 42.23
CA ALA L 51 -13.03 7.27 40.80
C ALA L 51 -11.59 7.11 40.35
N GLY L 52 -11.41 6.79 39.07
CA GLY L 52 -10.10 6.74 38.47
C GLY L 52 -10.18 7.27 37.05
N ILE L 53 -9.06 7.81 36.57
CA ILE L 53 -8.99 8.33 35.21
C ILE L 53 -7.63 8.01 34.61
N LYS L 54 -7.63 7.43 33.42
CA LYS L 54 -6.44 7.05 32.65
C LYS L 54 -5.95 8.23 31.82
N ARG L 55 -4.75 8.10 31.25
CA ARG L 55 -4.23 9.13 30.35
C ARG L 55 -5.14 9.32 29.13
N SER L 56 -5.76 8.25 28.63
CA SER L 56 -6.69 8.41 27.52
C SER L 56 -7.85 9.33 27.89
N GLY L 57 -8.19 9.40 29.17
CA GLY L 57 -9.34 10.13 29.66
C GLY L 57 -10.48 9.25 30.10
N ASP L 58 -10.39 7.95 29.85
CA ASP L 58 -11.43 7.04 30.29
C ASP L 58 -11.57 7.10 31.80
N THR L 59 -12.80 7.14 32.26
CA THR L 59 -13.10 7.23 33.68
C THR L 59 -13.72 5.93 34.15
N ASN L 60 -13.61 5.69 35.44
CA ASN L 60 -14.33 4.59 36.07
C ASN L 60 -14.70 5.03 37.47
N TYR L 61 -15.85 4.56 37.94
CA TYR L 61 -16.44 5.02 39.18
C TYR L 61 -16.90 3.83 40.00
N ALA L 62 -16.96 4.02 41.31
CA ALA L 62 -17.62 3.05 42.16
C ALA L 62 -19.12 3.11 41.94
N ASP L 63 -19.79 1.97 42.12
CA ASP L 63 -21.23 1.93 41.93
C ASP L 63 -21.94 2.91 42.85
N SER L 64 -21.49 3.00 44.11
CA SER L 64 -22.16 3.84 45.09
C SER L 64 -22.08 5.32 44.75
N VAL L 65 -21.20 5.72 43.83
CA VAL L 65 -21.03 7.13 43.48
C VAL L 65 -21.23 7.40 42.00
N LYS L 66 -21.43 6.37 41.17
CA LYS L 66 -21.70 6.55 39.75
C LYS L 66 -22.86 7.51 39.53
N GLY L 67 -22.66 8.51 38.68
CA GLY L 67 -23.67 9.48 38.36
C GLY L 67 -23.69 10.71 39.25
N ARG L 68 -23.09 10.66 40.43
CA ARG L 68 -23.01 11.81 41.31
C ARG L 68 -21.62 12.44 41.34
N PHE L 69 -20.58 11.61 41.21
CA PHE L 69 -19.21 12.14 41.23
C PHE L 69 -18.65 12.17 39.81
N THR L 70 -17.77 13.12 39.56
CA THR L 70 -17.15 13.26 38.24
C THR L 70 -15.67 13.55 38.43
N ILE L 71 -14.81 12.73 37.84
CA ILE L 71 -13.36 12.90 37.87
C ILE L 71 -12.91 13.49 36.54
N SER L 72 -11.95 14.40 36.57
CA SER L 72 -11.49 15.05 35.36
C SER L 72 -10.01 15.41 35.49
N ARG L 73 -9.36 15.57 34.33
CA ARG L 73 -7.96 15.96 34.22
C ARG L 73 -7.85 17.35 33.62
N ASP L 74 -6.96 18.16 34.14
CA ASP L 74 -6.61 19.45 33.53
C ASP L 74 -5.09 19.48 33.42
N ASP L 75 -4.60 19.15 32.22
CA ASP L 75 -3.15 19.07 32.00
C ASP L 75 -2.50 20.44 32.12
N ALA L 76 -3.18 21.49 31.66
CA ALA L 76 -2.60 22.83 31.76
C ALA L 76 -2.43 23.26 33.21
N LYS L 77 -3.40 22.93 34.06
CA LYS L 77 -3.30 23.26 35.47
C LYS L 77 -2.65 22.14 36.29
N ASN L 78 -2.25 21.04 35.65
CA ASN L 78 -1.61 19.90 36.34
C ASN L 78 -2.42 19.41 37.53
N THR L 79 -3.73 19.32 37.35
CA THR L 79 -4.63 19.04 38.46
C THR L 79 -5.66 18.02 38.04
N VAL L 80 -6.00 17.12 38.94
CA VAL L 80 -7.13 16.20 38.79
C VAL L 80 -8.22 16.66 39.75
N PHE L 81 -9.44 16.78 39.23
CA PHE L 81 -10.57 17.30 39.99
C PHE L 81 -11.58 16.19 40.24
N LEU L 82 -12.21 16.20 41.42
CA LEU L 82 -13.34 15.34 41.72
C LEU L 82 -14.54 16.19 42.10
N GLN L 83 -15.54 16.26 41.22
CA GLN L 83 -16.77 16.98 41.50
C GLN L 83 -17.76 16.04 42.18
N MET L 84 -18.15 16.36 43.41
CA MET L 84 -19.00 15.49 44.23
C MET L 84 -20.36 16.15 44.44
N ASN L 85 -21.38 15.61 43.78
CA ASN L 85 -22.74 16.13 43.86
C ASN L 85 -23.65 15.19 44.62
N SER L 86 -24.73 15.76 45.18
CA SER L 86 -25.78 15.00 45.86
C SER L 86 -25.21 14.20 47.03
N LEU L 87 -24.50 14.90 47.92
CA LEU L 87 -23.78 14.24 49.00
C LEU L 87 -24.74 13.69 50.04
N THR L 88 -24.32 12.59 50.68
CA THR L 88 -25.08 11.99 51.75
C THR L 88 -24.13 11.69 52.87
N THR L 89 -24.63 11.45 54.05
CA THR L 89 -23.77 11.21 55.19
C THR L 89 -22.85 10.02 54.94
N GLU L 90 -23.23 9.16 53.98
CA GLU L 90 -22.43 8.00 53.61
C GLU L 90 -21.20 8.39 52.79
N ASP L 91 -21.05 9.65 52.42
CA ASP L 91 -19.86 10.13 51.74
C ASP L 91 -18.84 10.75 52.72
N THR L 92 -19.12 10.69 54.01
CA THR L 92 -18.19 11.21 55.00
C THR L 92 -16.98 10.27 55.06
N ALA L 93 -15.79 10.81 54.80
CA ALA L 93 -14.58 10.00 54.81
C ALA L 93 -13.37 10.90 54.57
N VAL L 94 -12.19 10.31 54.71
CA VAL L 94 -10.95 10.92 54.27
C VAL L 94 -10.78 10.56 52.80
N TYR L 95 -10.57 11.55 51.96
CA TYR L 95 -10.41 11.31 50.52
C TYR L 95 -8.93 11.40 50.16
N TYR L 96 -8.42 10.34 49.56
CA TYR L 96 -7.02 10.22 49.21
C TYR L 96 -6.83 10.35 47.71
N CYS L 97 -5.90 11.20 47.31
CA CYS L 97 -5.42 11.20 45.94
C CYS L 97 -4.48 10.03 45.73
N ASN L 98 -4.60 9.38 44.58
CA ASN L 98 -3.82 8.19 44.27
C ASN L 98 -3.26 8.30 42.87
N ALA L 99 -1.96 8.05 42.73
CA ALA L 99 -1.30 8.01 41.44
C ALA L 99 -0.77 6.61 41.19
N GLN L 100 -1.14 6.02 40.06
CA GLN L 100 -0.62 4.73 39.65
C GLN L 100 0.26 4.94 38.43
N ILE L 101 1.55 4.61 38.57
CA ILE L 101 2.51 4.73 37.48
C ILE L 101 2.92 3.32 37.08
N LEU L 102 2.67 2.97 35.81
CA LEU L 102 3.00 1.64 35.31
C LEU L 102 4.44 1.61 34.81
N SER L 103 5.21 0.66 35.32
CA SER L 103 6.52 0.31 34.79
C SER L 103 6.43 -1.03 34.09
N TRP L 104 7.54 -1.41 33.45
CA TRP L 104 7.53 -2.64 32.64
C TRP L 104 7.11 -3.85 33.47
N MET L 105 7.59 -3.95 34.71
CA MET L 105 7.23 -5.09 35.56
C MET L 105 5.88 -4.91 36.25
N GLY L 106 5.32 -3.72 36.26
CA GLY L 106 4.08 -3.48 36.96
C GLY L 106 3.97 -2.06 37.43
N GLY L 107 2.84 -1.76 38.07
CA GLY L 107 2.55 -0.43 38.53
C GLY L 107 3.06 -0.16 39.94
N THR L 108 3.21 1.13 40.25
CA THR L 108 3.55 1.59 41.58
C THR L 108 2.48 2.54 42.07
N ASP L 109 2.04 2.34 43.30
CA ASP L 109 1.05 3.22 43.92
C ASP L 109 1.74 4.35 44.67
N TYR L 110 1.18 5.54 44.53
CA TYR L 110 1.55 6.70 45.32
C TYR L 110 0.30 7.31 45.91
N TRP L 111 0.39 7.79 47.13
CA TRP L 111 -0.78 8.28 47.85
C TRP L 111 -0.54 9.69 48.36
N GLY L 112 -1.61 10.46 48.39
CA GLY L 112 -1.56 11.73 49.10
C GLY L 112 -1.87 11.51 50.57
N GLN L 113 -1.81 12.56 51.33
CA GLN L 113 -2.07 12.45 52.75
C GLN L 113 -3.54 12.42 53.07
N GLY L 114 -4.37 12.89 52.16
CA GLY L 114 -5.79 12.79 52.38
C GLY L 114 -6.40 14.08 52.89
N THR L 115 -7.65 14.32 52.51
CA THR L 115 -8.41 15.47 52.97
C THR L 115 -9.75 14.99 53.52
N GLN L 116 -10.14 15.55 54.66
CA GLN L 116 -11.37 15.11 55.31
C GLN L 116 -12.57 15.76 54.64
N VAL L 117 -13.57 14.94 54.33
CA VAL L 117 -14.86 15.40 53.85
C VAL L 117 -15.92 14.89 54.81
N THR L 118 -16.69 15.79 55.40
CA THR L 118 -17.73 15.43 56.36
C THR L 118 -19.08 15.93 55.86
N VAL L 119 -20.05 15.02 55.81
CA VAL L 119 -21.41 15.33 55.40
C VAL L 119 -22.30 15.18 56.62
N SER L 120 -22.87 16.30 57.02
CA SER L 120 -23.58 16.44 58.26
C SER L 120 -25.02 16.82 58.07
#